data_4M3E
# 
_entry.id   4M3E 
# 
_audit_conform.dict_name       mmcif_pdbx.dic 
_audit_conform.dict_version    5.387 
_audit_conform.dict_location   http://mmcif.pdb.org/dictionaries/ascii/mmcif_pdbx.dic 
# 
loop_
_database_2.database_id 
_database_2.database_code 
_database_2.pdbx_database_accession 
_database_2.pdbx_DOI 
PDB   4M3E         pdb_00004m3e 10.2210/pdb4m3e/pdb 
RCSB  RCSB081415   ?            ?                   
WWPDB D_1000081415 ?            ?                   
# 
loop_
_pdbx_audit_revision_history.ordinal 
_pdbx_audit_revision_history.data_content_type 
_pdbx_audit_revision_history.major_revision 
_pdbx_audit_revision_history.minor_revision 
_pdbx_audit_revision_history.revision_date 
1 'Structure model' 1 0 2014-06-25 
2 'Structure model' 1 1 2024-02-28 
# 
_pdbx_audit_revision_details.ordinal             1 
_pdbx_audit_revision_details.revision_ordinal    1 
_pdbx_audit_revision_details.data_content_type   'Structure model' 
_pdbx_audit_revision_details.provider            repository 
_pdbx_audit_revision_details.type                'Initial release' 
_pdbx_audit_revision_details.description         ? 
_pdbx_audit_revision_details.details             ? 
# 
loop_
_pdbx_audit_revision_group.ordinal 
_pdbx_audit_revision_group.revision_ordinal 
_pdbx_audit_revision_group.data_content_type 
_pdbx_audit_revision_group.group 
1 2 'Structure model' 'Data collection'      
2 2 'Structure model' 'Database references'  
3 2 'Structure model' 'Derived calculations' 
# 
loop_
_pdbx_audit_revision_category.ordinal 
_pdbx_audit_revision_category.revision_ordinal 
_pdbx_audit_revision_category.data_content_type 
_pdbx_audit_revision_category.category 
1 2 'Structure model' chem_comp_atom 
2 2 'Structure model' chem_comp_bond 
3 2 'Structure model' database_2     
4 2 'Structure model' struct_site    
# 
loop_
_pdbx_audit_revision_item.ordinal 
_pdbx_audit_revision_item.revision_ordinal 
_pdbx_audit_revision_item.data_content_type 
_pdbx_audit_revision_item.item 
1 2 'Structure model' '_database_2.pdbx_DOI'                
2 2 'Structure model' '_database_2.pdbx_database_accession' 
3 2 'Structure model' '_struct_site.pdbx_auth_asym_id'      
4 2 'Structure model' '_struct_site.pdbx_auth_comp_id'      
5 2 'Structure model' '_struct_site.pdbx_auth_seq_id'       
# 
_pdbx_database_status.entry_id                        4M3E 
_pdbx_database_status.deposit_site                    RCSB 
_pdbx_database_status.process_site                    RCSB 
_pdbx_database_status.recvd_initial_deposition_date   2013-08-06 
_pdbx_database_status.status_code                     REL 
_pdbx_database_status.status_code_sf                  REL 
_pdbx_database_status.status_code_mr                  ? 
_pdbx_database_status.SG_entry                        ? 
_pdbx_database_status.status_code_cs                  ? 
_pdbx_database_status.methods_development_category    ? 
_pdbx_database_status.pdb_format_compatible           Y 
_pdbx_database_status.status_code_nmr_data            ? 
# 
loop_
_pdbx_database_related.db_name 
_pdbx_database_related.db_id 
_pdbx_database_related.details 
_pdbx_database_related.content_type 
PDB 4M3B . unspecified 
PDB 4M3D . unspecified 
PDB 4M3F . unspecified 
PDB 4M3G . unspecified 
# 
loop_
_audit_author.name 
_audit_author.pdbx_ordinal 
'Villemagne, B.'  1  
'Flipo, M.'       2  
'Blondiaux, N.'   3  
'Crauste, C.'     4  
'Malaquin, S.'    5  
'Leroux, F.'      6  
'Piveteau, C.'    7  
'Villeret, V.'    8  
'Brodin, P.'      9  
'Villoutreix, B.' 10 
'Sperandio, O.'   11 
'Wohlkonig, A.'   12 
'Wintjens, R.'    13 
'Deprez, B.'      14 
'Baulard, A.'     15 
'Willand, N.'     16 
# 
_citation.id                        primary 
_citation.title                     
;Ligand Efficiency Driven Design of New Inhibitors of Mycobacterium tuberculosis Transcriptional Repressor EthR Using Fragment Growing, Merging, and Linking Approaches.
;
_citation.journal_abbrev            J.Med.Chem. 
_citation.journal_volume            57 
_citation.page_first                4876 
_citation.page_last                 4888 
_citation.year                      2014 
_citation.journal_id_ASTM           JMCMAR 
_citation.country                   US 
_citation.journal_id_ISSN           0022-2623 
_citation.journal_id_CSD            0151 
_citation.book_publisher            ? 
_citation.pdbx_database_id_PubMed   24818704 
_citation.pdbx_database_id_DOI      10.1021/jm500422b 
# 
loop_
_citation_author.citation_id 
_citation_author.name 
_citation_author.ordinal 
_citation_author.identifier_ORCID 
primary 'Villemagne, B.'    1  ? 
primary 'Flipo, M.'         2  ? 
primary 'Blondiaux, N.'     3  ? 
primary 'Crauste, C.'       4  ? 
primary 'Malaquin, S.'      5  ? 
primary 'Leroux, F.'        6  ? 
primary 'Piveteau, C.'      7  ? 
primary 'Villeret, V.'      8  ? 
primary 'Brodin, P.'        9  ? 
primary 'Villoutreix, B.O.' 10 ? 
primary 'Sperandio, O.'     11 ? 
primary 'Soror, S.H.'       12 ? 
primary 'Wohlkonig, A.'     13 ? 
primary 'Wintjens, R.'      14 ? 
primary 'Deprez, B.'        15 ? 
primary 'Baulard, A.R.'     16 ? 
primary 'Willand, N.'       17 ? 
# 
loop_
_entity.id 
_entity.type 
_entity.src_method 
_entity.pdbx_description 
_entity.formula_weight 
_entity.pdbx_number_of_molecules 
_entity.pdbx_ec 
_entity.pdbx_mutation 
_entity.pdbx_fragment 
_entity.details 
1 polymer     man 'HTH-type transcriptional regulator EthR'                                                   23781.705 1 ? ? ? ? 
2 non-polymer syn '4-(2-{[(propylsulfonyl)amino]methyl}-1,3-thiazol-4-yl)-N-(3,3,3-trifluoropropyl)benzamide' 435.484   1 ? ? ? ? 
3 water       nat water                                                                                       18.015    5 ? ? ? ? 
# 
_entity_name_com.entity_id   1 
_entity_name_com.name        'transcriptional regulatory repressor protein (TETR-family)' 
# 
_entity_poly.entity_id                      1 
_entity_poly.type                           'polypeptide(L)' 
_entity_poly.nstd_linkage                   no 
_entity_poly.nstd_monomer                   no 
_entity_poly.pdbx_seq_one_letter_code       
;MTTSAASQASLPRGRRTARPSGDDRELAILATAENLLEDRPLADISVDDLAKGAGISRPTFYFYFPSKEAVLLTLLDRVV
NQADMALQTLAENPADTDRENMWRTGINVFFETFGSHKAVTRAGQAARATSVEVAELWSTFMQKWIAYTAAVIDAERDRG
AAPRTLPAHELATALNLMNERTLFASFAGEQPSVPEARVLDTLVHIWVTSIYGENR
;
_entity_poly.pdbx_seq_one_letter_code_can   
;MTTSAASQASLPRGRRTARPSGDDRELAILATAENLLEDRPLADISVDDLAKGAGISRPTFYFYFPSKEAVLLTLLDRVV
NQADMALQTLAENPADTDRENMWRTGINVFFETFGSHKAVTRAGQAARATSVEVAELWSTFMQKWIAYTAAVIDAERDRG
AAPRTLPAHELATALNLMNERTLFASFAGEQPSVPEARVLDTLVHIWVTSIYGENR
;
_entity_poly.pdbx_strand_id                 A 
_entity_poly.pdbx_target_identifier         ? 
# 
loop_
_pdbx_entity_nonpoly.entity_id 
_pdbx_entity_nonpoly.name 
_pdbx_entity_nonpoly.comp_id 
2 '4-(2-{[(propylsulfonyl)amino]methyl}-1,3-thiazol-4-yl)-N-(3,3,3-trifluoropropyl)benzamide' 2B3 
3 water                                                                                       HOH 
# 
loop_
_entity_poly_seq.entity_id 
_entity_poly_seq.num 
_entity_poly_seq.mon_id 
_entity_poly_seq.hetero 
1 1   MET n 
1 2   THR n 
1 3   THR n 
1 4   SER n 
1 5   ALA n 
1 6   ALA n 
1 7   SER n 
1 8   GLN n 
1 9   ALA n 
1 10  SER n 
1 11  LEU n 
1 12  PRO n 
1 13  ARG n 
1 14  GLY n 
1 15  ARG n 
1 16  ARG n 
1 17  THR n 
1 18  ALA n 
1 19  ARG n 
1 20  PRO n 
1 21  SER n 
1 22  GLY n 
1 23  ASP n 
1 24  ASP n 
1 25  ARG n 
1 26  GLU n 
1 27  LEU n 
1 28  ALA n 
1 29  ILE n 
1 30  LEU n 
1 31  ALA n 
1 32  THR n 
1 33  ALA n 
1 34  GLU n 
1 35  ASN n 
1 36  LEU n 
1 37  LEU n 
1 38  GLU n 
1 39  ASP n 
1 40  ARG n 
1 41  PRO n 
1 42  LEU n 
1 43  ALA n 
1 44  ASP n 
1 45  ILE n 
1 46  SER n 
1 47  VAL n 
1 48  ASP n 
1 49  ASP n 
1 50  LEU n 
1 51  ALA n 
1 52  LYS n 
1 53  GLY n 
1 54  ALA n 
1 55  GLY n 
1 56  ILE n 
1 57  SER n 
1 58  ARG n 
1 59  PRO n 
1 60  THR n 
1 61  PHE n 
1 62  TYR n 
1 63  PHE n 
1 64  TYR n 
1 65  PHE n 
1 66  PRO n 
1 67  SER n 
1 68  LYS n 
1 69  GLU n 
1 70  ALA n 
1 71  VAL n 
1 72  LEU n 
1 73  LEU n 
1 74  THR n 
1 75  LEU n 
1 76  LEU n 
1 77  ASP n 
1 78  ARG n 
1 79  VAL n 
1 80  VAL n 
1 81  ASN n 
1 82  GLN n 
1 83  ALA n 
1 84  ASP n 
1 85  MET n 
1 86  ALA n 
1 87  LEU n 
1 88  GLN n 
1 89  THR n 
1 90  LEU n 
1 91  ALA n 
1 92  GLU n 
1 93  ASN n 
1 94  PRO n 
1 95  ALA n 
1 96  ASP n 
1 97  THR n 
1 98  ASP n 
1 99  ARG n 
1 100 GLU n 
1 101 ASN n 
1 102 MET n 
1 103 TRP n 
1 104 ARG n 
1 105 THR n 
1 106 GLY n 
1 107 ILE n 
1 108 ASN n 
1 109 VAL n 
1 110 PHE n 
1 111 PHE n 
1 112 GLU n 
1 113 THR n 
1 114 PHE n 
1 115 GLY n 
1 116 SER n 
1 117 HIS n 
1 118 LYS n 
1 119 ALA n 
1 120 VAL n 
1 121 THR n 
1 122 ARG n 
1 123 ALA n 
1 124 GLY n 
1 125 GLN n 
1 126 ALA n 
1 127 ALA n 
1 128 ARG n 
1 129 ALA n 
1 130 THR n 
1 131 SER n 
1 132 VAL n 
1 133 GLU n 
1 134 VAL n 
1 135 ALA n 
1 136 GLU n 
1 137 LEU n 
1 138 TRP n 
1 139 SER n 
1 140 THR n 
1 141 PHE n 
1 142 MET n 
1 143 GLN n 
1 144 LYS n 
1 145 TRP n 
1 146 ILE n 
1 147 ALA n 
1 148 TYR n 
1 149 THR n 
1 150 ALA n 
1 151 ALA n 
1 152 VAL n 
1 153 ILE n 
1 154 ASP n 
1 155 ALA n 
1 156 GLU n 
1 157 ARG n 
1 158 ASP n 
1 159 ARG n 
1 160 GLY n 
1 161 ALA n 
1 162 ALA n 
1 163 PRO n 
1 164 ARG n 
1 165 THR n 
1 166 LEU n 
1 167 PRO n 
1 168 ALA n 
1 169 HIS n 
1 170 GLU n 
1 171 LEU n 
1 172 ALA n 
1 173 THR n 
1 174 ALA n 
1 175 LEU n 
1 176 ASN n 
1 177 LEU n 
1 178 MET n 
1 179 ASN n 
1 180 GLU n 
1 181 ARG n 
1 182 THR n 
1 183 LEU n 
1 184 PHE n 
1 185 ALA n 
1 186 SER n 
1 187 PHE n 
1 188 ALA n 
1 189 GLY n 
1 190 GLU n 
1 191 GLN n 
1 192 PRO n 
1 193 SER n 
1 194 VAL n 
1 195 PRO n 
1 196 GLU n 
1 197 ALA n 
1 198 ARG n 
1 199 VAL n 
1 200 LEU n 
1 201 ASP n 
1 202 THR n 
1 203 LEU n 
1 204 VAL n 
1 205 HIS n 
1 206 ILE n 
1 207 TRP n 
1 208 VAL n 
1 209 THR n 
1 210 SER n 
1 211 ILE n 
1 212 TYR n 
1 213 GLY n 
1 214 GLU n 
1 215 ASN n 
1 216 ARG n 
# 
_entity_src_gen.entity_id                          1 
_entity_src_gen.pdbx_src_id                        1 
_entity_src_gen.pdbx_alt_source_flag               sample 
_entity_src_gen.pdbx_seq_type                      ? 
_entity_src_gen.pdbx_beg_seq_num                   ? 
_entity_src_gen.pdbx_end_seq_num                   ? 
_entity_src_gen.gene_src_common_name               ? 
_entity_src_gen.gene_src_genus                     ? 
_entity_src_gen.pdbx_gene_src_gene                 'etaR, ethR, MT3970, Rv3855' 
_entity_src_gen.gene_src_species                   ? 
_entity_src_gen.gene_src_strain                    H37RV 
_entity_src_gen.gene_src_tissue                    ? 
_entity_src_gen.gene_src_tissue_fraction           ? 
_entity_src_gen.gene_src_details                   ? 
_entity_src_gen.pdbx_gene_src_fragment             ? 
_entity_src_gen.pdbx_gene_src_scientific_name      'Mycobacterium tuberculosis' 
_entity_src_gen.pdbx_gene_src_ncbi_taxonomy_id     83332 
_entity_src_gen.pdbx_gene_src_variant              ? 
_entity_src_gen.pdbx_gene_src_cell_line            ? 
_entity_src_gen.pdbx_gene_src_atcc                 ? 
_entity_src_gen.pdbx_gene_src_organ                ? 
_entity_src_gen.pdbx_gene_src_organelle            ? 
_entity_src_gen.pdbx_gene_src_cell                 ? 
_entity_src_gen.pdbx_gene_src_cellular_location    ? 
_entity_src_gen.host_org_common_name               ? 
_entity_src_gen.pdbx_host_org_scientific_name      'Escherichia coli' 
_entity_src_gen.pdbx_host_org_ncbi_taxonomy_id     511693 
_entity_src_gen.host_org_genus                     ? 
_entity_src_gen.pdbx_host_org_gene                 ? 
_entity_src_gen.pdbx_host_org_organ                ? 
_entity_src_gen.host_org_species                   ? 
_entity_src_gen.pdbx_host_org_tissue               ? 
_entity_src_gen.pdbx_host_org_tissue_fraction      ? 
_entity_src_gen.pdbx_host_org_strain               BL21 
_entity_src_gen.pdbx_host_org_variant              ? 
_entity_src_gen.pdbx_host_org_cell_line            ? 
_entity_src_gen.pdbx_host_org_atcc                 ? 
_entity_src_gen.pdbx_host_org_culture_collection   ? 
_entity_src_gen.pdbx_host_org_cell                 ? 
_entity_src_gen.pdbx_host_org_organelle            ? 
_entity_src_gen.pdbx_host_org_cellular_location    ? 
_entity_src_gen.pdbx_host_org_vector_type          ? 
_entity_src_gen.pdbx_host_org_vector               ? 
_entity_src_gen.host_org_details                   ? 
_entity_src_gen.expression_system_id               ? 
_entity_src_gen.plasmid_name                       ? 
_entity_src_gen.plasmid_details                    ? 
_entity_src_gen.pdbx_description                   ? 
# 
loop_
_chem_comp.id 
_chem_comp.type 
_chem_comp.mon_nstd_flag 
_chem_comp.name 
_chem_comp.pdbx_synonyms 
_chem_comp.formula 
_chem_comp.formula_weight 
2B3 non-polymer         . '4-(2-{[(propylsulfonyl)amino]methyl}-1,3-thiazol-4-yl)-N-(3,3,3-trifluoropropyl)benzamide' ? 
'C17 H20 F3 N3 O3 S2' 435.484 
ALA 'L-peptide linking' y ALANINE                                                                                     ? 
'C3 H7 N O2'          89.093  
ARG 'L-peptide linking' y ARGININE                                                                                    ? 
'C6 H15 N4 O2 1'      175.209 
ASN 'L-peptide linking' y ASPARAGINE                                                                                  ? 
'C4 H8 N2 O3'         132.118 
ASP 'L-peptide linking' y 'ASPARTIC ACID'                                                                             ? 
'C4 H7 N O4'          133.103 
GLN 'L-peptide linking' y GLUTAMINE                                                                                   ? 
'C5 H10 N2 O3'        146.144 
GLU 'L-peptide linking' y 'GLUTAMIC ACID'                                                                             ? 
'C5 H9 N O4'          147.129 
GLY 'peptide linking'   y GLYCINE                                                                                     ? 
'C2 H5 N O2'          75.067  
HIS 'L-peptide linking' y HISTIDINE                                                                                   ? 
'C6 H10 N3 O2 1'      156.162 
HOH non-polymer         . WATER                                                                                       ? 'H2 O' 
18.015  
ILE 'L-peptide linking' y ISOLEUCINE                                                                                  ? 
'C6 H13 N O2'         131.173 
LEU 'L-peptide linking' y LEUCINE                                                                                     ? 
'C6 H13 N O2'         131.173 
LYS 'L-peptide linking' y LYSINE                                                                                      ? 
'C6 H15 N2 O2 1'      147.195 
MET 'L-peptide linking' y METHIONINE                                                                                  ? 
'C5 H11 N O2 S'       149.211 
PHE 'L-peptide linking' y PHENYLALANINE                                                                               ? 
'C9 H11 N O2'         165.189 
PRO 'L-peptide linking' y PROLINE                                                                                     ? 
'C5 H9 N O2'          115.130 
SER 'L-peptide linking' y SERINE                                                                                      ? 
'C3 H7 N O3'          105.093 
THR 'L-peptide linking' y THREONINE                                                                                   ? 
'C4 H9 N O3'          119.119 
TRP 'L-peptide linking' y TRYPTOPHAN                                                                                  ? 
'C11 H12 N2 O2'       204.225 
TYR 'L-peptide linking' y TYROSINE                                                                                    ? 
'C9 H11 N O3'         181.189 
VAL 'L-peptide linking' y VALINE                                                                                      ? 
'C5 H11 N O2'         117.146 
# 
loop_
_pdbx_poly_seq_scheme.asym_id 
_pdbx_poly_seq_scheme.entity_id 
_pdbx_poly_seq_scheme.seq_id 
_pdbx_poly_seq_scheme.mon_id 
_pdbx_poly_seq_scheme.ndb_seq_num 
_pdbx_poly_seq_scheme.pdb_seq_num 
_pdbx_poly_seq_scheme.auth_seq_num 
_pdbx_poly_seq_scheme.pdb_mon_id 
_pdbx_poly_seq_scheme.auth_mon_id 
_pdbx_poly_seq_scheme.pdb_strand_id 
_pdbx_poly_seq_scheme.pdb_ins_code 
_pdbx_poly_seq_scheme.hetero 
A 1 1   MET 1   1   ?   ?   ?   A . n 
A 1 2   THR 2   2   ?   ?   ?   A . n 
A 1 3   THR 3   3   ?   ?   ?   A . n 
A 1 4   SER 4   4   ?   ?   ?   A . n 
A 1 5   ALA 5   5   ?   ?   ?   A . n 
A 1 6   ALA 6   6   ?   ?   ?   A . n 
A 1 7   SER 7   7   ?   ?   ?   A . n 
A 1 8   GLN 8   8   ?   ?   ?   A . n 
A 1 9   ALA 9   9   ?   ?   ?   A . n 
A 1 10  SER 10  10  ?   ?   ?   A . n 
A 1 11  LEU 11  11  ?   ?   ?   A . n 
A 1 12  PRO 12  12  ?   ?   ?   A . n 
A 1 13  ARG 13  13  ?   ?   ?   A . n 
A 1 14  GLY 14  14  ?   ?   ?   A . n 
A 1 15  ARG 15  15  ?   ?   ?   A . n 
A 1 16  ARG 16  16  ?   ?   ?   A . n 
A 1 17  THR 17  17  ?   ?   ?   A . n 
A 1 18  ALA 18  18  ?   ?   ?   A . n 
A 1 19  ARG 19  19  ?   ?   ?   A . n 
A 1 20  PRO 20  20  ?   ?   ?   A . n 
A 1 21  SER 21  21  ?   ?   ?   A . n 
A 1 22  GLY 22  22  22  GLY GLY A . n 
A 1 23  ASP 23  23  23  ASP ASP A . n 
A 1 24  ASP 24  24  24  ASP ASP A . n 
A 1 25  ARG 25  25  25  ARG ARG A . n 
A 1 26  GLU 26  26  26  GLU GLU A . n 
A 1 27  LEU 27  27  27  LEU LEU A . n 
A 1 28  ALA 28  28  28  ALA ALA A . n 
A 1 29  ILE 29  29  29  ILE ILE A . n 
A 1 30  LEU 30  30  30  LEU LEU A . n 
A 1 31  ALA 31  31  31  ALA ALA A . n 
A 1 32  THR 32  32  32  THR THR A . n 
A 1 33  ALA 33  33  33  ALA ALA A . n 
A 1 34  GLU 34  34  34  GLU GLU A . n 
A 1 35  ASN 35  35  35  ASN ASN A . n 
A 1 36  LEU 36  36  36  LEU LEU A . n 
A 1 37  LEU 37  37  37  LEU LEU A . n 
A 1 38  GLU 38  38  38  GLU GLU A . n 
A 1 39  ASP 39  39  39  ASP ASP A . n 
A 1 40  ARG 40  40  40  ARG ARG A . n 
A 1 41  PRO 41  41  41  PRO PRO A . n 
A 1 42  LEU 42  42  42  LEU LEU A . n 
A 1 43  ALA 43  43  43  ALA ALA A . n 
A 1 44  ASP 44  44  44  ASP ASP A . n 
A 1 45  ILE 45  45  45  ILE ILE A . n 
A 1 46  SER 46  46  46  SER SER A . n 
A 1 47  VAL 47  47  47  VAL VAL A . n 
A 1 48  ASP 48  48  48  ASP ASP A . n 
A 1 49  ASP 49  49  49  ASP ASP A . n 
A 1 50  LEU 50  50  50  LEU LEU A . n 
A 1 51  ALA 51  51  51  ALA ALA A . n 
A 1 52  LYS 52  52  52  LYS LYS A . n 
A 1 53  GLY 53  53  53  GLY GLY A . n 
A 1 54  ALA 54  54  54  ALA ALA A . n 
A 1 55  GLY 55  55  55  GLY GLY A . n 
A 1 56  ILE 56  56  56  ILE ILE A . n 
A 1 57  SER 57  57  57  SER SER A . n 
A 1 58  ARG 58  58  58  ARG ARG A . n 
A 1 59  PRO 59  59  59  PRO PRO A . n 
A 1 60  THR 60  60  60  THR THR A . n 
A 1 61  PHE 61  61  61  PHE PHE A . n 
A 1 62  TYR 62  62  62  TYR TYR A . n 
A 1 63  PHE 63  63  63  PHE PHE A . n 
A 1 64  TYR 64  64  64  TYR TYR A . n 
A 1 65  PHE 65  65  65  PHE PHE A . n 
A 1 66  PRO 66  66  66  PRO PRO A . n 
A 1 67  SER 67  67  67  SER SER A . n 
A 1 68  LYS 68  68  68  LYS LYS A . n 
A 1 69  GLU 69  69  69  GLU GLU A . n 
A 1 70  ALA 70  70  70  ALA ALA A . n 
A 1 71  VAL 71  71  71  VAL VAL A . n 
A 1 72  LEU 72  72  72  LEU LEU A . n 
A 1 73  LEU 73  73  73  LEU LEU A . n 
A 1 74  THR 74  74  74  THR THR A . n 
A 1 75  LEU 75  75  75  LEU LEU A . n 
A 1 76  LEU 76  76  76  LEU LEU A . n 
A 1 77  ASP 77  77  77  ASP ASP A . n 
A 1 78  ARG 78  78  78  ARG ARG A . n 
A 1 79  VAL 79  79  79  VAL VAL A . n 
A 1 80  VAL 80  80  80  VAL VAL A . n 
A 1 81  ASN 81  81  81  ASN ASN A . n 
A 1 82  GLN 82  82  82  GLN GLN A . n 
A 1 83  ALA 83  83  83  ALA ALA A . n 
A 1 84  ASP 84  84  84  ASP ASP A . n 
A 1 85  MET 85  85  85  MET MET A . n 
A 1 86  ALA 86  86  86  ALA ALA A . n 
A 1 87  LEU 87  87  87  LEU LEU A . n 
A 1 88  GLN 88  88  88  GLN GLN A . n 
A 1 89  THR 89  89  89  THR THR A . n 
A 1 90  LEU 90  90  90  LEU LEU A . n 
A 1 91  ALA 91  91  91  ALA ALA A . n 
A 1 92  GLU 92  92  92  GLU GLU A . n 
A 1 93  ASN 93  93  93  ASN ASN A . n 
A 1 94  PRO 94  94  94  PRO PRO A . n 
A 1 95  ALA 95  95  95  ALA ALA A . n 
A 1 96  ASP 96  96  96  ASP ASP A . n 
A 1 97  THR 97  97  97  THR THR A . n 
A 1 98  ASP 98  98  98  ASP ASP A . n 
A 1 99  ARG 99  99  99  ARG ARG A . n 
A 1 100 GLU 100 100 100 GLU GLU A . n 
A 1 101 ASN 101 101 101 ASN ASN A . n 
A 1 102 MET 102 102 102 MET MET A . n 
A 1 103 TRP 103 103 103 TRP TRP A . n 
A 1 104 ARG 104 104 104 ARG ARG A . n 
A 1 105 THR 105 105 105 THR THR A . n 
A 1 106 GLY 106 106 106 GLY GLY A . n 
A 1 107 ILE 107 107 107 ILE ILE A . n 
A 1 108 ASN 108 108 108 ASN ASN A . n 
A 1 109 VAL 109 109 109 VAL VAL A . n 
A 1 110 PHE 110 110 110 PHE PHE A . n 
A 1 111 PHE 111 111 111 PHE PHE A . n 
A 1 112 GLU 112 112 112 GLU GLU A . n 
A 1 113 THR 113 113 113 THR THR A . n 
A 1 114 PHE 114 114 114 PHE PHE A . n 
A 1 115 GLY 115 115 115 GLY GLY A . n 
A 1 116 SER 116 116 116 SER SER A . n 
A 1 117 HIS 117 117 117 HIS HIS A . n 
A 1 118 LYS 118 118 118 LYS LYS A . n 
A 1 119 ALA 119 119 119 ALA ALA A . n 
A 1 120 VAL 120 120 120 VAL VAL A . n 
A 1 121 THR 121 121 121 THR THR A . n 
A 1 122 ARG 122 122 122 ARG ARG A . n 
A 1 123 ALA 123 123 123 ALA ALA A . n 
A 1 124 GLY 124 124 124 GLY GLY A . n 
A 1 125 GLN 125 125 125 GLN GLN A . n 
A 1 126 ALA 126 126 126 ALA ALA A . n 
A 1 127 ALA 127 127 127 ALA ALA A . n 
A 1 128 ARG 128 128 128 ARG ARG A . n 
A 1 129 ALA 129 129 129 ALA ALA A . n 
A 1 130 THR 130 130 130 THR THR A . n 
A 1 131 SER 131 131 131 SER SER A . n 
A 1 132 VAL 132 132 132 VAL VAL A . n 
A 1 133 GLU 133 133 133 GLU GLU A . n 
A 1 134 VAL 134 134 134 VAL VAL A . n 
A 1 135 ALA 135 135 135 ALA ALA A . n 
A 1 136 GLU 136 136 136 GLU GLU A . n 
A 1 137 LEU 137 137 137 LEU LEU A . n 
A 1 138 TRP 138 138 138 TRP TRP A . n 
A 1 139 SER 139 139 139 SER SER A . n 
A 1 140 THR 140 140 140 THR THR A . n 
A 1 141 PHE 141 141 141 PHE PHE A . n 
A 1 142 MET 142 142 142 MET MET A . n 
A 1 143 GLN 143 143 143 GLN GLN A . n 
A 1 144 LYS 144 144 144 LYS LYS A . n 
A 1 145 TRP 145 145 145 TRP TRP A . n 
A 1 146 ILE 146 146 146 ILE ILE A . n 
A 1 147 ALA 147 147 147 ALA ALA A . n 
A 1 148 TYR 148 148 148 TYR TYR A . n 
A 1 149 THR 149 149 149 THR THR A . n 
A 1 150 ALA 150 150 150 ALA ALA A . n 
A 1 151 ALA 151 151 151 ALA ALA A . n 
A 1 152 VAL 152 152 152 VAL VAL A . n 
A 1 153 ILE 153 153 153 ILE ILE A . n 
A 1 154 ASP 154 154 154 ASP ASP A . n 
A 1 155 ALA 155 155 155 ALA ALA A . n 
A 1 156 GLU 156 156 156 GLU GLU A . n 
A 1 157 ARG 157 157 157 ARG ARG A . n 
A 1 158 ASP 158 158 158 ASP ASP A . n 
A 1 159 ARG 159 159 159 ARG ARG A . n 
A 1 160 GLY 160 160 160 GLY GLY A . n 
A 1 161 ALA 161 161 161 ALA ALA A . n 
A 1 162 ALA 162 162 162 ALA ALA A . n 
A 1 163 PRO 163 163 163 PRO PRO A . n 
A 1 164 ARG 164 164 164 ARG ARG A . n 
A 1 165 THR 165 165 165 THR THR A . n 
A 1 166 LEU 166 166 166 LEU LEU A . n 
A 1 167 PRO 167 167 167 PRO PRO A . n 
A 1 168 ALA 168 168 168 ALA ALA A . n 
A 1 169 HIS 169 169 169 HIS HIS A . n 
A 1 170 GLU 170 170 170 GLU GLU A . n 
A 1 171 LEU 171 171 171 LEU LEU A . n 
A 1 172 ALA 172 172 172 ALA ALA A . n 
A 1 173 THR 173 173 173 THR THR A . n 
A 1 174 ALA 174 174 174 ALA ALA A . n 
A 1 175 LEU 175 175 175 LEU LEU A . n 
A 1 176 ASN 176 176 176 ASN ASN A . n 
A 1 177 LEU 177 177 177 LEU LEU A . n 
A 1 178 MET 178 178 178 MET MET A . n 
A 1 179 ASN 179 179 179 ASN ASN A . n 
A 1 180 GLU 180 180 180 GLU GLU A . n 
A 1 181 ARG 181 181 181 ARG ARG A . n 
A 1 182 THR 182 182 182 THR THR A . n 
A 1 183 LEU 183 183 183 LEU LEU A . n 
A 1 184 PHE 184 184 184 PHE PHE A . n 
A 1 185 ALA 185 185 185 ALA ALA A . n 
A 1 186 SER 186 186 186 SER SER A . n 
A 1 187 PHE 187 187 187 PHE PHE A . n 
A 1 188 ALA 188 188 188 ALA ALA A . n 
A 1 189 GLY 189 189 189 GLY GLY A . n 
A 1 190 GLU 190 190 190 GLU GLU A . n 
A 1 191 GLN 191 191 191 GLN GLN A . n 
A 1 192 PRO 192 192 192 PRO PRO A . n 
A 1 193 SER 193 193 193 SER SER A . n 
A 1 194 VAL 194 194 194 VAL VAL A . n 
A 1 195 PRO 195 195 195 PRO PRO A . n 
A 1 196 GLU 196 196 196 GLU GLU A . n 
A 1 197 ALA 197 197 197 ALA ALA A . n 
A 1 198 ARG 198 198 198 ARG ARG A . n 
A 1 199 VAL 199 199 199 VAL VAL A . n 
A 1 200 LEU 200 200 200 LEU LEU A . n 
A 1 201 ASP 201 201 201 ASP ASP A . n 
A 1 202 THR 202 202 202 THR THR A . n 
A 1 203 LEU 203 203 203 LEU LEU A . n 
A 1 204 VAL 204 204 204 VAL VAL A . n 
A 1 205 HIS 205 205 205 HIS HIS A . n 
A 1 206 ILE 206 206 206 ILE ILE A . n 
A 1 207 TRP 207 207 207 TRP TRP A . n 
A 1 208 VAL 208 208 208 VAL VAL A . n 
A 1 209 THR 209 209 209 THR THR A . n 
A 1 210 SER 210 210 210 SER SER A . n 
A 1 211 ILE 211 211 211 ILE ILE A . n 
A 1 212 TYR 212 212 212 TYR TYR A . n 
A 1 213 GLY 213 213 213 GLY GLY A . n 
A 1 214 GLU 214 214 214 GLU GLU A . n 
A 1 215 ASN 215 215 ?   ?   ?   A . n 
A 1 216 ARG 216 216 ?   ?   ?   A . n 
# 
loop_
_pdbx_nonpoly_scheme.asym_id 
_pdbx_nonpoly_scheme.entity_id 
_pdbx_nonpoly_scheme.mon_id 
_pdbx_nonpoly_scheme.ndb_seq_num 
_pdbx_nonpoly_scheme.pdb_seq_num 
_pdbx_nonpoly_scheme.auth_seq_num 
_pdbx_nonpoly_scheme.pdb_mon_id 
_pdbx_nonpoly_scheme.auth_mon_id 
_pdbx_nonpoly_scheme.pdb_strand_id 
_pdbx_nonpoly_scheme.pdb_ins_code 
B 2 2B3 1 301 1 2B3 B3  A . 
C 3 HOH 1 401 1 HOH HOH A . 
C 3 HOH 2 402 2 HOH HOH A . 
C 3 HOH 3 403 3 HOH HOH A . 
C 3 HOH 4 404 4 HOH HOH A . 
C 3 HOH 5 405 5 HOH HOH A . 
# 
loop_
_pdbx_unobs_or_zero_occ_atoms.id 
_pdbx_unobs_or_zero_occ_atoms.PDB_model_num 
_pdbx_unobs_or_zero_occ_atoms.polymer_flag 
_pdbx_unobs_or_zero_occ_atoms.occupancy_flag 
_pdbx_unobs_or_zero_occ_atoms.auth_asym_id 
_pdbx_unobs_or_zero_occ_atoms.auth_comp_id 
_pdbx_unobs_or_zero_occ_atoms.auth_seq_id 
_pdbx_unobs_or_zero_occ_atoms.PDB_ins_code 
_pdbx_unobs_or_zero_occ_atoms.auth_atom_id 
_pdbx_unobs_or_zero_occ_atoms.label_alt_id 
_pdbx_unobs_or_zero_occ_atoms.label_asym_id 
_pdbx_unobs_or_zero_occ_atoms.label_comp_id 
_pdbx_unobs_or_zero_occ_atoms.label_seq_id 
_pdbx_unobs_or_zero_occ_atoms.label_atom_id 
1 1 Y 1 A GLU 214 ? C ? A GLU 214 C 
2 1 Y 1 A GLU 214 ? O ? A GLU 214 O 
# 
loop_
_software.pdbx_ordinal 
_software.name 
_software.version 
_software.date 
_software.type 
_software.contact_author 
_software.contact_author_email 
_software.classification 
_software.location 
_software.language 
_software.citation_id 
1 SCALA       3.3.16 2010/01/06       other   'Phil R. Evans'      pre@mrc-lmb.cam.ac.uk    'data scaling'    
http://www.ccp4.ac.uk/dist/html/scala.html   Fortran_77 ? 
2 MOLREP      .      ?                program 'Alexei Vaguine'     alexei@ysbl.york.ac.uk   phasing           
http://www.ccp4.ac.uk/dist/html/molrep.html  Fortran_77 ? 
3 REFMAC      .      ?                program 'Garib N. Murshudov' garib@ysbl.york.ac.uk    refinement        
http://www.ccp4.ac.uk/dist/html/refmac5.html Fortran_77 ? 
4 PDB_EXTRACT 3.11   'April 22, 2011' package PDB                  deposit@deposit.rcsb.org 'data extraction' 
http://sw-tools.pdb.org/apps/PDB_EXTRACT/    C++        ? 
5 MAR345dtb   .      ?                ?       ?                    ?                        'data collection' ? ?          ? 
6 XSCALE      .      ?                ?       ?                    ?                        'data scaling'    ? ?          ? 
# 
_cell.length_a           122.058 
_cell.length_b           122.058 
_cell.length_c           33.836 
_cell.angle_alpha        90.000 
_cell.angle_beta         90.000 
_cell.angle_gamma        90.000 
_cell.entry_id           4M3E 
_cell.pdbx_unique_axis   ? 
_cell.Z_PDB              8 
_cell.length_a_esd       ? 
_cell.length_b_esd       ? 
_cell.length_c_esd       ? 
_cell.angle_alpha_esd    ? 
_cell.angle_beta_esd     ? 
_cell.angle_gamma_esd    ? 
# 
_symmetry.space_group_name_H-M             'P 41 21 2' 
_symmetry.entry_id                         4M3E 
_symmetry.Int_Tables_number                92 
_symmetry.pdbx_full_space_group_name_H-M   ? 
_symmetry.cell_setting                     ? 
_symmetry.space_group_name_Hall            ? 
# 
_exptl.crystals_number   1 
_exptl.entry_id          4M3E 
_exptl.method            'X-RAY DIFFRACTION' 
# 
_exptl_crystal.id                    1 
_exptl_crystal.density_Matthews      2.65 
_exptl_crystal.density_meas          ? 
_exptl_crystal.density_percent_sol   53.58 
_exptl_crystal.description           ? 
_exptl_crystal.F_000                 ? 
_exptl_crystal.preparation           ? 
# 
_exptl_crystal_grow.crystal_id      1 
_exptl_crystal_grow.method          'VAPOR DIFFUSION, HANGING DROP' 
_exptl_crystal_grow.pH              6.7 
_exptl_crystal_grow.temp            293 
_exptl_crystal_grow.temp_details    ? 
_exptl_crystal_grow.pdbx_details    
'1.4-1.65 M ammonium sulfate, 15% glycerol, 0.1 M MES, pH 6.7, VAPOR DIFFUSION, HANGING DROP, temperature 293K' 
_exptl_crystal_grow.pdbx_pH_range   ? 
# 
_diffrn.id                     1 
_diffrn.ambient_temp           100 
_diffrn.ambient_temp_details   ? 
_diffrn.crystal_id             1 
# 
_diffrn_detector.diffrn_id              1 
_diffrn_detector.detector               CCD 
_diffrn_detector.type                   'MARMOSAIC 225 mm CCD' 
_diffrn_detector.pdbx_collection_date   2011-02-10 
_diffrn_detector.details                ? 
# 
_diffrn_radiation.diffrn_id                        1 
_diffrn_radiation.wavelength_id                    1 
_diffrn_radiation.pdbx_diffrn_protocol             'SINGLE WAVELENGTH' 
_diffrn_radiation.monochromator                    'Si(111)' 
_diffrn_radiation.pdbx_monochromatic_or_laue_m_l   M 
_diffrn_radiation.pdbx_scattering_type             x-ray 
# 
_diffrn_radiation_wavelength.id           1 
_diffrn_radiation_wavelength.wavelength   1.0000 
_diffrn_radiation_wavelength.wt           1.0 
# 
_diffrn_source.diffrn_id                   1 
_diffrn_source.source                      SYNCHROTRON 
_diffrn_source.type                        'SLS BEAMLINE X06DA' 
_diffrn_source.pdbx_wavelength             ? 
_diffrn_source.pdbx_wavelength_list        1.0000 
_diffrn_source.pdbx_synchrotron_site       SLS 
_diffrn_source.pdbx_synchrotron_beamline   X06DA 
# 
_reflns.entry_id                     4M3E 
_reflns.d_resolution_high            2.109 
_reflns.d_resolution_low             38.598 
_reflns.number_all                   14939 
_reflns.number_obs                   14939 
_reflns.pdbx_netI_over_sigmaI        7.7 
_reflns.pdbx_Rsym_value              0.175 
_reflns.pdbx_redundancy              5.9 
_reflns.percent_possible_obs         97.6 
_reflns.observed_criterion_sigma_F   ? 
_reflns.observed_criterion_sigma_I   ? 
_reflns.pdbx_Rmerge_I_obs            ? 
_reflns.B_iso_Wilson_estimate        ? 
_reflns.R_free_details               ? 
_reflns.limit_h_max                  ? 
_reflns.limit_h_min                  ? 
_reflns.limit_k_max                  ? 
_reflns.limit_k_min                  ? 
_reflns.limit_l_max                  ? 
_reflns.limit_l_min                  ? 
_reflns.observed_criterion_F_max     ? 
_reflns.observed_criterion_F_min     ? 
_reflns.pdbx_chi_squared             ? 
_reflns.pdbx_scaling_rejects         ? 
_reflns.pdbx_ordinal                 1 
_reflns.pdbx_diffrn_id               1 
# 
loop_
_reflns_shell.d_res_high 
_reflns_shell.d_res_low 
_reflns_shell.number_measured_obs 
_reflns_shell.number_measured_all 
_reflns_shell.number_unique_obs 
_reflns_shell.Rmerge_I_obs 
_reflns_shell.meanI_over_sigI_obs 
_reflns_shell.pdbx_Rsym_value 
_reflns_shell.pdbx_chi_squared 
_reflns_shell.pdbx_redundancy 
_reflns_shell.percent_possible_obs 
_reflns_shell.number_unique_all 
_reflns_shell.percent_possible_all 
_reflns_shell.pdbx_ordinal 
_reflns_shell.pdbx_diffrn_id 
2.109 2.220  ? 6247  ? 0.014 0.60  1.421 ? 3.3 ? 1913 89.1  1  1 
2.220 2.360  ? 8252  ? 0.014 0.80  1.041 ? 4.2 ? 1971 96.8  2  1 
2.360 2.520  ? 9630  ? 0.014 1.00  0.757 ? 5.0 ? 1919 98.6  3  1 
2.520 2.720  ? 10917 ? 0.014 1.50  0.516 ? 6.0 ? 1811 99.1  4  1 
2.720 2.980  ? 11755 ? 0.014 2.00  0.380 ? 6.9 ? 1693 99.7  5  1 
2.980 3.330  ? 11647 ? 0.014 3.20  0.239 ? 7.5 ? 1553 100.0 6  1 
3.330 3.850  ? 10469 ? 0.014 5.70  0.132 ? 7.6 ? 1376 100.0 7  1 
3.850 4.710  ? 8620  ? 0.014 8.40  0.087 ? 7.3 ? 1179 99.9  8  1 
4.710 6.670  ? 6920  ? 0.014 9.00  0.080 ? 7.3 ? 954  100.0 9  1 
6.670 38.598 ? 3746  ? 0.014 16.20 0.037 ? 6.6 ? 570  99.6  10 1 
# 
_refine.entry_id                                 4M3E 
_refine.ls_d_res_high                            2.109 
_refine.ls_d_res_low                             38.598 
_refine.pdbx_ls_sigma_F                          0.0 
_refine.pdbx_data_cutoff_high_absF               ? 
_refine.pdbx_data_cutoff_low_absF                ? 
_refine.ls_percent_reflns_obs                    100.0 
_refine.ls_number_reflns_obs                     14912 
_refine.ls_number_reflns_all                     ? 
_refine.pdbx_ls_cross_valid_method               THROUGHOUT 
_refine.pdbx_R_Free_selection_details            RANDOM 
_refine.details                                  ? 
_refine.ls_R_factor_all                          ? 
_refine.ls_R_factor_obs                          0.2548 
_refine.ls_R_factor_R_work                       0.2520 
_refine.ls_wR_factor_R_work                      0.2132 
_refine.ls_R_factor_R_free                       0.3077 
_refine.ls_wR_factor_R_free                      0.2662 
_refine.ls_percent_reflns_R_free                 5.1 
_refine.ls_number_reflns_R_free                  755 
_refine.ls_R_factor_R_free_error                 ? 
_refine.B_iso_mean                               26.9555 
_refine.solvent_model_param_bsol                 ? 
_refine.solvent_model_param_ksol                 ? 
_refine.pdbx_isotropic_thermal_model             ? 
_refine.aniso_B[1][1]                            0.0100 
_refine.aniso_B[2][2]                            0.0100 
_refine.aniso_B[3][3]                            -0.0300 
_refine.aniso_B[1][2]                            0.0000 
_refine.aniso_B[1][3]                            0.0000 
_refine.aniso_B[2][3]                            0.0000 
_refine.correlation_coeff_Fo_to_Fc               0.9060 
_refine.correlation_coeff_Fo_to_Fc_free          0.8430 
_refine.overall_SU_R_Cruickshank_DPI             0.2363 
_refine.overall_SU_R_free                        0.2172 
_refine.pdbx_overall_ESU_R                       0.2360 
_refine.pdbx_overall_ESU_R_Free                  0.2170 
_refine.overall_SU_ML                            0.2030 
_refine.overall_SU_B                             8.1820 
_refine.solvent_model_details                    MASK 
_refine.pdbx_solvent_vdw_probe_radii             1.4000 
_refine.pdbx_solvent_ion_probe_radii             0.8000 
_refine.pdbx_solvent_shrinkage_radii             0.8000 
_refine.ls_number_parameters                     ? 
_refine.ls_number_restraints                     ? 
_refine.pdbx_starting_model                      ? 
_refine.pdbx_method_to_determine_struct          'MOLECULAR REPLACEMENT' 
_refine.pdbx_stereochemistry_target_values       'MAXIMUM LIKELIHOOD' 
_refine.pdbx_stereochem_target_val_spec_case     ? 
_refine.overall_FOM_work_R_set                   0.7619 
_refine.B_iso_max                                61.850 
_refine.B_iso_min                                4.990 
_refine.pdbx_overall_phase_error                 ? 
_refine.occupancy_max                            1.000 
_refine.occupancy_min                            1.000 
_refine.pdbx_ls_sigma_I                          ? 
_refine.ls_redundancy_reflns_obs                 ? 
_refine.ls_R_factor_R_free_error_details         ? 
_refine.pdbx_data_cutoff_high_rms_absF           ? 
_refine.overall_FOM_free_R_set                   ? 
_refine.pdbx_diffrn_id                           1 
_refine.pdbx_refine_id                           'X-RAY DIFFRACTION' 
_refine.pdbx_TLS_residual_ADP_flag               ? 
_refine.pdbx_overall_SU_R_free_Cruickshank_DPI   ? 
_refine.pdbx_overall_SU_R_Blow_DPI               ? 
_refine.pdbx_overall_SU_R_free_Blow_DPI          ? 
# 
_refine_hist.pdbx_refine_id                   'X-RAY DIFFRACTION' 
_refine_hist.cycle_id                         LAST 
_refine_hist.pdbx_number_atoms_protein        1500 
_refine_hist.pdbx_number_atoms_nucleic_acid   0 
_refine_hist.pdbx_number_atoms_ligand         28 
_refine_hist.number_atoms_solvent             5 
_refine_hist.number_atoms_total               1533 
_refine_hist.d_res_high                       2.109 
_refine_hist.d_res_low                        38.598 
# 
loop_
_refine_ls_restr.type 
_refine_ls_restr.number 
_refine_ls_restr.dev_ideal 
_refine_ls_restr.dev_ideal_target 
_refine_ls_restr.weight 
_refine_ls_restr.pdbx_restraint_function 
_refine_ls_restr.pdbx_refine_id 
r_bond_refined_d       1560 0.018  0.022  ? ? 'X-RAY DIFFRACTION' 
r_angle_refined_deg    2128 1.765  1.967  ? ? 'X-RAY DIFFRACTION' 
r_dihedral_angle_1_deg 192  5.757  5.000  ? ? 'X-RAY DIFFRACTION' 
r_dihedral_angle_2_deg 72   41.307 23.611 ? ? 'X-RAY DIFFRACTION' 
r_dihedral_angle_3_deg 239  16.274 15.000 ? ? 'X-RAY DIFFRACTION' 
r_dihedral_angle_4_deg 13   21.054 15.000 ? ? 'X-RAY DIFFRACTION' 
r_chiral_restr         242  0.115  0.200  ? ? 'X-RAY DIFFRACTION' 
r_gen_planes_refined   1195 0.009  0.021  ? ? 'X-RAY DIFFRACTION' 
r_mcbond_it            961  0.852  1.500  ? ? 'X-RAY DIFFRACTION' 
r_mcangle_it           1543 1.488  2.000  ? ? 'X-RAY DIFFRACTION' 
r_scbond_it            599  2.568  3.000  ? ? 'X-RAY DIFFRACTION' 
r_scangle_it           585  4.268  4.500  ? ? 'X-RAY DIFFRACTION' 
# 
_refine_ls_shell.d_res_high                       2.109 
_refine_ls_shell.d_res_low                        2.163 
_refine_ls_shell.pdbx_total_number_of_bins_used   20 
_refine_ls_shell.percent_reflns_obs               100.0 
_refine_ls_shell.number_reflns_R_work             808 
_refine_ls_shell.R_factor_all                     ? 
_refine_ls_shell.R_factor_R_work                  0.3950 
_refine_ls_shell.R_factor_R_free                  0.4500 
_refine_ls_shell.percent_reflns_R_free            ? 
_refine_ls_shell.number_reflns_R_free             56 
_refine_ls_shell.R_factor_R_free_error            ? 
_refine_ls_shell.number_reflns_all                864 
_refine_ls_shell.number_reflns_obs                ? 
_refine_ls_shell.redundancy_reflns_obs            ? 
_refine_ls_shell.pdbx_refine_id                   'X-RAY DIFFRACTION' 
# 
_struct.entry_id                  4M3E 
_struct.title                     
;Rapid and efficient design of new inhibitors of Mycobacterium tuberculosis transcriptional repressor EthR using fragment growing, merging and linking approaches
;
_struct.pdbx_model_details        ? 
_struct.pdbx_CASP_flag            ? 
_struct.pdbx_model_type_details   ? 
# 
_struct_keywords.entry_id        4M3E 
_struct_keywords.pdbx_keywords   'TRANSCRIPTION REPRESSOR/INHIBITOR' 
_struct_keywords.text            
;helix-turn-helix DNA binding protein, TETR-family, transcriptional regulatory repressor, inhibitor, TRANSCRIPTION REPRESSOR-INHIBITOR complex
;
# 
loop_
_struct_asym.id 
_struct_asym.pdbx_blank_PDB_chainid_flag 
_struct_asym.pdbx_modified 
_struct_asym.entity_id 
_struct_asym.details 
A N N 1 ? 
B N N 2 ? 
C N N 3 ? 
# 
_struct_ref.id                         1 
_struct_ref.db_name                    UNP 
_struct_ref.db_code                    ETHR_MYCTU 
_struct_ref.pdbx_db_accession          P96222 
_struct_ref.entity_id                  1 
_struct_ref.pdbx_seq_one_letter_code   
;MTTSAASQASLPRGRRTARPSGDDRELAILATAENLLEDRPLADISVDDLAKGAGISRPTFYFYFPSKEAVLLTLLDRVV
NQADMALQTLAENPADTDRENMWRTGINVFFETFGSHKAVTRAGQAARATSVEVAELWSTFMQKWIAYTAAVIDAERDRG
AAPRTLPAHELATALNLMNERTLFASFAGEQPSVPEARVLDTLVHIWVTSIYGENR
;
_struct_ref.pdbx_align_begin           1 
_struct_ref.pdbx_db_isoform            ? 
# 
_struct_ref_seq.align_id                      1 
_struct_ref_seq.ref_id                        1 
_struct_ref_seq.pdbx_PDB_id_code              4M3E 
_struct_ref_seq.pdbx_strand_id                A 
_struct_ref_seq.seq_align_beg                 1 
_struct_ref_seq.pdbx_seq_align_beg_ins_code   ? 
_struct_ref_seq.seq_align_end                 216 
_struct_ref_seq.pdbx_seq_align_end_ins_code   ? 
_struct_ref_seq.pdbx_db_accession             P96222 
_struct_ref_seq.db_align_beg                  1 
_struct_ref_seq.pdbx_db_align_beg_ins_code    ? 
_struct_ref_seq.db_align_end                  216 
_struct_ref_seq.pdbx_db_align_end_ins_code    ? 
_struct_ref_seq.pdbx_auth_seq_align_beg       1 
_struct_ref_seq.pdbx_auth_seq_align_end       216 
# 
_pdbx_struct_assembly.id                   1 
_pdbx_struct_assembly.details              author_and_software_defined_assembly 
_pdbx_struct_assembly.method_details       PISA 
_pdbx_struct_assembly.oligomeric_details   dimeric 
_pdbx_struct_assembly.oligomeric_count     2 
# 
loop_
_pdbx_struct_assembly_prop.biol_id 
_pdbx_struct_assembly_prop.type 
_pdbx_struct_assembly_prop.value 
_pdbx_struct_assembly_prop.details 
1 'ABSA (A^2)' 2760  ? 
1 MORE         -22   ? 
1 'SSA (A^2)'  17350 ? 
# 
_pdbx_struct_assembly_gen.assembly_id       1 
_pdbx_struct_assembly_gen.oper_expression   1,2 
_pdbx_struct_assembly_gen.asym_id_list      A,B,C 
# 
loop_
_pdbx_struct_oper_list.id 
_pdbx_struct_oper_list.type 
_pdbx_struct_oper_list.name 
_pdbx_struct_oper_list.symmetry_operation 
_pdbx_struct_oper_list.matrix[1][1] 
_pdbx_struct_oper_list.matrix[1][2] 
_pdbx_struct_oper_list.matrix[1][3] 
_pdbx_struct_oper_list.vector[1] 
_pdbx_struct_oper_list.matrix[2][1] 
_pdbx_struct_oper_list.matrix[2][2] 
_pdbx_struct_oper_list.matrix[2][3] 
_pdbx_struct_oper_list.vector[2] 
_pdbx_struct_oper_list.matrix[3][1] 
_pdbx_struct_oper_list.matrix[3][2] 
_pdbx_struct_oper_list.matrix[3][3] 
_pdbx_struct_oper_list.vector[3] 
1 'identity operation'         1_555 x,y,z        1.0000000000  0.0000000000 0.0000000000  0.0000000000 0.0000000000 1.0000000000  0.0000000000  0.0000000000   0.0000000000  0.0000000000  1.0000000000  0.0000000000   
2 'crystal symmetry operation' 8_554 -y,-x,-z-1/2 -0.0052560097 0.6871177027 -0.7265271069 7.8462292046 0.6871177027 -0.5253746271 -0.5018473512 -22.0750944922 -0.7265271069 -0.5018473512 -0.4693693632 -10.1347889114 
# 
_struct_biol.id        1 
_struct_biol.details   ? 
# 
loop_
_struct_conf.conf_type_id 
_struct_conf.id 
_struct_conf.pdbx_PDB_helix_id 
_struct_conf.beg_label_comp_id 
_struct_conf.beg_label_asym_id 
_struct_conf.beg_label_seq_id 
_struct_conf.pdbx_beg_PDB_ins_code 
_struct_conf.end_label_comp_id 
_struct_conf.end_label_asym_id 
_struct_conf.end_label_seq_id 
_struct_conf.pdbx_end_PDB_ins_code 
_struct_conf.beg_auth_comp_id 
_struct_conf.beg_auth_asym_id 
_struct_conf.beg_auth_seq_id 
_struct_conf.end_auth_comp_id 
_struct_conf.end_auth_asym_id 
_struct_conf.end_auth_seq_id 
_struct_conf.pdbx_PDB_helix_class 
_struct_conf.details 
_struct_conf.pdbx_PDB_helix_length 
HELX_P HELX_P1  1  GLY A 22  ? ARG A 40  ? GLY A 22  ARG A 40  1 ? 19 
HELX_P HELX_P2  2  PRO A 41  ? ILE A 45  ? PRO A 41  ILE A 45  5 ? 5  
HELX_P HELX_P3  3  SER A 46  ? GLY A 55  ? SER A 46  GLY A 55  1 ? 10 
HELX_P HELX_P4  4  SER A 57  ? PHE A 65  ? SER A 57  PHE A 65  1 ? 9  
HELX_P HELX_P5  5  SER A 67  ? ASN A 93  ? SER A 67  ASN A 93  1 ? 27 
HELX_P HELX_P6  6  ASP A 98  ? SER A 116 ? ASP A 98  SER A 116 1 ? 19 
HELX_P HELX_P7  7  HIS A 117 ? ARG A 128 ? HIS A 117 ARG A 128 1 ? 12 
HELX_P HELX_P8  8  SER A 131 ? ARG A 159 ? SER A 131 ARG A 159 1 ? 29 
HELX_P HELX_P9  9  PRO A 167 ? ALA A 188 ? PRO A 167 ALA A 188 1 ? 22 
HELX_P HELX_P10 10 PRO A 195 ? GLY A 213 ? PRO A 195 GLY A 213 1 ? 19 
# 
_struct_conf_type.id          HELX_P 
_struct_conf_type.criteria    ? 
_struct_conf_type.reference   ? 
# 
_struct_mon_prot_cis.pdbx_id                1 
_struct_mon_prot_cis.label_comp_id          GLN 
_struct_mon_prot_cis.label_seq_id           191 
_struct_mon_prot_cis.label_asym_id          A 
_struct_mon_prot_cis.label_alt_id           . 
_struct_mon_prot_cis.pdbx_PDB_ins_code      ? 
_struct_mon_prot_cis.auth_comp_id           GLN 
_struct_mon_prot_cis.auth_seq_id            191 
_struct_mon_prot_cis.auth_asym_id           A 
_struct_mon_prot_cis.pdbx_label_comp_id_2   PRO 
_struct_mon_prot_cis.pdbx_label_seq_id_2    192 
_struct_mon_prot_cis.pdbx_label_asym_id_2   A 
_struct_mon_prot_cis.pdbx_PDB_ins_code_2    ? 
_struct_mon_prot_cis.pdbx_auth_comp_id_2    PRO 
_struct_mon_prot_cis.pdbx_auth_seq_id_2     192 
_struct_mon_prot_cis.pdbx_auth_asym_id_2    A 
_struct_mon_prot_cis.pdbx_PDB_model_num     1 
_struct_mon_prot_cis.pdbx_omega_angle       4.85 
# 
_struct_site.id                   AC1 
_struct_site.pdbx_evidence_code   Software 
_struct_site.pdbx_auth_asym_id    A 
_struct_site.pdbx_auth_comp_id    2B3 
_struct_site.pdbx_auth_seq_id     301 
_struct_site.pdbx_auth_ins_code   ? 
_struct_site.pdbx_num_residues    15 
_struct_site.details              'BINDING SITE FOR RESIDUE 2B3 A 301' 
# 
loop_
_struct_site_gen.id 
_struct_site_gen.site_id 
_struct_site_gen.pdbx_num_res 
_struct_site_gen.label_comp_id 
_struct_site_gen.label_asym_id 
_struct_site_gen.label_seq_id 
_struct_site_gen.pdbx_auth_ins_code 
_struct_site_gen.auth_comp_id 
_struct_site_gen.auth_asym_id 
_struct_site_gen.auth_seq_id 
_struct_site_gen.label_atom_id 
_struct_site_gen.label_alt_id 
_struct_site_gen.symmetry 
_struct_site_gen.details 
1  AC1 15 LEU A 90  ? LEU A 90  . ? 1_555 ? 
2  AC1 15 MET A 102 ? MET A 102 . ? 1_555 ? 
3  AC1 15 TRP A 103 ? TRP A 103 . ? 1_555 ? 
4  AC1 15 ILE A 107 ? ILE A 107 . ? 1_555 ? 
5  AC1 15 PHE A 110 ? PHE A 110 . ? 1_555 ? 
6  AC1 15 PHE A 114 ? PHE A 114 . ? 1_555 ? 
7  AC1 15 TRP A 138 ? TRP A 138 . ? 1_555 ? 
8  AC1 15 MET A 142 ? MET A 142 . ? 1_555 ? 
9  AC1 15 TYR A 148 ? TYR A 148 . ? 1_555 ? 
10 AC1 15 THR A 149 ? THR A 149 . ? 1_555 ? 
11 AC1 15 ASN A 176 ? ASN A 176 . ? 1_555 ? 
12 AC1 15 ASN A 179 ? ASN A 179 . ? 1_555 ? 
13 AC1 15 GLU A 180 ? GLU A 180 . ? 1_555 ? 
14 AC1 15 LEU A 183 ? LEU A 183 . ? 1_555 ? 
15 AC1 15 TRP A 207 ? TRP A 207 . ? 1_555 ? 
# 
loop_
_pdbx_validate_torsion.id 
_pdbx_validate_torsion.PDB_model_num 
_pdbx_validate_torsion.auth_comp_id 
_pdbx_validate_torsion.auth_asym_id 
_pdbx_validate_torsion.auth_seq_id 
_pdbx_validate_torsion.PDB_ins_code 
_pdbx_validate_torsion.label_alt_id 
_pdbx_validate_torsion.phi 
_pdbx_validate_torsion.psi 
1 1 ALA A 43  ? ? -55.35  -8.10   
2 1 SER A 67  ? ? 179.25  -179.51 
3 1 THR A 165 ? ? -113.96 -105.01 
# 
_pdbx_phasing_MR.entry_id                     4M3E 
_pdbx_phasing_MR.method_rotation              ? 
_pdbx_phasing_MR.method_translation           ? 
_pdbx_phasing_MR.model_details                ? 
_pdbx_phasing_MR.R_factor                     ? 
_pdbx_phasing_MR.R_rigid_body                 ? 
_pdbx_phasing_MR.correlation_coeff_Fo_to_Fc   ? 
_pdbx_phasing_MR.correlation_coeff_Io_to_Ic   ? 
_pdbx_phasing_MR.d_res_high_rotation          2.300 
_pdbx_phasing_MR.d_res_low_rotation           38.600 
_pdbx_phasing_MR.d_res_high_translation       2.300 
_pdbx_phasing_MR.d_res_low_translation        38.600 
_pdbx_phasing_MR.packing                      ? 
_pdbx_phasing_MR.reflns_percent_rotation      ? 
_pdbx_phasing_MR.reflns_percent_translation   ? 
_pdbx_phasing_MR.sigma_F_rotation             ? 
_pdbx_phasing_MR.sigma_F_translation          ? 
_pdbx_phasing_MR.sigma_I_rotation             ? 
_pdbx_phasing_MR.sigma_I_translation          ? 
# 
_phasing.method   MR 
# 
loop_
_pdbx_unobs_or_zero_occ_residues.id 
_pdbx_unobs_or_zero_occ_residues.PDB_model_num 
_pdbx_unobs_or_zero_occ_residues.polymer_flag 
_pdbx_unobs_or_zero_occ_residues.occupancy_flag 
_pdbx_unobs_or_zero_occ_residues.auth_asym_id 
_pdbx_unobs_or_zero_occ_residues.auth_comp_id 
_pdbx_unobs_or_zero_occ_residues.auth_seq_id 
_pdbx_unobs_or_zero_occ_residues.PDB_ins_code 
_pdbx_unobs_or_zero_occ_residues.label_asym_id 
_pdbx_unobs_or_zero_occ_residues.label_comp_id 
_pdbx_unobs_or_zero_occ_residues.label_seq_id 
1  1 Y 1 A MET 1   ? A MET 1   
2  1 Y 1 A THR 2   ? A THR 2   
3  1 Y 1 A THR 3   ? A THR 3   
4  1 Y 1 A SER 4   ? A SER 4   
5  1 Y 1 A ALA 5   ? A ALA 5   
6  1 Y 1 A ALA 6   ? A ALA 6   
7  1 Y 1 A SER 7   ? A SER 7   
8  1 Y 1 A GLN 8   ? A GLN 8   
9  1 Y 1 A ALA 9   ? A ALA 9   
10 1 Y 1 A SER 10  ? A SER 10  
11 1 Y 1 A LEU 11  ? A LEU 11  
12 1 Y 1 A PRO 12  ? A PRO 12  
13 1 Y 1 A ARG 13  ? A ARG 13  
14 1 Y 1 A GLY 14  ? A GLY 14  
15 1 Y 1 A ARG 15  ? A ARG 15  
16 1 Y 1 A ARG 16  ? A ARG 16  
17 1 Y 1 A THR 17  ? A THR 17  
18 1 Y 1 A ALA 18  ? A ALA 18  
19 1 Y 1 A ARG 19  ? A ARG 19  
20 1 Y 1 A PRO 20  ? A PRO 20  
21 1 Y 1 A SER 21  ? A SER 21  
22 1 Y 1 A ASN 215 ? A ASN 215 
23 1 Y 1 A ARG 216 ? A ARG 216 
# 
loop_
_chem_comp_atom.comp_id 
_chem_comp_atom.atom_id 
_chem_comp_atom.type_symbol 
_chem_comp_atom.pdbx_aromatic_flag 
_chem_comp_atom.pdbx_stereo_config 
_chem_comp_atom.pdbx_ordinal 
2B3 F3   F N N 1   
2B3 C17  C N N 2   
2B3 F1   F N N 3   
2B3 F2   F N N 4   
2B3 C16  C N N 5   
2B3 C15  C N N 6   
2B3 N3   N N N 7   
2B3 C14  C N N 8   
2B3 O3   O N N 9   
2B3 C11  C Y N 10  
2B3 C10  C Y N 11  
2B3 C9   C Y N 12  
2B3 C12  C Y N 13  
2B3 C13  C Y N 14  
2B3 C8   C Y N 15  
2B3 C6   C Y N 16  
2B3 N2   N Y N 17  
2B3 C7   C Y N 18  
2B3 S2   S Y N 19  
2B3 C5   C Y N 20  
2B3 C4   C N N 21  
2B3 N1   N N N 22  
2B3 S1   S N N 23  
2B3 O1   O N N 24  
2B3 O2   O N N 25  
2B3 C3   C N N 26  
2B3 C2   C N N 27  
2B3 C1   C N N 28  
2B3 H1   H N N 29  
2B3 H2   H N N 30  
2B3 H3   H N N 31  
2B3 H4   H N N 32  
2B3 H5   H N N 33  
2B3 H6   H N N 34  
2B3 H7   H N N 35  
2B3 H8   H N N 36  
2B3 H9   H N N 37  
2B3 H10  H N N 38  
2B3 H11  H N N 39  
2B3 H12  H N N 40  
2B3 H13  H N N 41  
2B3 H14  H N N 42  
2B3 H15  H N N 43  
2B3 H16  H N N 44  
2B3 H17  H N N 45  
2B3 H18  H N N 46  
2B3 H19  H N N 47  
2B3 H20  H N N 48  
ALA N    N N N 49  
ALA CA   C N S 50  
ALA C    C N N 51  
ALA O    O N N 52  
ALA CB   C N N 53  
ALA OXT  O N N 54  
ALA H    H N N 55  
ALA H2   H N N 56  
ALA HA   H N N 57  
ALA HB1  H N N 58  
ALA HB2  H N N 59  
ALA HB3  H N N 60  
ALA HXT  H N N 61  
ARG N    N N N 62  
ARG CA   C N S 63  
ARG C    C N N 64  
ARG O    O N N 65  
ARG CB   C N N 66  
ARG CG   C N N 67  
ARG CD   C N N 68  
ARG NE   N N N 69  
ARG CZ   C N N 70  
ARG NH1  N N N 71  
ARG NH2  N N N 72  
ARG OXT  O N N 73  
ARG H    H N N 74  
ARG H2   H N N 75  
ARG HA   H N N 76  
ARG HB2  H N N 77  
ARG HB3  H N N 78  
ARG HG2  H N N 79  
ARG HG3  H N N 80  
ARG HD2  H N N 81  
ARG HD3  H N N 82  
ARG HE   H N N 83  
ARG HH11 H N N 84  
ARG HH12 H N N 85  
ARG HH21 H N N 86  
ARG HH22 H N N 87  
ARG HXT  H N N 88  
ASN N    N N N 89  
ASN CA   C N S 90  
ASN C    C N N 91  
ASN O    O N N 92  
ASN CB   C N N 93  
ASN CG   C N N 94  
ASN OD1  O N N 95  
ASN ND2  N N N 96  
ASN OXT  O N N 97  
ASN H    H N N 98  
ASN H2   H N N 99  
ASN HA   H N N 100 
ASN HB2  H N N 101 
ASN HB3  H N N 102 
ASN HD21 H N N 103 
ASN HD22 H N N 104 
ASN HXT  H N N 105 
ASP N    N N N 106 
ASP CA   C N S 107 
ASP C    C N N 108 
ASP O    O N N 109 
ASP CB   C N N 110 
ASP CG   C N N 111 
ASP OD1  O N N 112 
ASP OD2  O N N 113 
ASP OXT  O N N 114 
ASP H    H N N 115 
ASP H2   H N N 116 
ASP HA   H N N 117 
ASP HB2  H N N 118 
ASP HB3  H N N 119 
ASP HD2  H N N 120 
ASP HXT  H N N 121 
GLN N    N N N 122 
GLN CA   C N S 123 
GLN C    C N N 124 
GLN O    O N N 125 
GLN CB   C N N 126 
GLN CG   C N N 127 
GLN CD   C N N 128 
GLN OE1  O N N 129 
GLN NE2  N N N 130 
GLN OXT  O N N 131 
GLN H    H N N 132 
GLN H2   H N N 133 
GLN HA   H N N 134 
GLN HB2  H N N 135 
GLN HB3  H N N 136 
GLN HG2  H N N 137 
GLN HG3  H N N 138 
GLN HE21 H N N 139 
GLN HE22 H N N 140 
GLN HXT  H N N 141 
GLU N    N N N 142 
GLU CA   C N S 143 
GLU C    C N N 144 
GLU O    O N N 145 
GLU CB   C N N 146 
GLU CG   C N N 147 
GLU CD   C N N 148 
GLU OE1  O N N 149 
GLU OE2  O N N 150 
GLU OXT  O N N 151 
GLU H    H N N 152 
GLU H2   H N N 153 
GLU HA   H N N 154 
GLU HB2  H N N 155 
GLU HB3  H N N 156 
GLU HG2  H N N 157 
GLU HG3  H N N 158 
GLU HE2  H N N 159 
GLU HXT  H N N 160 
GLY N    N N N 161 
GLY CA   C N N 162 
GLY C    C N N 163 
GLY O    O N N 164 
GLY OXT  O N N 165 
GLY H    H N N 166 
GLY H2   H N N 167 
GLY HA2  H N N 168 
GLY HA3  H N N 169 
GLY HXT  H N N 170 
HIS N    N N N 171 
HIS CA   C N S 172 
HIS C    C N N 173 
HIS O    O N N 174 
HIS CB   C N N 175 
HIS CG   C Y N 176 
HIS ND1  N Y N 177 
HIS CD2  C Y N 178 
HIS CE1  C Y N 179 
HIS NE2  N Y N 180 
HIS OXT  O N N 181 
HIS H    H N N 182 
HIS H2   H N N 183 
HIS HA   H N N 184 
HIS HB2  H N N 185 
HIS HB3  H N N 186 
HIS HD1  H N N 187 
HIS HD2  H N N 188 
HIS HE1  H N N 189 
HIS HE2  H N N 190 
HIS HXT  H N N 191 
HOH O    O N N 192 
HOH H1   H N N 193 
HOH H2   H N N 194 
ILE N    N N N 195 
ILE CA   C N S 196 
ILE C    C N N 197 
ILE O    O N N 198 
ILE CB   C N S 199 
ILE CG1  C N N 200 
ILE CG2  C N N 201 
ILE CD1  C N N 202 
ILE OXT  O N N 203 
ILE H    H N N 204 
ILE H2   H N N 205 
ILE HA   H N N 206 
ILE HB   H N N 207 
ILE HG12 H N N 208 
ILE HG13 H N N 209 
ILE HG21 H N N 210 
ILE HG22 H N N 211 
ILE HG23 H N N 212 
ILE HD11 H N N 213 
ILE HD12 H N N 214 
ILE HD13 H N N 215 
ILE HXT  H N N 216 
LEU N    N N N 217 
LEU CA   C N S 218 
LEU C    C N N 219 
LEU O    O N N 220 
LEU CB   C N N 221 
LEU CG   C N N 222 
LEU CD1  C N N 223 
LEU CD2  C N N 224 
LEU OXT  O N N 225 
LEU H    H N N 226 
LEU H2   H N N 227 
LEU HA   H N N 228 
LEU HB2  H N N 229 
LEU HB3  H N N 230 
LEU HG   H N N 231 
LEU HD11 H N N 232 
LEU HD12 H N N 233 
LEU HD13 H N N 234 
LEU HD21 H N N 235 
LEU HD22 H N N 236 
LEU HD23 H N N 237 
LEU HXT  H N N 238 
LYS N    N N N 239 
LYS CA   C N S 240 
LYS C    C N N 241 
LYS O    O N N 242 
LYS CB   C N N 243 
LYS CG   C N N 244 
LYS CD   C N N 245 
LYS CE   C N N 246 
LYS NZ   N N N 247 
LYS OXT  O N N 248 
LYS H    H N N 249 
LYS H2   H N N 250 
LYS HA   H N N 251 
LYS HB2  H N N 252 
LYS HB3  H N N 253 
LYS HG2  H N N 254 
LYS HG3  H N N 255 
LYS HD2  H N N 256 
LYS HD3  H N N 257 
LYS HE2  H N N 258 
LYS HE3  H N N 259 
LYS HZ1  H N N 260 
LYS HZ2  H N N 261 
LYS HZ3  H N N 262 
LYS HXT  H N N 263 
MET N    N N N 264 
MET CA   C N S 265 
MET C    C N N 266 
MET O    O N N 267 
MET CB   C N N 268 
MET CG   C N N 269 
MET SD   S N N 270 
MET CE   C N N 271 
MET OXT  O N N 272 
MET H    H N N 273 
MET H2   H N N 274 
MET HA   H N N 275 
MET HB2  H N N 276 
MET HB3  H N N 277 
MET HG2  H N N 278 
MET HG3  H N N 279 
MET HE1  H N N 280 
MET HE2  H N N 281 
MET HE3  H N N 282 
MET HXT  H N N 283 
PHE N    N N N 284 
PHE CA   C N S 285 
PHE C    C N N 286 
PHE O    O N N 287 
PHE CB   C N N 288 
PHE CG   C Y N 289 
PHE CD1  C Y N 290 
PHE CD2  C Y N 291 
PHE CE1  C Y N 292 
PHE CE2  C Y N 293 
PHE CZ   C Y N 294 
PHE OXT  O N N 295 
PHE H    H N N 296 
PHE H2   H N N 297 
PHE HA   H N N 298 
PHE HB2  H N N 299 
PHE HB3  H N N 300 
PHE HD1  H N N 301 
PHE HD2  H N N 302 
PHE HE1  H N N 303 
PHE HE2  H N N 304 
PHE HZ   H N N 305 
PHE HXT  H N N 306 
PRO N    N N N 307 
PRO CA   C N S 308 
PRO C    C N N 309 
PRO O    O N N 310 
PRO CB   C N N 311 
PRO CG   C N N 312 
PRO CD   C N N 313 
PRO OXT  O N N 314 
PRO H    H N N 315 
PRO HA   H N N 316 
PRO HB2  H N N 317 
PRO HB3  H N N 318 
PRO HG2  H N N 319 
PRO HG3  H N N 320 
PRO HD2  H N N 321 
PRO HD3  H N N 322 
PRO HXT  H N N 323 
SER N    N N N 324 
SER CA   C N S 325 
SER C    C N N 326 
SER O    O N N 327 
SER CB   C N N 328 
SER OG   O N N 329 
SER OXT  O N N 330 
SER H    H N N 331 
SER H2   H N N 332 
SER HA   H N N 333 
SER HB2  H N N 334 
SER HB3  H N N 335 
SER HG   H N N 336 
SER HXT  H N N 337 
THR N    N N N 338 
THR CA   C N S 339 
THR C    C N N 340 
THR O    O N N 341 
THR CB   C N R 342 
THR OG1  O N N 343 
THR CG2  C N N 344 
THR OXT  O N N 345 
THR H    H N N 346 
THR H2   H N N 347 
THR HA   H N N 348 
THR HB   H N N 349 
THR HG1  H N N 350 
THR HG21 H N N 351 
THR HG22 H N N 352 
THR HG23 H N N 353 
THR HXT  H N N 354 
TRP N    N N N 355 
TRP CA   C N S 356 
TRP C    C N N 357 
TRP O    O N N 358 
TRP CB   C N N 359 
TRP CG   C Y N 360 
TRP CD1  C Y N 361 
TRP CD2  C Y N 362 
TRP NE1  N Y N 363 
TRP CE2  C Y N 364 
TRP CE3  C Y N 365 
TRP CZ2  C Y N 366 
TRP CZ3  C Y N 367 
TRP CH2  C Y N 368 
TRP OXT  O N N 369 
TRP H    H N N 370 
TRP H2   H N N 371 
TRP HA   H N N 372 
TRP HB2  H N N 373 
TRP HB3  H N N 374 
TRP HD1  H N N 375 
TRP HE1  H N N 376 
TRP HE3  H N N 377 
TRP HZ2  H N N 378 
TRP HZ3  H N N 379 
TRP HH2  H N N 380 
TRP HXT  H N N 381 
TYR N    N N N 382 
TYR CA   C N S 383 
TYR C    C N N 384 
TYR O    O N N 385 
TYR CB   C N N 386 
TYR CG   C Y N 387 
TYR CD1  C Y N 388 
TYR CD2  C Y N 389 
TYR CE1  C Y N 390 
TYR CE2  C Y N 391 
TYR CZ   C Y N 392 
TYR OH   O N N 393 
TYR OXT  O N N 394 
TYR H    H N N 395 
TYR H2   H N N 396 
TYR HA   H N N 397 
TYR HB2  H N N 398 
TYR HB3  H N N 399 
TYR HD1  H N N 400 
TYR HD2  H N N 401 
TYR HE1  H N N 402 
TYR HE2  H N N 403 
TYR HH   H N N 404 
TYR HXT  H N N 405 
VAL N    N N N 406 
VAL CA   C N S 407 
VAL C    C N N 408 
VAL O    O N N 409 
VAL CB   C N N 410 
VAL CG1  C N N 411 
VAL CG2  C N N 412 
VAL OXT  O N N 413 
VAL H    H N N 414 
VAL H2   H N N 415 
VAL HA   H N N 416 
VAL HB   H N N 417 
VAL HG11 H N N 418 
VAL HG12 H N N 419 
VAL HG13 H N N 420 
VAL HG21 H N N 421 
VAL HG22 H N N 422 
VAL HG23 H N N 423 
VAL HXT  H N N 424 
# 
loop_
_chem_comp_bond.comp_id 
_chem_comp_bond.atom_id_1 
_chem_comp_bond.atom_id_2 
_chem_comp_bond.value_order 
_chem_comp_bond.pdbx_aromatic_flag 
_chem_comp_bond.pdbx_stereo_config 
_chem_comp_bond.pdbx_ordinal 
2B3 F2  C17  sing N N 1   
2B3 O3  C14  doub N N 2   
2B3 F1  C17  sing N N 3   
2B3 C17 F3   sing N N 4   
2B3 C17 C16  sing N N 5   
2B3 C12 C13  doub Y N 6   
2B3 C12 C11  sing Y N 7   
2B3 C14 C11  sing N N 8   
2B3 C14 N3   sing N N 9   
2B3 C15 C16  sing N N 10  
2B3 C15 N3   sing N N 11  
2B3 C13 C8   sing Y N 12  
2B3 C11 C10  doub Y N 13  
2B3 O2  S1   doub N N 14  
2B3 N2  C5   doub Y N 15  
2B3 N2  C6   sing Y N 16  
2B3 C4  C5   sing N N 17  
2B3 C4  N1   sing N N 18  
2B3 C8  C6   sing N N 19  
2B3 C8  C9   doub Y N 20  
2B3 C3  S1   sing N N 21  
2B3 C3  C2   sing N N 22  
2B3 C10 C9   sing Y N 23  
2B3 C5  S2   sing Y N 24  
2B3 C6  C7   doub Y N 25  
2B3 N1  S1   sing N N 26  
2B3 S1  O1   doub N N 27  
2B3 C2  C1   sing N N 28  
2B3 C7  S2   sing Y N 29  
2B3 C16 H1   sing N N 30  
2B3 C16 H2   sing N N 31  
2B3 C15 H3   sing N N 32  
2B3 C15 H4   sing N N 33  
2B3 N3  H5   sing N N 34  
2B3 C10 H6   sing N N 35  
2B3 C9  H7   sing N N 36  
2B3 C12 H8   sing N N 37  
2B3 C13 H9   sing N N 38  
2B3 C7  H10  sing N N 39  
2B3 C4  H11  sing N N 40  
2B3 C4  H12  sing N N 41  
2B3 N1  H13  sing N N 42  
2B3 C3  H14  sing N N 43  
2B3 C3  H15  sing N N 44  
2B3 C2  H16  sing N N 45  
2B3 C2  H17  sing N N 46  
2B3 C1  H18  sing N N 47  
2B3 C1  H19  sing N N 48  
2B3 C1  H20  sing N N 49  
ALA N   CA   sing N N 50  
ALA N   H    sing N N 51  
ALA N   H2   sing N N 52  
ALA CA  C    sing N N 53  
ALA CA  CB   sing N N 54  
ALA CA  HA   sing N N 55  
ALA C   O    doub N N 56  
ALA C   OXT  sing N N 57  
ALA CB  HB1  sing N N 58  
ALA CB  HB2  sing N N 59  
ALA CB  HB3  sing N N 60  
ALA OXT HXT  sing N N 61  
ARG N   CA   sing N N 62  
ARG N   H    sing N N 63  
ARG N   H2   sing N N 64  
ARG CA  C    sing N N 65  
ARG CA  CB   sing N N 66  
ARG CA  HA   sing N N 67  
ARG C   O    doub N N 68  
ARG C   OXT  sing N N 69  
ARG CB  CG   sing N N 70  
ARG CB  HB2  sing N N 71  
ARG CB  HB3  sing N N 72  
ARG CG  CD   sing N N 73  
ARG CG  HG2  sing N N 74  
ARG CG  HG3  sing N N 75  
ARG CD  NE   sing N N 76  
ARG CD  HD2  sing N N 77  
ARG CD  HD3  sing N N 78  
ARG NE  CZ   sing N N 79  
ARG NE  HE   sing N N 80  
ARG CZ  NH1  sing N N 81  
ARG CZ  NH2  doub N N 82  
ARG NH1 HH11 sing N N 83  
ARG NH1 HH12 sing N N 84  
ARG NH2 HH21 sing N N 85  
ARG NH2 HH22 sing N N 86  
ARG OXT HXT  sing N N 87  
ASN N   CA   sing N N 88  
ASN N   H    sing N N 89  
ASN N   H2   sing N N 90  
ASN CA  C    sing N N 91  
ASN CA  CB   sing N N 92  
ASN CA  HA   sing N N 93  
ASN C   O    doub N N 94  
ASN C   OXT  sing N N 95  
ASN CB  CG   sing N N 96  
ASN CB  HB2  sing N N 97  
ASN CB  HB3  sing N N 98  
ASN CG  OD1  doub N N 99  
ASN CG  ND2  sing N N 100 
ASN ND2 HD21 sing N N 101 
ASN ND2 HD22 sing N N 102 
ASN OXT HXT  sing N N 103 
ASP N   CA   sing N N 104 
ASP N   H    sing N N 105 
ASP N   H2   sing N N 106 
ASP CA  C    sing N N 107 
ASP CA  CB   sing N N 108 
ASP CA  HA   sing N N 109 
ASP C   O    doub N N 110 
ASP C   OXT  sing N N 111 
ASP CB  CG   sing N N 112 
ASP CB  HB2  sing N N 113 
ASP CB  HB3  sing N N 114 
ASP CG  OD1  doub N N 115 
ASP CG  OD2  sing N N 116 
ASP OD2 HD2  sing N N 117 
ASP OXT HXT  sing N N 118 
GLN N   CA   sing N N 119 
GLN N   H    sing N N 120 
GLN N   H2   sing N N 121 
GLN CA  C    sing N N 122 
GLN CA  CB   sing N N 123 
GLN CA  HA   sing N N 124 
GLN C   O    doub N N 125 
GLN C   OXT  sing N N 126 
GLN CB  CG   sing N N 127 
GLN CB  HB2  sing N N 128 
GLN CB  HB3  sing N N 129 
GLN CG  CD   sing N N 130 
GLN CG  HG2  sing N N 131 
GLN CG  HG3  sing N N 132 
GLN CD  OE1  doub N N 133 
GLN CD  NE2  sing N N 134 
GLN NE2 HE21 sing N N 135 
GLN NE2 HE22 sing N N 136 
GLN OXT HXT  sing N N 137 
GLU N   CA   sing N N 138 
GLU N   H    sing N N 139 
GLU N   H2   sing N N 140 
GLU CA  C    sing N N 141 
GLU CA  CB   sing N N 142 
GLU CA  HA   sing N N 143 
GLU C   O    doub N N 144 
GLU C   OXT  sing N N 145 
GLU CB  CG   sing N N 146 
GLU CB  HB2  sing N N 147 
GLU CB  HB3  sing N N 148 
GLU CG  CD   sing N N 149 
GLU CG  HG2  sing N N 150 
GLU CG  HG3  sing N N 151 
GLU CD  OE1  doub N N 152 
GLU CD  OE2  sing N N 153 
GLU OE2 HE2  sing N N 154 
GLU OXT HXT  sing N N 155 
GLY N   CA   sing N N 156 
GLY N   H    sing N N 157 
GLY N   H2   sing N N 158 
GLY CA  C    sing N N 159 
GLY CA  HA2  sing N N 160 
GLY CA  HA3  sing N N 161 
GLY C   O    doub N N 162 
GLY C   OXT  sing N N 163 
GLY OXT HXT  sing N N 164 
HIS N   CA   sing N N 165 
HIS N   H    sing N N 166 
HIS N   H2   sing N N 167 
HIS CA  C    sing N N 168 
HIS CA  CB   sing N N 169 
HIS CA  HA   sing N N 170 
HIS C   O    doub N N 171 
HIS C   OXT  sing N N 172 
HIS CB  CG   sing N N 173 
HIS CB  HB2  sing N N 174 
HIS CB  HB3  sing N N 175 
HIS CG  ND1  sing Y N 176 
HIS CG  CD2  doub Y N 177 
HIS ND1 CE1  doub Y N 178 
HIS ND1 HD1  sing N N 179 
HIS CD2 NE2  sing Y N 180 
HIS CD2 HD2  sing N N 181 
HIS CE1 NE2  sing Y N 182 
HIS CE1 HE1  sing N N 183 
HIS NE2 HE2  sing N N 184 
HIS OXT HXT  sing N N 185 
HOH O   H1   sing N N 186 
HOH O   H2   sing N N 187 
ILE N   CA   sing N N 188 
ILE N   H    sing N N 189 
ILE N   H2   sing N N 190 
ILE CA  C    sing N N 191 
ILE CA  CB   sing N N 192 
ILE CA  HA   sing N N 193 
ILE C   O    doub N N 194 
ILE C   OXT  sing N N 195 
ILE CB  CG1  sing N N 196 
ILE CB  CG2  sing N N 197 
ILE CB  HB   sing N N 198 
ILE CG1 CD1  sing N N 199 
ILE CG1 HG12 sing N N 200 
ILE CG1 HG13 sing N N 201 
ILE CG2 HG21 sing N N 202 
ILE CG2 HG22 sing N N 203 
ILE CG2 HG23 sing N N 204 
ILE CD1 HD11 sing N N 205 
ILE CD1 HD12 sing N N 206 
ILE CD1 HD13 sing N N 207 
ILE OXT HXT  sing N N 208 
LEU N   CA   sing N N 209 
LEU N   H    sing N N 210 
LEU N   H2   sing N N 211 
LEU CA  C    sing N N 212 
LEU CA  CB   sing N N 213 
LEU CA  HA   sing N N 214 
LEU C   O    doub N N 215 
LEU C   OXT  sing N N 216 
LEU CB  CG   sing N N 217 
LEU CB  HB2  sing N N 218 
LEU CB  HB3  sing N N 219 
LEU CG  CD1  sing N N 220 
LEU CG  CD2  sing N N 221 
LEU CG  HG   sing N N 222 
LEU CD1 HD11 sing N N 223 
LEU CD1 HD12 sing N N 224 
LEU CD1 HD13 sing N N 225 
LEU CD2 HD21 sing N N 226 
LEU CD2 HD22 sing N N 227 
LEU CD2 HD23 sing N N 228 
LEU OXT HXT  sing N N 229 
LYS N   CA   sing N N 230 
LYS N   H    sing N N 231 
LYS N   H2   sing N N 232 
LYS CA  C    sing N N 233 
LYS CA  CB   sing N N 234 
LYS CA  HA   sing N N 235 
LYS C   O    doub N N 236 
LYS C   OXT  sing N N 237 
LYS CB  CG   sing N N 238 
LYS CB  HB2  sing N N 239 
LYS CB  HB3  sing N N 240 
LYS CG  CD   sing N N 241 
LYS CG  HG2  sing N N 242 
LYS CG  HG3  sing N N 243 
LYS CD  CE   sing N N 244 
LYS CD  HD2  sing N N 245 
LYS CD  HD3  sing N N 246 
LYS CE  NZ   sing N N 247 
LYS CE  HE2  sing N N 248 
LYS CE  HE3  sing N N 249 
LYS NZ  HZ1  sing N N 250 
LYS NZ  HZ2  sing N N 251 
LYS NZ  HZ3  sing N N 252 
LYS OXT HXT  sing N N 253 
MET N   CA   sing N N 254 
MET N   H    sing N N 255 
MET N   H2   sing N N 256 
MET CA  C    sing N N 257 
MET CA  CB   sing N N 258 
MET CA  HA   sing N N 259 
MET C   O    doub N N 260 
MET C   OXT  sing N N 261 
MET CB  CG   sing N N 262 
MET CB  HB2  sing N N 263 
MET CB  HB3  sing N N 264 
MET CG  SD   sing N N 265 
MET CG  HG2  sing N N 266 
MET CG  HG3  sing N N 267 
MET SD  CE   sing N N 268 
MET CE  HE1  sing N N 269 
MET CE  HE2  sing N N 270 
MET CE  HE3  sing N N 271 
MET OXT HXT  sing N N 272 
PHE N   CA   sing N N 273 
PHE N   H    sing N N 274 
PHE N   H2   sing N N 275 
PHE CA  C    sing N N 276 
PHE CA  CB   sing N N 277 
PHE CA  HA   sing N N 278 
PHE C   O    doub N N 279 
PHE C   OXT  sing N N 280 
PHE CB  CG   sing N N 281 
PHE CB  HB2  sing N N 282 
PHE CB  HB3  sing N N 283 
PHE CG  CD1  doub Y N 284 
PHE CG  CD2  sing Y N 285 
PHE CD1 CE1  sing Y N 286 
PHE CD1 HD1  sing N N 287 
PHE CD2 CE2  doub Y N 288 
PHE CD2 HD2  sing N N 289 
PHE CE1 CZ   doub Y N 290 
PHE CE1 HE1  sing N N 291 
PHE CE2 CZ   sing Y N 292 
PHE CE2 HE2  sing N N 293 
PHE CZ  HZ   sing N N 294 
PHE OXT HXT  sing N N 295 
PRO N   CA   sing N N 296 
PRO N   CD   sing N N 297 
PRO N   H    sing N N 298 
PRO CA  C    sing N N 299 
PRO CA  CB   sing N N 300 
PRO CA  HA   sing N N 301 
PRO C   O    doub N N 302 
PRO C   OXT  sing N N 303 
PRO CB  CG   sing N N 304 
PRO CB  HB2  sing N N 305 
PRO CB  HB3  sing N N 306 
PRO CG  CD   sing N N 307 
PRO CG  HG2  sing N N 308 
PRO CG  HG3  sing N N 309 
PRO CD  HD2  sing N N 310 
PRO CD  HD3  sing N N 311 
PRO OXT HXT  sing N N 312 
SER N   CA   sing N N 313 
SER N   H    sing N N 314 
SER N   H2   sing N N 315 
SER CA  C    sing N N 316 
SER CA  CB   sing N N 317 
SER CA  HA   sing N N 318 
SER C   O    doub N N 319 
SER C   OXT  sing N N 320 
SER CB  OG   sing N N 321 
SER CB  HB2  sing N N 322 
SER CB  HB3  sing N N 323 
SER OG  HG   sing N N 324 
SER OXT HXT  sing N N 325 
THR N   CA   sing N N 326 
THR N   H    sing N N 327 
THR N   H2   sing N N 328 
THR CA  C    sing N N 329 
THR CA  CB   sing N N 330 
THR CA  HA   sing N N 331 
THR C   O    doub N N 332 
THR C   OXT  sing N N 333 
THR CB  OG1  sing N N 334 
THR CB  CG2  sing N N 335 
THR CB  HB   sing N N 336 
THR OG1 HG1  sing N N 337 
THR CG2 HG21 sing N N 338 
THR CG2 HG22 sing N N 339 
THR CG2 HG23 sing N N 340 
THR OXT HXT  sing N N 341 
TRP N   CA   sing N N 342 
TRP N   H    sing N N 343 
TRP N   H2   sing N N 344 
TRP CA  C    sing N N 345 
TRP CA  CB   sing N N 346 
TRP CA  HA   sing N N 347 
TRP C   O    doub N N 348 
TRP C   OXT  sing N N 349 
TRP CB  CG   sing N N 350 
TRP CB  HB2  sing N N 351 
TRP CB  HB3  sing N N 352 
TRP CG  CD1  doub Y N 353 
TRP CG  CD2  sing Y N 354 
TRP CD1 NE1  sing Y N 355 
TRP CD1 HD1  sing N N 356 
TRP CD2 CE2  doub Y N 357 
TRP CD2 CE3  sing Y N 358 
TRP NE1 CE2  sing Y N 359 
TRP NE1 HE1  sing N N 360 
TRP CE2 CZ2  sing Y N 361 
TRP CE3 CZ3  doub Y N 362 
TRP CE3 HE3  sing N N 363 
TRP CZ2 CH2  doub Y N 364 
TRP CZ2 HZ2  sing N N 365 
TRP CZ3 CH2  sing Y N 366 
TRP CZ3 HZ3  sing N N 367 
TRP CH2 HH2  sing N N 368 
TRP OXT HXT  sing N N 369 
TYR N   CA   sing N N 370 
TYR N   H    sing N N 371 
TYR N   H2   sing N N 372 
TYR CA  C    sing N N 373 
TYR CA  CB   sing N N 374 
TYR CA  HA   sing N N 375 
TYR C   O    doub N N 376 
TYR C   OXT  sing N N 377 
TYR CB  CG   sing N N 378 
TYR CB  HB2  sing N N 379 
TYR CB  HB3  sing N N 380 
TYR CG  CD1  doub Y N 381 
TYR CG  CD2  sing Y N 382 
TYR CD1 CE1  sing Y N 383 
TYR CD1 HD1  sing N N 384 
TYR CD2 CE2  doub Y N 385 
TYR CD2 HD2  sing N N 386 
TYR CE1 CZ   doub Y N 387 
TYR CE1 HE1  sing N N 388 
TYR CE2 CZ   sing Y N 389 
TYR CE2 HE2  sing N N 390 
TYR CZ  OH   sing N N 391 
TYR OH  HH   sing N N 392 
TYR OXT HXT  sing N N 393 
VAL N   CA   sing N N 394 
VAL N   H    sing N N 395 
VAL N   H2   sing N N 396 
VAL CA  C    sing N N 397 
VAL CA  CB   sing N N 398 
VAL CA  HA   sing N N 399 
VAL C   O    doub N N 400 
VAL C   OXT  sing N N 401 
VAL CB  CG1  sing N N 402 
VAL CB  CG2  sing N N 403 
VAL CB  HB   sing N N 404 
VAL CG1 HG11 sing N N 405 
VAL CG1 HG12 sing N N 406 
VAL CG1 HG13 sing N N 407 
VAL CG2 HG21 sing N N 408 
VAL CG2 HG22 sing N N 409 
VAL CG2 HG23 sing N N 410 
VAL OXT HXT  sing N N 411 
# 
_atom_sites.entry_id                    4M3E 
_atom_sites.fract_transf_matrix[1][1]   0.00578048 
_atom_sites.fract_transf_matrix[1][2]   -0.00217025 
_atom_sites.fract_transf_matrix[1][3]   -0.00538529 
_atom_sites.fract_transf_matrix[2][1]   -0.00239096 
_atom_sites.fract_transf_matrix[2][2]   -0.00781465 
_atom_sites.fract_transf_matrix[2][3]   0.00058285 
_atom_sites.fract_transf_matrix[3][1]   -0.01908582 
_atom_sites.fract_transf_matrix[3][2]   0.00418571 
_atom_sites.fract_transf_matrix[3][3]   -0.02217319 
_atom_sites.fract_transf_vector[1]      -0.288791 
_atom_sites.fract_transf_vector[2]      0.140949 
_atom_sites.fract_transf_vector[3]      -0.241282 
# 
loop_
_atom_type.symbol 
C 
F 
N 
O 
S 
# 
loop_
_atom_site.group_PDB 
_atom_site.id 
_atom_site.type_symbol 
_atom_site.label_atom_id 
_atom_site.label_alt_id 
_atom_site.label_comp_id 
_atom_site.label_asym_id 
_atom_site.label_entity_id 
_atom_site.label_seq_id 
_atom_site.pdbx_PDB_ins_code 
_atom_site.Cartn_x 
_atom_site.Cartn_y 
_atom_site.Cartn_z 
_atom_site.occupancy 
_atom_site.B_iso_or_equiv 
_atom_site.pdbx_formal_charge 
_atom_site.auth_seq_id 
_atom_site.auth_comp_id 
_atom_site.auth_asym_id 
_atom_site.auth_atom_id 
_atom_site.pdbx_PDB_model_num 
ATOM   1    N N   . GLY A 1 22  ? -22.290 7.240   17.749  1.00 55.45 ? 22  GLY A N   1 
ATOM   2    C CA  . GLY A 1 22  ? -20.894 7.699   18.013  1.00 55.38 ? 22  GLY A CA  1 
ATOM   3    C C   . GLY A 1 22  ? -19.975 7.410   16.842  1.00 55.55 ? 22  GLY A C   1 
ATOM   4    O O   . GLY A 1 22  ? -19.822 6.271   16.413  1.00 55.13 ? 22  GLY A O   1 
ATOM   5    N N   . ASP A 1 23  ? -19.371 8.463   16.308  1.00 56.00 ? 23  ASP A N   1 
ATOM   6    C CA  . ASP A 1 23  ? -18.308 8.330   15.305  1.00 55.97 ? 23  ASP A CA  1 
ATOM   7    C C   . ASP A 1 23  ? -17.017 7.938   16.029  1.00 55.29 ? 23  ASP A C   1 
ATOM   8    O O   . ASP A 1 23  ? -16.208 7.130   15.548  1.00 54.89 ? 23  ASP A O   1 
ATOM   9    C CB  . ASP A 1 23  ? -18.128 9.673   14.588  1.00 56.57 ? 23  ASP A CB  1 
ATOM   10   C CG  . ASP A 1 23  ? -16.811 9.771   13.845  1.00 58.30 ? 23  ASP A CG  1 
ATOM   11   O OD1 . ASP A 1 23  ? -16.866 9.903   12.593  1.00 59.61 ? 23  ASP A OD1 1 
ATOM   12   O OD2 . ASP A 1 23  ? -15.739 9.719   14.516  1.00 58.20 ? 23  ASP A OD2 1 
ATOM   13   N N   . ASP A 1 24  ? -16.850 8.573   17.189  1.00 54.28 ? 24  ASP A N   1 
ATOM   14   C CA  . ASP A 1 24  ? -15.862 8.248   18.195  1.00 52.86 ? 24  ASP A CA  1 
ATOM   15   C C   . ASP A 1 24  ? -15.833 6.716   18.459  1.00 51.57 ? 24  ASP A C   1 
ATOM   16   O O   . ASP A 1 24  ? -14.759 6.116   18.599  1.00 51.59 ? 24  ASP A O   1 
ATOM   17   C CB  . ASP A 1 24  ? -16.238 9.083   19.428  1.00 53.42 ? 24  ASP A CB  1 
ATOM   18   C CG  . ASP A 1 24  ? -15.510 8.672   20.692  1.00 54.52 ? 24  ASP A CG  1 
ATOM   19   O OD1 . ASP A 1 24  ? -14.326 8.253   20.610  1.00 56.01 ? 24  ASP A OD1 1 
ATOM   20   O OD2 . ASP A 1 24  ? -16.135 8.813   21.777  1.00 53.54 ? 24  ASP A OD2 1 
ATOM   21   N N   . ARG A 1 25  ? -17.009 6.086   18.482  1.00 49.18 ? 25  ARG A N   1 
ATOM   22   C CA  . ARG A 1 25  ? -17.085 4.638   18.585  1.00 46.68 ? 25  ARG A CA  1 
ATOM   23   C C   . ARG A 1 25  ? -16.687 3.877   17.300  1.00 44.76 ? 25  ARG A C   1 
ATOM   24   O O   . ARG A 1 25  ? -16.153 2.774   17.379  1.00 43.40 ? 25  ARG A O   1 
ATOM   25   C CB  . ARG A 1 25  ? -18.446 4.204   19.124  1.00 46.86 ? 25  ARG A CB  1 
ATOM   26   C CG  . ARG A 1 25  ? -18.609 4.521   20.631  1.00 48.88 ? 25  ARG A CG  1 
ATOM   27   C CD  . ARG A 1 25  ? -19.904 3.970   21.244  1.00 51.27 ? 25  ARG A CD  1 
ATOM   28   N NE  . ARG A 1 25  ? -21.102 4.737   20.876  1.00 53.34 ? 25  ARG A NE  1 
ATOM   29   C CZ  . ARG A 1 25  ? -22.361 4.385   21.161  1.00 53.12 ? 25  ARG A CZ  1 
ATOM   30   N NH1 . ARG A 1 25  ? -22.618 3.276   21.848  1.00 51.78 ? 25  ARG A NH1 1 
ATOM   31   N NH2 . ARG A 1 25  ? -23.370 5.156   20.765  1.00 51.21 ? 25  ARG A NH2 1 
ATOM   32   N N   . GLU A 1 26  ? -16.938 4.441   16.117  1.00 42.75 ? 26  GLU A N   1 
ATOM   33   C CA  . GLU A 1 26  ? -16.461 3.768   14.903  1.00 40.74 ? 26  GLU A CA  1 
ATOM   34   C C   . GLU A 1 26  ? -14.942 3.713   15.004  1.00 38.78 ? 26  GLU A C   1 
ATOM   35   O O   . GLU A 1 26  ? -14.361 2.656   14.882  1.00 37.71 ? 26  GLU A O   1 
ATOM   36   C CB  . GLU A 1 26  ? -16.913 4.455   13.617  1.00 40.55 ? 26  GLU A CB  1 
ATOM   37   C CG  . GLU A 1 26  ? -16.708 3.590   12.365  1.00 43.41 ? 26  GLU A CG  1 
ATOM   38   C CD  . GLU A 1 26  ? -17.653 3.953   11.211  1.00 47.63 ? 26  GLU A CD  1 
ATOM   39   O OE1 . GLU A 1 26  ? -18.585 4.766   11.432  1.00 50.11 ? 26  GLU A OE1 1 
ATOM   40   O OE2 . GLU A 1 26  ? -17.478 3.427   10.085  1.00 46.01 ? 26  GLU A OE2 1 
ATOM   41   N N   . LEU A 1 27  ? -14.332 4.855   15.306  1.00 37.18 ? 27  LEU A N   1 
ATOM   42   C CA  . LEU A 1 27  ? -12.886 4.972   15.400  1.00 36.18 ? 27  LEU A CA  1 
ATOM   43   C C   . LEU A 1 27  ? -12.252 3.977   16.379  1.00 35.33 ? 27  LEU A C   1 
ATOM   44   O O   . LEU A 1 27  ? -11.177 3.396   16.097  1.00 35.20 ? 27  LEU A O   1 
ATOM   45   C CB  . LEU A 1 27  ? -12.483 6.415   15.706  1.00 35.88 ? 27  LEU A CB  1 
ATOM   46   C CG  . LEU A 1 27  ? -12.584 7.345   14.487  1.00 36.44 ? 27  LEU A CG  1 
ATOM   47   C CD1 . LEU A 1 27  ? -11.985 8.724   14.794  1.00 35.38 ? 27  LEU A CD1 1 
ATOM   48   C CD2 . LEU A 1 27  ? -11.861 6.711   13.265  1.00 35.67 ? 27  LEU A CD2 1 
ATOM   49   N N   . ALA A 1 28  ? -12.929 3.758   17.507  1.00 34.00 ? 28  ALA A N   1 
ATOM   50   C CA  . ALA A 1 28  ? -12.396 2.899   18.566  1.00 32.37 ? 28  ALA A CA  1 
ATOM   51   C C   . ALA A 1 28  ? -12.408 1.446   18.106  1.00 31.34 ? 28  ALA A C   1 
ATOM   52   O O   . ALA A 1 28  ? -11.613 0.613   18.602  1.00 31.15 ? 28  ALA A O   1 
ATOM   53   C CB  . ALA A 1 28  ? -13.204 3.067   19.882  1.00 32.61 ? 28  ALA A CB  1 
ATOM   54   N N   . ILE A 1 29  ? -13.315 1.128   17.184  1.00 29.57 ? 29  ILE A N   1 
ATOM   55   C CA  . ILE A 1 29  ? -13.363 -0.228  16.647  1.00 29.05 ? 29  ILE A CA  1 
ATOM   56   C C   . ILE A 1 29  ? -12.200 -0.403  15.658  1.00 28.60 ? 29  ILE A C   1 
ATOM   57   O O   . ILE A 1 29  ? -11.615 -1.479  15.561  1.00 28.46 ? 29  ILE A O   1 
ATOM   58   C CB  . ILE A 1 29  ? -14.693 -0.515  15.942  1.00 28.92 ? 29  ILE A CB  1 
ATOM   59   C CG1 . ILE A 1 29  ? -15.859 -0.182  16.876  1.00 28.84 ? 29  ILE A CG1 1 
ATOM   60   C CG2 . ILE A 1 29  ? -14.761 -1.992  15.510  1.00 27.98 ? 29  ILE A CG2 1 
ATOM   61   C CD1 . ILE A 1 29  ? -17.226 -0.652  16.369  1.00 28.90 ? 29  ILE A CD1 1 
ATOM   62   N N   . LEU A 1 30  ? -11.889 0.682   14.950  1.00 28.49 ? 30  LEU A N   1 
ATOM   63   C CA  . LEU A 1 30  ? -10.813 0.753   13.966  1.00 29.00 ? 30  LEU A CA  1 
ATOM   64   C C   . LEU A 1 30  ? -9.469  0.665   14.666  1.00 29.85 ? 30  LEU A C   1 
ATOM   65   O O   . LEU A 1 30  ? -8.630  -0.162  14.271  1.00 30.04 ? 30  LEU A O   1 
ATOM   66   C CB  . LEU A 1 30  ? -10.920 2.013   13.106  1.00 27.74 ? 30  LEU A CB  1 
ATOM   67   C CG  . LEU A 1 30  ? -12.091 1.903   12.134  1.00 27.11 ? 30  LEU A CG  1 
ATOM   68   C CD1 . LEU A 1 30  ? -12.454 3.217   11.471  1.00 25.70 ? 30  LEU A CD1 1 
ATOM   69   C CD2 . LEU A 1 30  ? -11.780 0.865   11.080  1.00 26.63 ? 30  LEU A CD2 1 
ATOM   70   N N   . ALA A 1 31  ? -9.280  1.450   15.731  1.00 30.16 ? 31  ALA A N   1 
ATOM   71   C CA  . ALA A 1 31  ? -8.025  1.351   16.479  1.00 30.61 ? 31  ALA A CA  1 
ATOM   72   C C   . ALA A 1 31  ? -7.818  -0.018  17.136  1.00 30.91 ? 31  ALA A C   1 
ATOM   73   O O   . ALA A 1 31  ? -6.712  -0.558  17.042  1.00 31.79 ? 31  ALA A O   1 
ATOM   74   C CB  . ALA A 1 31  ? -7.876  2.457   17.469  1.00 30.38 ? 31  ALA A CB  1 
ATOM   75   N N   . THR A 1 32  ? -8.868  -0.583  17.743  1.00 31.34 ? 32  THR A N   1 
ATOM   76   C CA  . THR A 1 32  ? -8.835  -1.940  18.361  1.00 31.03 ? 32  THR A CA  1 
ATOM   77   C C   . THR A 1 32  ? -8.405  -3.047  17.426  1.00 31.60 ? 32  THR A C   1 
ATOM   78   O O   . THR A 1 32  ? -7.495  -3.811  17.740  1.00 32.24 ? 32  THR A O   1 
ATOM   79   C CB  . THR A 1 32  ? -10.191 -2.361  18.926  1.00 30.59 ? 32  THR A CB  1 
ATOM   80   O OG1 . THR A 1 32  ? -10.595 -1.416  19.910  1.00 30.92 ? 32  THR A OG1 1 
ATOM   81   C CG2 . THR A 1 32  ? -10.107 -3.745  19.567  1.00 28.85 ? 32  THR A CG2 1 
ATOM   82   N N   . ALA A 1 33  ? -9.093  -3.159  16.294  1.00 32.67 ? 33  ALA A N   1 
ATOM   83   C CA  . ALA A 1 33  ? -8.714  -4.111  15.236  1.00 32.43 ? 33  ALA A CA  1 
ATOM   84   C C   . ALA A 1 33  ? -7.256  -3.920  14.826  1.00 32.26 ? 33  ALA A C   1 
ATOM   85   O O   . ALA A 1 33  ? -6.491  -4.864  14.825  1.00 32.66 ? 33  ALA A O   1 
ATOM   86   C CB  . ALA A 1 33  ? -9.644  -3.965  14.023  1.00 32.16 ? 33  ALA A CB  1 
ATOM   87   N N   . GLU A 1 34  ? -6.866  -2.705  14.484  1.00 32.23 ? 34  GLU A N   1 
ATOM   88   C CA  . GLU A 1 34  ? -5.488  -2.500  14.087  1.00 33.23 ? 34  GLU A CA  1 
ATOM   89   C C   . GLU A 1 34  ? -4.521  -3.056  15.169  1.00 34.25 ? 34  GLU A C   1 
ATOM   90   O O   . GLU A 1 34  ? -3.630  -3.871  14.880  1.00 34.27 ? 34  GLU A O   1 
ATOM   91   C CB  . GLU A 1 34  ? -5.225  -1.035  13.735  1.00 32.82 ? 34  GLU A CB  1 
ATOM   92   C CG  . GLU A 1 34  ? -3.744  -0.760  13.585  1.00 33.23 ? 34  GLU A CG  1 
ATOM   93   C CD  . GLU A 1 34  ? -3.373  -0.013  12.348  1.00 34.18 ? 34  GLU A CD  1 
ATOM   94   O OE1 . GLU A 1 34  ? -3.960  1.068   12.085  1.00 33.11 ? 34  GLU A OE1 1 
ATOM   95   O OE2 . GLU A 1 34  ? -2.449  -0.509  11.645  1.00 36.25 ? 34  GLU A OE2 1 
ATOM   96   N N   . ASN A 1 35  ? -4.731  -2.635  16.416  1.00 34.91 ? 35  ASN A N   1 
ATOM   97   C CA  . ASN A 1 35  ? -4.018  -3.194  17.561  1.00 35.36 ? 35  ASN A CA  1 
ATOM   98   C C   . ASN A 1 35  ? -3.987  -4.706  17.649  1.00 35.58 ? 35  ASN A C   1 
ATOM   99   O O   . ASN A 1 35  ? -2.930  -5.283  17.896  1.00 36.35 ? 35  ASN A O   1 
ATOM   100  C CB  . ASN A 1 35  ? -4.601  -2.654  18.859  1.00 35.86 ? 35  ASN A CB  1 
ATOM   101  C CG  . ASN A 1 35  ? -4.168  -1.236  19.139  1.00 38.03 ? 35  ASN A CG  1 
ATOM   102  O OD1 . ASN A 1 35  ? -3.140  -0.766  18.627  1.00 41.29 ? 35  ASN A OD1 1 
ATOM   103  N ND2 . ASN A 1 35  ? -4.948  -0.533  19.958  1.00 40.69 ? 35  ASN A ND2 1 
ATOM   104  N N   . LEU A 1 36  ? -5.135  -5.358  17.493  1.00 35.14 ? 36  LEU A N   1 
ATOM   105  C CA  . LEU A 1 36  ? -5.195  -6.793  17.746  1.00 34.96 ? 36  LEU A CA  1 
ATOM   106  C C   . LEU A 1 36  ? -4.560  -7.595  16.622  1.00 35.15 ? 36  LEU A C   1 
ATOM   107  O O   . LEU A 1 36  ? -4.174  -8.746  16.813  1.00 34.12 ? 36  LEU A O   1 
ATOM   108  C CB  . LEU A 1 36  ? -6.639  -7.260  18.067  1.00 34.60 ? 36  LEU A CB  1 
ATOM   109  C CG  . LEU A 1 36  ? -7.198  -6.839  19.447  1.00 33.98 ? 36  LEU A CG  1 
ATOM   110  C CD1 . LEU A 1 36  ? -8.667  -7.173  19.600  1.00 33.65 ? 36  LEU A CD1 1 
ATOM   111  C CD2 . LEU A 1 36  ? -6.408  -7.446  20.582  1.00 29.50 ? 36  LEU A CD2 1 
ATOM   112  N N   . LEU A 1 37  ? -4.462  -6.959  15.455  1.00 36.32 ? 37  LEU A N   1 
ATOM   113  C CA  . LEU A 1 37  ? -3.849  -7.563  14.272  1.00 37.19 ? 37  LEU A CA  1 
ATOM   114  C C   . LEU A 1 37  ? -2.335  -7.564  14.341  1.00 38.13 ? 37  LEU A C   1 
ATOM   115  O O   . LEU A 1 37  ? -1.686  -8.271  13.553  1.00 38.28 ? 37  LEU A O   1 
ATOM   116  C CB  . LEU A 1 37  ? -4.281  -6.842  12.993  1.00 37.12 ? 37  LEU A CB  1 
ATOM   117  C CG  . LEU A 1 37  ? -5.596  -7.244  12.313  1.00 36.34 ? 37  LEU A CG  1 
ATOM   118  C CD1 . LEU A 1 37  ? -5.993  -6.169  11.356  1.00 32.08 ? 37  LEU A CD1 1 
ATOM   119  C CD2 . LEU A 1 37  ? -5.490  -8.572  11.608  1.00 33.85 ? 37  LEU A CD2 1 
ATOM   120  N N   . GLU A 1 38  ? -1.774  -6.748  15.244  1.00 39.03 ? 38  GLU A N   1 
ATOM   121  C CA  . GLU A 1 38  ? -0.321  -6.660  15.407  1.00 40.49 ? 38  GLU A CA  1 
ATOM   122  C C   . GLU A 1 38  ? 0.180   -7.907  16.090  1.00 41.09 ? 38  GLU A C   1 
ATOM   123  O O   . GLU A 1 38  ? 1.272   -8.352  15.801  1.00 41.52 ? 38  GLU A O   1 
ATOM   124  C CB  . GLU A 1 38  ? 0.078   -5.402  16.161  1.00 40.35 ? 38  GLU A CB  1 
ATOM   125  C CG  . GLU A 1 38  ? -0.675  -4.228  15.636  1.00 43.01 ? 38  GLU A CG  1 
ATOM   126  C CD  . GLU A 1 38  ? -0.042  -2.877  15.951  1.00 46.74 ? 38  GLU A CD  1 
ATOM   127  O OE1 . GLU A 1 38  ? 0.717   -2.374  15.082  1.00 46.83 ? 38  GLU A OE1 1 
ATOM   128  O OE2 . GLU A 1 38  ? -0.331  -2.309  17.035  1.00 46.28 ? 38  GLU A OE2 1 
ATOM   129  N N   . ASP A 1 39  ? -0.668  -8.516  16.920  1.00 42.30 ? 39  ASP A N   1 
ATOM   130  C CA  . ASP A 1 39  ? -0.344  -9.767  17.642  1.00 42.98 ? 39  ASP A CA  1 
ATOM   131  C C   . ASP A 1 39  ? -1.025  -11.060 17.149  1.00 42.19 ? 39  ASP A C   1 
ATOM   132  O O   . ASP A 1 39  ? -0.529  -12.149 17.403  1.00 42.68 ? 39  ASP A O   1 
ATOM   133  C CB  . ASP A 1 39  ? -0.522  -9.561  19.157  1.00 43.57 ? 39  ASP A CB  1 
ATOM   134  C CG  . ASP A 1 39  ? 0.411   -8.458  19.699  1.00 45.93 ? 39  ASP A CG  1 
ATOM   135  O OD1 . ASP A 1 39  ? 1.613   -8.459  19.315  1.00 48.00 ? 39  ASP A OD1 1 
ATOM   136  O OD2 . ASP A 1 39  ? -0.042  -7.583  20.480  1.00 45.75 ? 39  ASP A OD2 1 
ATOM   137  N N   . ARG A 1 40  ? -2.132  -10.960 16.431  1.00 41.82 ? 40  ARG A N   1 
ATOM   138  C CA  . ARG A 1 40  ? -2.764  -12.174 15.867  1.00 41.13 ? 40  ARG A CA  1 
ATOM   139  C C   . ARG A 1 40  ? -3.518  -11.947 14.558  1.00 40.32 ? 40  ARG A C   1 
ATOM   140  O O   . ARG A 1 40  ? -3.817  -10.807 14.233  1.00 38.86 ? 40  ARG A O   1 
ATOM   141  C CB  . ARG A 1 40  ? -3.643  -12.915 16.892  1.00 41.26 ? 40  ARG A CB  1 
ATOM   142  C CG  . ARG A 1 40  ? -4.393  -12.072 17.903  1.00 42.31 ? 40  ARG A CG  1 
ATOM   143  C CD  . ARG A 1 40  ? -5.369  -12.982 18.692  1.00 44.31 ? 40  ARG A CD  1 
ATOM   144  N NE  . ARG A 1 40  ? -6.574  -12.238 19.078  1.00 45.96 ? 40  ARG A NE  1 
ATOM   145  C CZ  . ARG A 1 40  ? -6.716  -11.535 20.199  1.00 45.55 ? 40  ARG A CZ  1 
ATOM   146  N NH1 . ARG A 1 40  ? -5.743  -11.506 21.099  1.00 47.74 ? 40  ARG A NH1 1 
ATOM   147  N NH2 . ARG A 1 40  ? -7.846  -10.879 20.437  1.00 46.21 ? 40  ARG A NH2 1 
ATOM   148  N N   . PRO A 1 41  ? -3.786  -13.035 13.793  1.00 40.05 ? 41  PRO A N   1 
ATOM   149  C CA  . PRO A 1 41  ? -4.501  -13.007 12.514  1.00 40.19 ? 41  PRO A CA  1 
ATOM   150  C C   . PRO A 1 41  ? -6.011  -12.785 12.623  1.00 40.36 ? 41  PRO A C   1 
ATOM   151  O O   . PRO A 1 41  ? -6.623  -13.075 13.666  1.00 40.13 ? 41  PRO A O   1 
ATOM   152  C CB  . PRO A 1 41  ? -4.257  -14.406 11.954  1.00 40.36 ? 41  PRO A CB  1 
ATOM   153  C CG  . PRO A 1 41  ? -4.134  -15.247 13.179  1.00 40.21 ? 41  PRO A CG  1 
ATOM   154  C CD  . PRO A 1 41  ? -3.291  -14.394 14.077  1.00 40.19 ? 41  PRO A CD  1 
ATOM   155  N N   . LEU A 1 42  ? -6.596  -12.289 11.528  1.00 40.19 ? 42  LEU A N   1 
ATOM   156  C CA  . LEU A 1 42  ? -8.027  -12.044 11.455  1.00 40.63 ? 42  LEU A CA  1 
ATOM   157  C C   . LEU A 1 42  ? -8.839  -13.243 11.990  1.00 40.92 ? 42  LEU A C   1 
ATOM   158  O O   . LEU A 1 42  ? -9.697  -13.065 12.872  1.00 40.84 ? 42  LEU A O   1 
ATOM   159  C CB  . LEU A 1 42  ? -8.461  -11.649 10.028  1.00 40.00 ? 42  LEU A CB  1 
ATOM   160  C CG  . LEU A 1 42  ? -9.872  -11.047 9.864   1.00 40.39 ? 42  LEU A CG  1 
ATOM   161  C CD1 . LEU A 1 42  ? -10.099 -9.767  10.736  1.00 40.30 ? 42  LEU A CD1 1 
ATOM   162  C CD2 . LEU A 1 42  ? -10.232 -10.793 8.389   1.00 41.26 ? 42  LEU A CD2 1 
ATOM   163  N N   . ALA A 1 43  ? -8.535  -14.444 11.486  1.00 40.94 ? 43  ALA A N   1 
ATOM   164  C CA  . ALA A 1 43  ? -9.177  -15.692 11.940  1.00 41.16 ? 43  ALA A CA  1 
ATOM   165  C C   . ALA A 1 43  ? -9.078  -15.947 13.453  1.00 41.59 ? 43  ALA A C   1 
ATOM   166  O O   . ALA A 1 43  ? -9.696  -16.888 13.965  1.00 42.34 ? 43  ALA A O   1 
ATOM   167  C CB  . ALA A 1 43  ? -8.610  -16.878 11.193  1.00 40.51 ? 43  ALA A CB  1 
ATOM   168  N N   . ASP A 1 44  ? -8.300  -15.129 14.164  1.00 41.24 ? 44  ASP A N   1 
ATOM   169  C CA  . ASP A 1 44  ? -8.155  -15.293 15.598  1.00 40.70 ? 44  ASP A CA  1 
ATOM   170  C C   . ASP A 1 44  ? -8.701  -14.108 16.361  1.00 39.93 ? 44  ASP A C   1 
ATOM   171  O O   . ASP A 1 44  ? -8.544  -14.013 17.586  1.00 39.88 ? 44  ASP A O   1 
ATOM   172  C CB  . ASP A 1 44  ? -6.694  -15.564 15.959  1.00 41.35 ? 44  ASP A CB  1 
ATOM   173  C CG  . ASP A 1 44  ? -6.312  -17.054 15.809  1.00 43.84 ? 44  ASP A CG  1 
ATOM   174  O OD1 . ASP A 1 44  ? -6.504  -17.637 14.711  1.00 45.83 ? 44  ASP A OD1 1 
ATOM   175  O OD2 . ASP A 1 44  ? -5.813  -17.643 16.795  1.00 46.32 ? 44  ASP A OD2 1 
ATOM   176  N N   . ILE A 1 45  ? -9.343  -13.191 15.644  1.00 39.10 ? 45  ILE A N   1 
ATOM   177  C CA  . ILE A 1 45  ? -10.041 -12.085 16.302  1.00 38.21 ? 45  ILE A CA  1 
ATOM   178  C C   . ILE A 1 45  ? -11.575 -12.225 16.207  1.00 39.23 ? 45  ILE A C   1 
ATOM   179  O O   . ILE A 1 45  ? -12.132 -12.526 15.144  1.00 39.63 ? 45  ILE A O   1 
ATOM   180  C CB  . ILE A 1 45  ? -9.557  -10.712 15.800  1.00 37.21 ? 45  ILE A CB  1 
ATOM   181  C CG1 . ILE A 1 45  ? -8.025  -10.674 15.707  1.00 33.69 ? 45  ILE A CG1 1 
ATOM   182  C CG2 . ILE A 1 45  ? -10.065 -9.617  16.724  1.00 36.42 ? 45  ILE A CG2 1 
ATOM   183  C CD1 . ILE A 1 45  ? -7.495  -9.347  15.292  1.00 25.96 ? 45  ILE A CD1 1 
ATOM   184  N N   . SER A 1 46  ? -12.259 -12.026 17.328  1.00 40.13 ? 46  SER A N   1 
ATOM   185  C CA  . SER A 1 46  ? -13.703 -12.140 17.324  1.00 40.81 ? 46  SER A CA  1 
ATOM   186  C C   . SER A 1 46  ? -14.310 -10.755 17.322  1.00 41.13 ? 46  SER A C   1 
ATOM   187  O O   . SER A 1 46  ? -13.705 -9.784  17.826  1.00 41.09 ? 46  SER A O   1 
ATOM   188  C CB  . SER A 1 46  ? -14.214 -12.956 18.526  1.00 41.45 ? 46  SER A CB  1 
ATOM   189  O OG  . SER A 1 46  ? -14.301 -12.148 19.695  1.00 41.34 ? 46  SER A OG  1 
ATOM   190  N N   . VAL A 1 47  ? -15.507 -10.667 16.742  1.00 41.08 ? 47  VAL A N   1 
ATOM   191  C CA  . VAL A 1 47  ? -16.385 -9.509  16.942  1.00 40.94 ? 47  VAL A CA  1 
ATOM   192  C C   . VAL A 1 47  ? -16.420 -9.062  18.438  1.00 41.35 ? 47  VAL A C   1 
ATOM   193  O O   . VAL A 1 47  ? -16.324 -7.859  18.749  1.00 41.33 ? 47  VAL A O   1 
ATOM   194  C CB  . VAL A 1 47  ? -17.815 -9.793  16.362  1.00 40.73 ? 47  VAL A CB  1 
ATOM   195  C CG1 . VAL A 1 47  ? -18.834 -8.746  16.829  1.00 40.55 ? 47  VAL A CG1 1 
ATOM   196  C CG2 . VAL A 1 47  ? -17.767 -9.839  14.840  1.00 38.75 ? 47  VAL A CG2 1 
ATOM   197  N N   . ASP A 1 48  ? -16.509 -10.029 19.356  1.00 41.50 ? 48  ASP A N   1 
ATOM   198  C CA  . ASP A 1 48  ? -16.542 -9.732  20.809  1.00 41.86 ? 48  ASP A CA  1 
ATOM   199  C C   . ASP A 1 48  ? -15.282 -9.036  21.272  1.00 41.30 ? 48  ASP A C   1 
ATOM   200  O O   . ASP A 1 48  ? -15.334 -8.091  22.086  1.00 40.74 ? 48  ASP A O   1 
ATOM   201  C CB  . ASP A 1 48  ? -16.788 -11.014 21.627  1.00 42.31 ? 48  ASP A CB  1 
ATOM   202  C CG  . ASP A 1 48  ? -17.844 -11.893 20.986  1.00 44.12 ? 48  ASP A CG  1 
ATOM   203  O OD1 . ASP A 1 48  ? -18.975 -11.940 21.516  1.00 44.66 ? 48  ASP A OD1 1 
ATOM   204  O OD2 . ASP A 1 48  ? -17.557 -12.466 19.901  1.00 47.08 ? 48  ASP A OD2 1 
ATOM   205  N N   . ASP A 1 49  ? -14.163 -9.523  20.725  1.00 41.05 ? 49  ASP A N   1 
ATOM   206  C CA  . ASP A 1 49  ? -12.839 -8.939  20.921  1.00 40.31 ? 49  ASP A CA  1 
ATOM   207  C C   . ASP A 1 49  ? -12.834 -7.466  20.577  1.00 39.87 ? 49  ASP A C   1 
ATOM   208  O O   . ASP A 1 49  ? -12.397 -6.635  21.385  1.00 40.34 ? 49  ASP A O   1 
ATOM   209  C CB  . ASP A 1 49  ? -11.807 -9.681  20.069  1.00 40.56 ? 49  ASP A CB  1 
ATOM   210  C CG  . ASP A 1 49  ? -11.446 -11.050 20.650  1.00 40.97 ? 49  ASP A CG  1 
ATOM   211  O OD1 . ASP A 1 49  ? -11.661 -11.257 21.866  1.00 40.04 ? 49  ASP A OD1 1 
ATOM   212  O OD2 . ASP A 1 49  ? -10.943 -11.913 19.898  1.00 39.26 ? 49  ASP A OD2 1 
ATOM   213  N N   . LEU A 1 50  ? -13.361 -7.143  19.396  1.00 38.91 ? 50  LEU A N   1 
ATOM   214  C CA  . LEU A 1 50  ? -13.392 -5.766  18.913  1.00 37.95 ? 50  LEU A CA  1 
ATOM   215  C C   . LEU A 1 50  ? -14.359 -4.875  19.670  1.00 38.18 ? 50  LEU A C   1 
ATOM   216  O O   . LEU A 1 50  ? -14.126 -3.658  19.801  1.00 38.65 ? 50  LEU A O   1 
ATOM   217  C CB  . LEU A 1 50  ? -13.759 -5.769  17.446  1.00 37.86 ? 50  LEU A CB  1 
ATOM   218  C CG  . LEU A 1 50  ? -12.892 -6.727  16.647  1.00 36.81 ? 50  LEU A CG  1 
ATOM   219  C CD1 . LEU A 1 50  ? -13.555 -7.005  15.354  1.00 37.27 ? 50  LEU A CD1 1 
ATOM   220  C CD2 . LEU A 1 50  ? -11.539 -6.117  16.436  1.00 35.88 ? 50  LEU A CD2 1 
ATOM   221  N N   . ALA A 1 51  ? -15.447 -5.478  20.149  1.00 37.97 ? 51  ALA A N   1 
ATOM   222  C CA  . ALA A 1 51  ? -16.506 -4.763  20.866  1.00 37.71 ? 51  ALA A CA  1 
ATOM   223  C C   . ALA A 1 51  ? -16.001 -4.408  22.232  1.00 37.48 ? 51  ALA A C   1 
ATOM   224  O O   . ALA A 1 51  ? -15.948 -3.222  22.610  1.00 37.22 ? 51  ALA A O   1 
ATOM   225  C CB  . ALA A 1 51  ? -17.740 -5.634  20.989  1.00 37.74 ? 51  ALA A CB  1 
ATOM   226  N N   . LYS A 1 52  ? -15.614 -5.467  22.944  1.00 37.68 ? 52  LYS A N   1 
ATOM   227  C CA  . LYS A 1 52  ? -15.022 -5.399  24.280  1.00 38.05 ? 52  LYS A CA  1 
ATOM   228  C C   . LYS A 1 52  ? -13.887 -4.427  24.194  1.00 37.68 ? 52  LYS A C   1 
ATOM   229  O O   . LYS A 1 52  ? -13.912 -3.391  24.855  1.00 38.20 ? 52  LYS A O   1 
ATOM   230  C CB  . LYS A 1 52  ? -14.499 -6.766  24.686  1.00 38.37 ? 52  LYS A CB  1 
ATOM   231  C CG  . LYS A 1 52  ? -13.876 -6.842  26.085  1.00 40.82 ? 52  LYS A CG  1 
ATOM   232  C CD  . LYS A 1 52  ? -12.547 -7.674  26.088  1.00 42.96 ? 52  LYS A CD  1 
ATOM   233  C CE  . LYS A 1 52  ? -12.699 -9.010  25.364  1.00 44.14 ? 52  LYS A CE  1 
ATOM   234  N NZ  . LYS A 1 52  ? -13.561 -9.900  26.195  1.00 45.38 ? 52  LYS A NZ  1 
ATOM   235  N N   . GLY A 1 53  ? -12.921 -4.758  23.325  1.00 37.16 ? 53  GLY A N   1 
ATOM   236  C CA  . GLY A 1 53  ? -11.873 -3.845  22.905  1.00 35.42 ? 53  GLY A CA  1 
ATOM   237  C C   . GLY A 1 53  ? -12.268 -2.387  22.760  1.00 34.40 ? 53  GLY A C   1 
ATOM   238  O O   . GLY A 1 53  ? -11.657 -1.541  23.385  1.00 34.87 ? 53  GLY A O   1 
ATOM   239  N N   . ALA A 1 54  ? -13.279 -2.082  21.946  1.00 33.31 ? 54  ALA A N   1 
ATOM   240  C CA  . ALA A 1 54  ? -13.713 -0.680  21.757  1.00 32.07 ? 54  ALA A CA  1 
ATOM   241  C C   . ALA A 1 54  ? -14.705 -0.229  22.816  1.00 31.44 ? 54  ALA A C   1 
ATOM   242  O O   . ALA A 1 54  ? -15.164 0.927   22.798  1.00 30.49 ? 54  ALA A O   1 
ATOM   243  C CB  . ALA A 1 54  ? -14.314 -0.454  20.370  1.00 31.90 ? 54  ALA A CB  1 
ATOM   244  N N   . GLY A 1 55  ? -15.041 -1.138  23.725  1.00 30.35 ? 55  GLY A N   1 
ATOM   245  C CA  . GLY A 1 55  ? -15.819 -0.751  24.901  1.00 30.23 ? 55  GLY A CA  1 
ATOM   246  C C   . GLY A 1 55  ? -17.317 -0.663  24.728  1.00 29.53 ? 55  GLY A C   1 
ATOM   247  O O   . GLY A 1 55  ? -17.963 0.111   25.421  1.00 29.76 ? 55  GLY A O   1 
ATOM   248  N N   . ILE A 1 56  ? -17.858 -1.491  23.829  1.00 28.61 ? 56  ILE A N   1 
ATOM   249  C CA  . ILE A 1 56  ? -19.296 -1.546  23.511  1.00 27.26 ? 56  ILE A CA  1 
ATOM   250  C C   . ILE A 1 56  ? -19.762 -3.025  23.465  1.00 26.99 ? 56  ILE A C   1 
ATOM   251  O O   . ILE A 1 56  ? -18.939 -3.933  23.638  1.00 25.21 ? 56  ILE A O   1 
ATOM   252  C CB  . ILE A 1 56  ? -19.578 -0.827  22.176  1.00 27.08 ? 56  ILE A CB  1 
ATOM   253  C CG1 . ILE A 1 56  ? -18.785 -1.476  21.041  1.00 25.96 ? 56  ILE A CG1 1 
ATOM   254  C CG2 . ILE A 1 56  ? -19.265 0.732   22.297  1.00 27.38 ? 56  ILE A CG2 1 
ATOM   255  C CD1 . ILE A 1 56  ? -19.190 -1.011  19.659  1.00 24.02 ? 56  ILE A CD1 1 
ATOM   256  N N   . SER A 1 57  ? -21.057 -3.274  23.253  1.00 26.74 ? 57  SER A N   1 
ATOM   257  C CA  . SER A 1 57  ? -21.532 -4.687  23.180  1.00 26.99 ? 57  SER A CA  1 
ATOM   258  C C   . SER A 1 57  ? -21.402 -5.322  21.780  1.00 26.70 ? 57  SER A C   1 
ATOM   259  O O   . SER A 1 57  ? -21.215 -4.614  20.791  1.00 26.74 ? 57  SER A O   1 
ATOM   260  C CB  . SER A 1 57  ? -22.962 -4.809  23.731  1.00 26.78 ? 57  SER A CB  1 
ATOM   261  O OG  . SER A 1 57  ? -23.934 -4.178  22.895  1.00 27.33 ? 57  SER A OG  1 
ATOM   262  N N   . ARG A 1 58  ? -21.509 -6.650  21.692  1.00 27.49 ? 58  ARG A N   1 
ATOM   263  C CA  . ARG A 1 58  ? -21.538 -7.340  20.398  1.00 27.52 ? 58  ARG A CA  1 
ATOM   264  C C   . ARG A 1 58  ? -22.638 -6.753  19.496  1.00 27.15 ? 58  ARG A C   1 
ATOM   265  O O   . ARG A 1 58  ? -22.355 -6.342  18.330  1.00 26.58 ? 58  ARG A O   1 
ATOM   266  C CB  . ARG A 1 58  ? -21.739 -8.862  20.583  1.00 29.41 ? 58  ARG A CB  1 
ATOM   267  C CG  . ARG A 1 58  ? -21.622 -9.694  19.278  1.00 33.07 ? 58  ARG A CG  1 
ATOM   268  C CD  . ARG A 1 58  ? -21.279 -11.177 19.552  1.00 38.50 ? 58  ARG A CD  1 
ATOM   269  N NE  . ARG A 1 58  ? -22.489 -12.003 19.643  1.00 44.18 ? 58  ARG A NE  1 
ATOM   270  C CZ  . ARG A 1 58  ? -22.597 -13.175 20.298  1.00 45.76 ? 58  ARG A CZ  1 
ATOM   271  N NH1 . ARG A 1 58  ? -21.560 -13.693 20.959  1.00 43.52 ? 58  ARG A NH1 1 
ATOM   272  N NH2 . ARG A 1 58  ? -23.765 -13.839 20.306  1.00 43.96 ? 58  ARG A NH2 1 
ATOM   273  N N   . PRO A 1 59  ? -23.896 -6.665  20.017  1.00 25.74 ? 59  PRO A N   1 
ATOM   274  C CA  . PRO A 1 59  ? -24.901 -6.132  19.111  1.00 25.14 ? 59  PRO A CA  1 
ATOM   275  C C   . PRO A 1 59  ? -24.680 -4.657  18.747  1.00 24.24 ? 59  PRO A C   1 
ATOM   276  O O   . PRO A 1 59  ? -25.057 -4.292  17.652  1.00 23.83 ? 59  PRO A O   1 
ATOM   277  C CB  . PRO A 1 59  ? -26.228 -6.375  19.846  1.00 25.01 ? 59  PRO A CB  1 
ATOM   278  C CG  . PRO A 1 59  ? -25.839 -6.418  21.284  1.00 24.59 ? 59  PRO A CG  1 
ATOM   279  C CD  . PRO A 1 59  ? -24.490 -7.069  21.309  1.00 25.87 ? 59  PRO A CD  1 
ATOM   280  N N   . THR A 1 60  ? -24.049 -3.840  19.599  1.00 24.25 ? 60  THR A N   1 
ATOM   281  C CA  . THR A 1 60  ? -23.761 -2.444  19.196  1.00 24.77 ? 60  THR A CA  1 
ATOM   282  C C   . THR A 1 60  ? -22.675 -2.418  18.077  1.00 26.44 ? 60  THR A C   1 
ATOM   283  O O   . THR A 1 60  ? -22.696 -1.578  17.163  1.00 26.61 ? 60  THR A O   1 
ATOM   284  C CB  . THR A 1 60  ? -23.357 -1.480  20.362  1.00 24.80 ? 60  THR A CB  1 
ATOM   285  O OG1 . THR A 1 60  ? -24.440 -1.258  21.283  1.00 22.80 ? 60  THR A OG1 1 
ATOM   286  C CG2 . THR A 1 60  ? -22.962 -0.125  19.801  1.00 23.91 ? 60  THR A CG2 1 
ATOM   287  N N   . PHE A 1 61  ? -21.729 -3.334  18.138  1.00 27.33 ? 61  PHE A N   1 
ATOM   288  C CA  . PHE A 1 61  ? -20.760 -3.440  17.064  1.00 28.92 ? 61  PHE A CA  1 
ATOM   289  C C   . PHE A 1 61  ? -21.425 -3.438  15.680  1.00 29.75 ? 61  PHE A C   1 
ATOM   290  O O   . PHE A 1 61  ? -20.968 -2.736  14.758  1.00 29.64 ? 61  PHE A O   1 
ATOM   291  C CB  . PHE A 1 61  ? -19.917 -4.703  17.238  1.00 29.76 ? 61  PHE A CB  1 
ATOM   292  C CG  . PHE A 1 61  ? -19.019 -5.018  16.064  1.00 31.17 ? 61  PHE A CG  1 
ATOM   293  C CD1 . PHE A 1 61  ? -17.668 -4.705  16.107  1.00 32.09 ? 61  PHE A CD1 1 
ATOM   294  C CD2 . PHE A 1 61  ? -19.525 -5.656  14.929  1.00 33.37 ? 61  PHE A CD2 1 
ATOM   295  C CE1 . PHE A 1 61  ? -16.822 -5.026  15.022  1.00 32.03 ? 61  PHE A CE1 1 
ATOM   296  C CE2 . PHE A 1 61  ? -18.700 -5.960  13.833  1.00 34.51 ? 61  PHE A CE2 1 
ATOM   297  C CZ  . PHE A 1 61  ? -17.340 -5.649  13.890  1.00 32.51 ? 61  PHE A CZ  1 
ATOM   298  N N   . TYR A 1 62  ? -22.517 -4.195  15.539  1.00 30.32 ? 62  TYR A N   1 
ATOM   299  C CA  . TYR A 1 62  ? -23.146 -4.378  14.226  1.00 30.06 ? 62  TYR A CA  1 
ATOM   300  C C   . TYR A 1 62  ? -23.814 -3.152  13.733  1.00 29.97 ? 62  TYR A C   1 
ATOM   301  O O   . TYR A 1 62  ? -24.037 -3.002  12.542  1.00 29.71 ? 62  TYR A O   1 
ATOM   302  C CB  . TYR A 1 62  ? -24.130 -5.535  14.218  1.00 30.29 ? 62  TYR A CB  1 
ATOM   303  C CG  . TYR A 1 62  ? -23.417 -6.830  14.242  1.00 30.63 ? 62  TYR A CG  1 
ATOM   304  C CD1 . TYR A 1 62  ? -22.665 -7.267  13.127  1.00 32.75 ? 62  TYR A CD1 1 
ATOM   305  C CD2 . TYR A 1 62  ? -23.436 -7.610  15.386  1.00 31.49 ? 62  TYR A CD2 1 
ATOM   306  C CE1 . TYR A 1 62  ? -21.970 -8.480  13.165  1.00 31.58 ? 62  TYR A CE1 1 
ATOM   307  C CE2 . TYR A 1 62  ? -22.755 -8.807  15.438  1.00 33.13 ? 62  TYR A CE2 1 
ATOM   308  C CZ  . TYR A 1 62  ? -22.027 -9.236  14.336  1.00 31.17 ? 62  TYR A CZ  1 
ATOM   309  O OH  . TYR A 1 62  ? -21.380 -10.425 14.448  1.00 31.77 ? 62  TYR A OH  1 
ATOM   310  N N   . PHE A 1 63  ? -24.124 -2.247  14.642  1.00 30.87 ? 63  PHE A N   1 
ATOM   311  C CA  . PHE A 1 63  ? -24.607 -0.963  14.196  1.00 31.63 ? 63  PHE A CA  1 
ATOM   312  C C   . PHE A 1 63  ? -23.564 -0.177  13.327  1.00 32.33 ? 63  PHE A C   1 
ATOM   313  O O   . PHE A 1 63  ? -23.953 0.707   12.532  1.00 33.14 ? 63  PHE A O   1 
ATOM   314  C CB  . PHE A 1 63  ? -25.178 -0.149  15.355  1.00 31.18 ? 63  PHE A CB  1 
ATOM   315  C CG  . PHE A 1 63  ? -25.713 1.153   14.934  1.00 32.18 ? 63  PHE A CG  1 
ATOM   316  C CD1 . PHE A 1 63  ? -26.951 1.231   14.287  1.00 34.78 ? 63  PHE A CD1 1 
ATOM   317  C CD2 . PHE A 1 63  ? -24.973 2.317   15.126  1.00 35.99 ? 63  PHE A CD2 1 
ATOM   318  C CE1 . PHE A 1 63  ? -27.457 2.459   13.854  1.00 35.83 ? 63  PHE A CE1 1 
ATOM   319  C CE2 . PHE A 1 63  ? -25.458 3.574   14.700  1.00 35.87 ? 63  PHE A CE2 1 
ATOM   320  C CZ  . PHE A 1 63  ? -26.707 3.642   14.063  1.00 36.99 ? 63  PHE A CZ  1 
ATOM   321  N N   . TYR A 1 64  ? -22.271 -0.502  13.444  1.00 31.79 ? 64  TYR A N   1 
ATOM   322  C CA  . TYR A 1 64  ? -21.219 0.217   12.681  1.00 31.26 ? 64  TYR A CA  1 
ATOM   323  C C   . TYR A 1 64  ? -20.664 -0.579  11.509  1.00 30.87 ? 64  TYR A C   1 
ATOM   324  O O   . TYR A 1 64  ? -20.284 0.001   10.491  1.00 30.90 ? 64  TYR A O   1 
ATOM   325  C CB  . TYR A 1 64  ? -20.058 0.642   13.589  1.00 30.72 ? 64  TYR A CB  1 
ATOM   326  C CG  . TYR A 1 64  ? -20.539 1.549   14.659  1.00 31.47 ? 64  TYR A CG  1 
ATOM   327  C CD1 . TYR A 1 64  ? -20.712 2.902   14.410  1.00 34.54 ? 64  TYR A CD1 1 
ATOM   328  C CD2 . TYR A 1 64  ? -20.882 1.059   15.903  1.00 30.33 ? 64  TYR A CD2 1 
ATOM   329  C CE1 . TYR A 1 64  ? -21.181 3.748   15.385  1.00 34.38 ? 64  TYR A CE1 1 
ATOM   330  C CE2 . TYR A 1 64  ? -21.354 1.885   16.884  1.00 33.13 ? 64  TYR A CE2 1 
ATOM   331  C CZ  . TYR A 1 64  ? -21.508 3.241   16.624  1.00 34.74 ? 64  TYR A CZ  1 
ATOM   332  O OH  . TYR A 1 64  ? -21.989 4.089   17.605  1.00 33.55 ? 64  TYR A OH  1 
ATOM   333  N N   . PHE A 1 65  ? -20.595 -1.897  11.656  1.00 29.74 ? 65  PHE A N   1 
ATOM   334  C CA  . PHE A 1 65  ? -19.974 -2.705  10.647  1.00 30.21 ? 65  PHE A CA  1 
ATOM   335  C C   . PHE A 1 65  ? -20.740 -3.995  10.538  1.00 30.77 ? 65  PHE A C   1 
ATOM   336  O O   . PHE A 1 65  ? -21.200 -4.525  11.557  1.00 30.49 ? 65  PHE A O   1 
ATOM   337  C CB  . PHE A 1 65  ? -18.524 -3.035  11.028  1.00 30.35 ? 65  PHE A CB  1 
ATOM   338  C CG  . PHE A 1 65  ? -17.613 -1.870  10.985  1.00 28.26 ? 65  PHE A CG  1 
ATOM   339  C CD1 . PHE A 1 65  ? -17.035 -1.470  9.793   1.00 27.50 ? 65  PHE A CD1 1 
ATOM   340  C CD2 . PHE A 1 65  ? -17.322 -1.163  12.147  1.00 27.49 ? 65  PHE A CD2 1 
ATOM   341  C CE1 . PHE A 1 65  ? -16.167 -0.367  9.754   1.00 26.40 ? 65  PHE A CE1 1 
ATOM   342  C CE2 . PHE A 1 65  ? -16.463 -0.061  12.111  1.00 26.62 ? 65  PHE A CE2 1 
ATOM   343  C CZ  . PHE A 1 65  ? -15.877 0.317   10.912  1.00 25.73 ? 65  PHE A CZ  1 
ATOM   344  N N   . PRO A 1 66  ? -20.868 -4.519  9.302   1.00 30.96 ? 66  PRO A N   1 
ATOM   345  C CA  . PRO A 1 66  ? -21.594 -5.790  9.149   1.00 31.34 ? 66  PRO A CA  1 
ATOM   346  C C   . PRO A 1 66  ? -20.802 -7.014  9.605   1.00 32.05 ? 66  PRO A C   1 
ATOM   347  O O   . PRO A 1 66  ? -21.350 -8.122  9.654   1.00 32.83 ? 66  PRO A O   1 
ATOM   348  C CB  . PRO A 1 66  ? -21.924 -5.838  7.641   1.00 30.77 ? 66  PRO A CB  1 
ATOM   349  C CG  . PRO A 1 66  ? -20.973 -4.883  7.017   1.00 30.75 ? 66  PRO A CG  1 
ATOM   350  C CD  . PRO A 1 66  ? -20.729 -3.798  8.021   1.00 29.83 ? 66  PRO A CD  1 
ATOM   351  N N   . SER A 1 67  ? -19.528 -6.826  9.941   1.00 32.57 ? 67  SER A N   1 
ATOM   352  C CA  . SER A 1 67  ? -18.625 -7.972  10.235  1.00 33.56 ? 67  SER A CA  1 
ATOM   353  C C   . SER A 1 67  ? -17.209 -7.510  10.577  1.00 33.44 ? 67  SER A C   1 
ATOM   354  O O   . SER A 1 67  ? -16.914 -6.307  10.580  1.00 33.74 ? 67  SER A O   1 
ATOM   355  C CB  . SER A 1 67  ? -18.532 -8.911  9.025   1.00 33.50 ? 67  SER A CB  1 
ATOM   356  O OG  . SER A 1 67  ? -18.174 -8.138  7.899   1.00 33.63 ? 67  SER A OG  1 
ATOM   357  N N   . LYS A 1 68  ? -16.330 -8.468  10.845  1.00 33.08 ? 68  LYS A N   1 
ATOM   358  C CA  . LYS A 1 68  ? -14.926 -8.115  11.128  1.00 32.63 ? 68  LYS A CA  1 
ATOM   359  C C   . LYS A 1 68  ? -14.201 -7.815  9.831   1.00 31.80 ? 68  LYS A C   1 
ATOM   360  O O   . LYS A 1 68  ? -13.327 -6.961  9.808   1.00 31.54 ? 68  LYS A O   1 
ATOM   361  C CB  . LYS A 1 68  ? -14.197 -9.197  11.934  1.00 32.25 ? 68  LYS A CB  1 
ATOM   362  C CG  . LYS A 1 68  ? -14.237 -10.596 11.334  1.00 30.63 ? 68  LYS A CG  1 
ATOM   363  C CD  . LYS A 1 68  ? -13.557 -11.579 12.280  1.00 33.31 ? 68  LYS A CD  1 
ATOM   364  C CE  . LYS A 1 68  ? -13.261 -12.949 11.617  1.00 33.84 ? 68  LYS A CE  1 
ATOM   365  N NZ  . LYS A 1 68  ? -12.669 -13.873 12.644  1.00 32.72 ? 68  LYS A NZ  1 
ATOM   366  N N   . GLU A 1 69  ? -14.605 -8.503  8.764   1.00 31.42 ? 69  GLU A N   1 
ATOM   367  C CA  . GLU A 1 69  ? -13.974 -8.385  7.456   1.00 31.45 ? 69  GLU A CA  1 
ATOM   368  C C   . GLU A 1 69  ? -14.189 -6.969  6.907   1.00 31.14 ? 69  GLU A C   1 
ATOM   369  O O   . GLU A 1 69  ? -13.346 -6.394  6.198   1.00 30.79 ? 69  GLU A O   1 
ATOM   370  C CB  . GLU A 1 69  ? -14.558 -9.433  6.518   1.00 32.08 ? 69  GLU A CB  1 
ATOM   371  C CG  . GLU A 1 69  ? -14.097 -10.899 6.797   1.00 34.64 ? 69  GLU A CG  1 
ATOM   372  C CD  . GLU A 1 69  ? -14.920 -11.657 7.880   1.00 39.06 ? 69  GLU A CD  1 
ATOM   373  O OE1 . GLU A 1 69  ? -15.873 -11.088 8.472   1.00 39.53 ? 69  GLU A OE1 1 
ATOM   374  O OE2 . GLU A 1 69  ? -14.611 -12.851 8.141   1.00 40.16 ? 69  GLU A OE2 1 
ATOM   375  N N   . ALA A 1 70  ? -15.329 -6.398  7.299   1.00 30.32 ? 70  ALA A N   1 
ATOM   376  C CA  . ALA A 1 70  ? -15.735 -5.096  6.878   1.00 28.27 ? 70  ALA A CA  1 
ATOM   377  C C   . ALA A 1 70  ? -14.857 -4.107  7.602   1.00 27.65 ? 70  ALA A C   1 
ATOM   378  O O   . ALA A 1 70  ? -14.594 -2.994  7.109   1.00 26.35 ? 70  ALA A O   1 
ATOM   379  C CB  . ALA A 1 70  ? -17.202 -4.891  7.221   1.00 28.39 ? 70  ALA A CB  1 
ATOM   380  N N   . VAL A 1 71  ? -14.389 -4.529  8.778   1.00 27.56 ? 71  VAL A N   1 
ATOM   381  C CA  . VAL A 1 71  ? -13.504 -3.692  9.601   1.00 26.85 ? 71  VAL A CA  1 
ATOM   382  C C   . VAL A 1 71  ? -12.132 -3.682  8.932   1.00 26.12 ? 71  VAL A C   1 
ATOM   383  O O   . VAL A 1 71  ? -11.560 -2.615  8.714   1.00 25.83 ? 71  VAL A O   1 
ATOM   384  C CB  . VAL A 1 71  ? -13.422 -4.163  11.087  1.00 27.07 ? 71  VAL A CB  1 
ATOM   385  C CG1 . VAL A 1 71  ? -12.825 -3.066  12.008  1.00 27.15 ? 71  VAL A CG1 1 
ATOM   386  C CG2 . VAL A 1 71  ? -14.772 -4.572  11.605  1.00 26.85 ? 71  VAL A CG2 1 
ATOM   387  N N   . LEU A 1 72  ? -11.640 -4.848  8.535   1.00 25.66 ? 72  LEU A N   1 
ATOM   388  C CA  . LEU A 1 72  ? -10.335 -4.917  7.840   1.00 26.00 ? 72  LEU A CA  1 
ATOM   389  C C   . LEU A 1 72  ? -10.378 -4.075  6.595   1.00 25.58 ? 72  LEU A C   1 
ATOM   390  O O   . LEU A 1 72  ? -9.419  -3.341  6.303   1.00 25.58 ? 72  LEU A O   1 
ATOM   391  C CB  . LEU A 1 72  ? -9.929  -6.352  7.511   1.00 26.71 ? 72  LEU A CB  1 
ATOM   392  C CG  . LEU A 1 72  ? -8.764  -6.698  6.540   1.00 29.46 ? 72  LEU A CG  1 
ATOM   393  C CD1 . LEU A 1 72  ? -7.485  -5.877  6.740   1.00 29.51 ? 72  LEU A CD1 1 
ATOM   394  C CD2 . LEU A 1 72  ? -8.421  -8.192  6.648   1.00 30.87 ? 72  LEU A CD2 1 
ATOM   395  N N   . LEU A 1 73  ? -11.521 -4.154  5.904   1.00 24.51 ? 73  LEU A N   1 
ATOM   396  C CA  . LEU A 1 73  ? -11.737 -3.490  4.647   1.00 23.36 ? 73  LEU A CA  1 
ATOM   397  C C   . LEU A 1 73  ? -11.594 -1.995  4.811   1.00 23.59 ? 73  LEU A C   1 
ATOM   398  O O   . LEU A 1 73  ? -10.884 -1.342  4.026   1.00 23.75 ? 73  LEU A O   1 
ATOM   399  C CB  . LEU A 1 73  ? -13.130 -3.822  4.123   1.00 22.75 ? 73  LEU A CB  1 
ATOM   400  C CG  . LEU A 1 73  ? -13.561 -3.265  2.762   1.00 22.27 ? 73  LEU A CG  1 
ATOM   401  C CD1 . LEU A 1 73  ? -12.698 -3.848  1.596   1.00 21.76 ? 73  LEU A CD1 1 
ATOM   402  C CD2 . LEU A 1 73  ? -15.035 -3.549  2.508   1.00 20.62 ? 73  LEU A CD2 1 
ATOM   403  N N   . THR A 1 74  ? -12.246 -1.439  5.832   1.00 22.54 ? 74  THR A N   1 
ATOM   404  C CA  . THR A 1 74  ? -12.154 -0.003  5.993   1.00 22.33 ? 74  THR A CA  1 
ATOM   405  C C   . THR A 1 74  ? -10.720 0.377   6.294   1.00 22.52 ? 74  THR A C   1 
ATOM   406  O O   . THR A 1 74  ? -10.218 1.338   5.711   1.00 23.74 ? 74  THR A O   1 
ATOM   407  C CB  . THR A 1 74  ? -13.017 0.542   7.112   1.00 21.78 ? 74  THR A CB  1 
ATOM   408  O OG1 . THR A 1 74  ? -14.277 -0.086  7.068   1.00 20.89 ? 74  THR A OG1 1 
ATOM   409  C CG2 . THR A 1 74  ? -13.210 2.029   6.948   1.00 19.78 ? 74  THR A CG2 1 
ATOM   410  N N   . LEU A 1 75  ? -10.086 -0.360  7.213   1.00 22.10 ? 75  LEU A N   1 
ATOM   411  C CA  . LEU A 1 75  ? -8.679  -0.130  7.556   1.00 22.41 ? 75  LEU A CA  1 
ATOM   412  C C   . LEU A 1 75  ? -7.778  -0.108  6.322   1.00 22.60 ? 75  LEU A C   1 
ATOM   413  O O   . LEU A 1 75  ? -6.989  0.825   6.151   1.00 23.24 ? 75  LEU A O   1 
ATOM   414  C CB  . LEU A 1 75  ? -8.150  -1.158  8.558   1.00 21.60 ? 75  LEU A CB  1 
ATOM   415  C CG  . LEU A 1 75  ? -8.589  -0.946  10.001  1.00 20.92 ? 75  LEU A CG  1 
ATOM   416  C CD1 . LEU A 1 75  ? -8.290  -2.188  10.784  1.00 22.80 ? 75  LEU A CD1 1 
ATOM   417  C CD2 . LEU A 1 75  ? -7.959  0.260   10.649  1.00 23.31 ? 75  LEU A CD2 1 
ATOM   418  N N   . LEU A 1 76  ? -7.914  -1.097  5.448   1.00 22.27 ? 76  LEU A N   1 
ATOM   419  C CA  . LEU A 1 76  ? -7.072  -1.127  4.256   1.00 22.85 ? 76  LEU A CA  1 
ATOM   420  C C   . LEU A 1 76  ? -7.356  0.059   3.379   1.00 23.84 ? 76  LEU A C   1 
ATOM   421  O O   . LEU A 1 76  ? -6.459  0.621   2.747   1.00 23.95 ? 76  LEU A O   1 
ATOM   422  C CB  . LEU A 1 76  ? -7.325  -2.377  3.466   1.00 22.65 ? 76  LEU A CB  1 
ATOM   423  C CG  . LEU A 1 76  ? -6.441  -2.528  2.226   1.00 22.55 ? 76  LEU A CG  1 
ATOM   424  C CD1 . LEU A 1 76  ? -4.998  -2.272  2.582   1.00 23.25 ? 76  LEU A CD1 1 
ATOM   425  C CD2 . LEU A 1 76  ? -6.630  -3.933  1.731   1.00 22.05 ? 76  LEU A CD2 1 
ATOM   426  N N   . ASP A 1 77  ? -8.627  0.427   3.328   1.00 24.72 ? 77  ASP A N   1 
ATOM   427  C CA  . ASP A 1 77  ? -9.064  1.507   2.497   1.00 25.84 ? 77  ASP A CA  1 
ATOM   428  C C   . ASP A 1 77  ? -8.397  2.812   2.921   1.00 26.38 ? 77  ASP A C   1 
ATOM   429  O O   . ASP A 1 77  ? -7.851  3.514   2.073   1.00 26.82 ? 77  ASP A O   1 
ATOM   430  C CB  . ASP A 1 77  ? -10.598 1.564   2.485   1.00 27.57 ? 77  ASP A CB  1 
ATOM   431  C CG  . ASP A 1 77  ? -11.131 2.679   1.635   1.00 29.59 ? 77  ASP A CG  1 
ATOM   432  O OD1 . ASP A 1 77  ? -11.176 2.548   0.400   1.00 35.68 ? 77  ASP A OD1 1 
ATOM   433  O OD2 . ASP A 1 77  ? -11.483 3.709   2.205   1.00 33.44 ? 77  ASP A OD2 1 
ATOM   434  N N   . ARG A 1 78  ? -8.364  3.109   4.221   1.00 26.41 ? 78  ARG A N   1 
ATOM   435  C CA  . ARG A 1 78  ? -7.694  4.313   4.702   1.00 27.28 ? 78  ARG A CA  1 
ATOM   436  C C   . ARG A 1 78  ? -6.226  4.317   4.374   1.00 26.37 ? 78  ARG A C   1 
ATOM   437  O O   . ARG A 1 78  ? -5.685  5.334   3.937   1.00 26.14 ? 78  ARG A O   1 
ATOM   438  C CB  . ARG A 1 78  ? -7.828  4.455   6.215   1.00 28.13 ? 78  ARG A CB  1 
ATOM   439  C CG  . ARG A 1 78  ? -9.237  4.469   6.672   1.00 32.52 ? 78  ARG A CG  1 
ATOM   440  C CD  . ARG A 1 78  ? -9.415  5.522   7.715   1.00 37.33 ? 78  ARG A CD  1 
ATOM   441  N NE  . ARG A 1 78  ? -8.660  5.188   8.926   1.00 41.40 ? 78  ARG A NE  1 
ATOM   442  C CZ  . ARG A 1 78  ? -9.041  5.569   10.146  1.00 42.12 ? 78  ARG A CZ  1 
ATOM   443  N NH1 . ARG A 1 78  ? -10.156 6.274   10.273  1.00 41.51 ? 78  ARG A NH1 1 
ATOM   444  N NH2 . ARG A 1 78  ? -8.337  5.225   11.230  1.00 43.55 ? 78  ARG A NH2 1 
ATOM   445  N N   . VAL A 1 79  ? -5.575  3.183   4.599   1.00 26.10 ? 79  VAL A N   1 
ATOM   446  C CA  . VAL A 1 79  ? -4.133  3.117   4.355   1.00 26.53 ? 79  VAL A CA  1 
ATOM   447  C C   . VAL A 1 79  ? -3.841  3.360   2.882   1.00 26.08 ? 79  VAL A C   1 
ATOM   448  O O   . VAL A 1 79  ? -3.055  4.263   2.531   1.00 26.11 ? 79  VAL A O   1 
ATOM   449  C CB  . VAL A 1 79  ? -3.469  1.781   4.880   1.00 27.17 ? 79  VAL A CB  1 
ATOM   450  C CG1 . VAL A 1 79  ? -2.012  1.738   4.518   1.00 24.95 ? 79  VAL A CG1 1 
ATOM   451  C CG2 . VAL A 1 79  ? -3.662  1.637   6.437   1.00 26.40 ? 79  VAL A CG2 1 
ATOM   452  N N   . VAL A 1 80  ? -4.518  2.585   2.031   1.00 25.43 ? 80  VAL A N   1 
ATOM   453  C CA  . VAL A 1 80  ? -4.418  2.740   0.582   1.00 24.22 ? 80  VAL A CA  1 
ATOM   454  C C   . VAL A 1 80  ? -4.711  4.163   0.121   1.00 24.07 ? 80  VAL A C   1 
ATOM   455  O O   . VAL A 1 80  ? -4.019  4.688   -0.756  1.00 23.74 ? 80  VAL A O   1 
ATOM   456  C CB  . VAL A 1 80  ? -5.367  1.833   -0.122  1.00 24.50 ? 80  VAL A CB  1 
ATOM   457  C CG1 . VAL A 1 80  ? -5.483  2.265   -1.515  1.00 24.78 ? 80  VAL A CG1 1 
ATOM   458  C CG2 . VAL A 1 80  ? -4.876  0.368   -0.096  1.00 22.80 ? 80  VAL A CG2 1 
ATOM   459  N N   . ASN A 1 81  ? -5.741  4.770   0.719   1.00 24.95 ? 81  ASN A N   1 
ATOM   460  C CA  . ASN A 1 81  ? -6.206  6.104   0.335   1.00 24.88 ? 81  ASN A CA  1 
ATOM   461  C C   . ASN A 1 81  ? -5.197  7.104   0.779   1.00 25.01 ? 81  ASN A C   1 
ATOM   462  O O   . ASN A 1 81  ? -4.796  7.977   0.009   1.00 26.66 ? 81  ASN A O   1 
ATOM   463  C CB  . ASN A 1 81  ? -7.603  6.420   0.904   1.00 26.07 ? 81  ASN A CB  1 
ATOM   464  C CG  . ASN A 1 81  ? -8.728  6.046   -0.063  1.00 25.12 ? 81  ASN A CG  1 
ATOM   465  O OD1 . ASN A 1 81  ? -8.995  6.763   -1.018  1.00 22.72 ? 81  ASN A OD1 1 
ATOM   466  N ND2 . ASN A 1 81  ? -9.376  4.908   0.180   1.00 26.52 ? 81  ASN A ND2 1 
ATOM   467  N N   . GLN A 1 82  ? -4.720  6.931   2.001   1.00 24.33 ? 82  GLN A N   1 
ATOM   468  C CA  . GLN A 1 82  ? -3.590  7.711   2.469   1.00 23.43 ? 82  GLN A CA  1 
ATOM   469  C C   . GLN A 1 82  ? -2.275  7.665   1.600   1.00 21.88 ? 82  GLN A C   1 
ATOM   470  O O   . GLN A 1 82  ? -1.632  8.716   1.415   1.00 20.99 ? 82  GLN A O   1 
ATOM   471  C CB  . GLN A 1 82  ? -3.351  7.382   3.933   1.00 24.44 ? 82  GLN A CB  1 
ATOM   472  C CG  . GLN A 1 82  ? -2.015  7.852   4.494   1.00 28.02 ? 82  GLN A CG  1 
ATOM   473  C CD  . GLN A 1 82  ? -1.847  7.467   5.944   1.00 31.74 ? 82  GLN A CD  1 
ATOM   474  O OE1 . GLN A 1 82  ? -2.790  6.985   6.596   1.00 34.83 ? 82  GLN A OE1 1 
ATOM   475  N NE2 . GLN A 1 82  ? -0.645  7.673   6.463   1.00 33.24 ? 82  GLN A NE2 1 
ATOM   476  N N   . ALA A 1 83  ? -1.885  6.485   1.084   1.00 20.66 ? 83  ALA A N   1 
ATOM   477  C CA  . ALA A 1 83  ? -0.730  6.376   0.123   1.00 20.29 ? 83  ALA A CA  1 
ATOM   478  C C   . ALA A 1 83  ? -1.067  7.116   -1.135  1.00 20.97 ? 83  ALA A C   1 
ATOM   479  O O   . ALA A 1 83  ? -0.244  7.877   -1.663  1.00 21.26 ? 83  ALA A O   1 
ATOM   480  C CB  . ALA A 1 83  ? -0.412  4.912   -0.256  1.00 19.32 ? 83  ALA A CB  1 
ATOM   481  N N   . ASP A 1 84  ? -2.302  6.891   -1.614  1.00 21.26 ? 84  ASP A N   1 
ATOM   482  C CA  . ASP A 1 84  ? -2.716  7.551   -2.814  1.00 21.99 ? 84  ASP A CA  1 
ATOM   483  C C   . ASP A 1 84  ? -2.678  9.078   -2.674  1.00 22.67 ? 84  ASP A C   1 
ATOM   484  O O   . ASP A 1 84  ? -2.015  9.749   -3.487  1.00 20.69 ? 84  ASP A O   1 
ATOM   485  C CB  . ASP A 1 84  ? -4.069  7.071   -3.280  1.00 21.86 ? 84  ASP A CB  1 
ATOM   486  C CG  . ASP A 1 84  ? -4.313  7.444   -4.707  1.00 24.33 ? 84  ASP A CG  1 
ATOM   487  O OD1 . ASP A 1 84  ? -3.616  6.929   -5.627  1.00 22.50 ? 84  ASP A OD1 1 
ATOM   488  O OD2 . ASP A 1 84  ? -5.154  8.331   -4.892  1.00 28.14 ? 84  ASP A OD2 1 
ATOM   489  N N   . MET A 1 85  ? -3.362  9.600   -1.639  1.00 23.18 ? 85  MET A N   1 
ATOM   490  C CA  . MET A 1 85  ? -3.394  11.027  -1.362  1.00 25.51 ? 85  MET A CA  1 
ATOM   491  C C   . MET A 1 85  ? -1.983  11.606  -1.227  1.00 26.04 ? 85  MET A C   1 
ATOM   492  O O   . MET A 1 85  ? -1.693  12.681  -1.752  1.00 26.76 ? 85  MET A O   1 
ATOM   493  C CB  . MET A 1 85  ? -4.229  11.326  -0.108  1.00 26.64 ? 85  MET A CB  1 
ATOM   494  C CG  . MET A 1 85  ? -5.750  11.434  -0.323  1.00 29.97 ? 85  MET A CG  1 
ATOM   495  S SD  . MET A 1 85  ? -6.787  11.342  1.205   1.00 42.28 ? 85  MET A SD  1 
ATOM   496  C CE  . MET A 1 85  ? -5.857  10.280  2.367   1.00 40.15 ? 85  MET A CE  1 
ATOM   497  N N   . ALA A 1 86  ? -1.097  10.900  -0.536  1.00 26.68 ? 86  ALA A N   1 
ATOM   498  C CA  . ALA A 1 86  ? 0.285   11.340  -0.445  1.00 28.61 ? 86  ALA A CA  1 
ATOM   499  C C   . ALA A 1 86  ? 0.989   11.353  -1.824  1.00 29.70 ? 86  ALA A C   1 
ATOM   500  O O   . ALA A 1 86  ? 1.789   12.245  -2.109  1.00 30.51 ? 86  ALA A O   1 
ATOM   501  C CB  . ALA A 1 86  ? 1.033   10.492  0.536   1.00 28.59 ? 86  ALA A CB  1 
ATOM   502  N N   . LEU A 1 87  ? 0.684   10.400  -2.699  1.00 30.63 ? 87  LEU A N   1 
ATOM   503  C CA  . LEU A 1 87  ? 1.291   10.443  -4.039  1.00 32.06 ? 87  LEU A CA  1 
ATOM   504  C C   . LEU A 1 87  ? 0.810   11.639  -4.911  1.00 33.70 ? 87  LEU A C   1 
ATOM   505  O O   . LEU A 1 87  ? 1.616   12.269  -5.631  1.00 33.55 ? 87  LEU A O   1 
ATOM   506  C CB  . LEU A 1 87  ? 1.124   9.109   -4.782  1.00 31.40 ? 87  LEU A CB  1 
ATOM   507  C CG  . LEU A 1 87  ? 1.899   8.964   -6.103  1.00 30.17 ? 87  LEU A CG  1 
ATOM   508  C CD1 . LEU A 1 87  ? 3.418   9.123   -5.941  1.00 26.84 ? 87  LEU A CD1 1 
ATOM   509  C CD2 . LEU A 1 87  ? 1.563   7.631   -6.719  1.00 28.68 ? 87  LEU A CD2 1 
ATOM   510  N N   . GLN A 1 88  ? -0.486  11.954  -4.847  1.00 35.57 ? 88  GLN A N   1 
ATOM   511  C CA  . GLN A 1 88  ? -1.013  13.170  -5.501  1.00 37.21 ? 88  GLN A CA  1 
ATOM   512  C C   . GLN A 1 88  ? -0.178  14.392  -5.108  1.00 37.82 ? 88  GLN A C   1 
ATOM   513  O O   . GLN A 1 88  ? 0.311   15.115  -5.993  1.00 38.05 ? 88  GLN A O   1 
ATOM   514  C CB  . GLN A 1 88  ? -2.483  13.415  -5.143  1.00 37.50 ? 88  GLN A CB  1 
ATOM   515  C CG  . GLN A 1 88  ? -3.492  12.402  -5.721  1.00 39.12 ? 88  GLN A CG  1 
ATOM   516  C CD  . GLN A 1 88  ? -4.932  12.675  -5.246  1.00 42.09 ? 88  GLN A CD  1 
ATOM   517  O OE1 . GLN A 1 88  ? -5.583  11.816  -4.618  1.00 41.78 ? 88  GLN A OE1 1 
ATOM   518  N NE2 . GLN A 1 88  ? -5.418  13.891  -5.519  1.00 41.39 ? 88  GLN A NE2 1 
ATOM   519  N N   . THR A 1 89  ? 0.010   14.580  -3.788  1.00 38.37 ? 89  THR A N   1 
ATOM   520  C CA  . THR A 1 89  ? 0.747   15.721  -3.196  1.00 38.28 ? 89  THR A CA  1 
ATOM   521  C C   . THR A 1 89  ? 2.122   15.873  -3.798  1.00 39.37 ? 89  THR A C   1 
ATOM   522  O O   . THR A 1 89  ? 2.550   16.971  -4.147  1.00 39.60 ? 89  THR A O   1 
ATOM   523  C CB  . THR A 1 89  ? 0.926   15.544  -1.676  1.00 37.89 ? 89  THR A CB  1 
ATOM   524  O OG1 . THR A 1 89  ? -0.360  15.452  -1.055  1.00 36.76 ? 89  THR A OG1 1 
ATOM   525  C CG2 . THR A 1 89  ? 1.682   16.716  -1.077  1.00 37.77 ? 89  THR A CG2 1 
ATOM   526  N N   . LEU A 1 90  ? 2.823   14.756  -3.922  1.00 40.67 ? 90  LEU A N   1 
ATOM   527  C CA  . LEU A 1 90  ? 4.126   14.766  -4.552  1.00 41.57 ? 90  LEU A CA  1 
ATOM   528  C C   . LEU A 1 90  ? 4.010   15.236  -5.991  1.00 41.83 ? 90  LEU A C   1 
ATOM   529  O O   . LEU A 1 90  ? 4.743   16.144  -6.409  1.00 41.45 ? 90  LEU A O   1 
ATOM   530  C CB  . LEU A 1 90  ? 4.724   13.381  -4.494  1.00 42.13 ? 90  LEU A CB  1 
ATOM   531  C CG  . LEU A 1 90  ? 6.126   13.380  -3.896  1.00 44.11 ? 90  LEU A CG  1 
ATOM   532  C CD1 . LEU A 1 90  ? 6.205   12.335  -2.795  1.00 45.42 ? 90  LEU A CD1 1 
ATOM   533  C CD2 . LEU A 1 90  ? 7.189   13.156  -4.981  1.00 47.78 ? 90  LEU A CD2 1 
ATOM   534  N N   . ALA A 1 91  ? 3.074   14.634  -6.736  1.00 42.22 ? 91  ALA A N   1 
ATOM   535  C CA  . ALA A 1 91  ? 2.791   15.067  -8.110  1.00 43.01 ? 91  ALA A CA  1 
ATOM   536  C C   . ALA A 1 91  ? 2.639   16.604  -8.222  1.00 43.80 ? 91  ALA A C   1 
ATOM   537  O O   . ALA A 1 91  ? 3.401   17.229  -8.956  1.00 44.04 ? 91  ALA A O   1 
ATOM   538  C CB  . ALA A 1 91  ? 1.569   14.333  -8.690  1.00 41.80 ? 91  ALA A CB  1 
ATOM   539  N N   . GLU A 1 92  ? 1.714   17.196  -7.455  1.00 44.52 ? 92  GLU A N   1 
ATOM   540  C CA  . GLU A 1 92  ? 1.411   18.648  -7.484  1.00 45.87 ? 92  GLU A CA  1 
ATOM   541  C C   . GLU A 1 92  ? 2.534   19.597  -7.067  1.00 46.79 ? 92  GLU A C   1 
ATOM   542  O O   . GLU A 1 92  ? 2.612   20.723  -7.564  1.00 46.95 ? 92  GLU A O   1 
ATOM   543  C CB  . GLU A 1 92  ? 0.195   18.951  -6.615  1.00 45.75 ? 92  GLU A CB  1 
ATOM   544  C CG  . GLU A 1 92  ? -1.000  18.030  -6.866  1.00 46.35 ? 92  GLU A CG  1 
ATOM   545  C CD  . GLU A 1 92  ? -2.182  18.378  -5.974  1.00 47.03 ? 92  GLU A CD  1 
ATOM   546  O OE1 . GLU A 1 92  ? -2.096  19.426  -5.292  1.00 44.44 ? 92  GLU A OE1 1 
ATOM   547  O OE2 . GLU A 1 92  ? -3.178  17.609  -5.959  1.00 45.34 ? 92  GLU A OE2 1 
ATOM   548  N N   . ASN A 1 93  ? 3.380   19.161  -6.134  1.00 48.14 ? 93  ASN A N   1 
ATOM   549  C CA  . ASN A 1 93  ? 4.567   19.923  -5.746  1.00 49.13 ? 93  ASN A CA  1 
ATOM   550  C C   . ASN A 1 93  ? 5.836   19.201  -6.184  1.00 49.77 ? 93  ASN A C   1 
ATOM   551  O O   . ASN A 1 93  ? 6.409   18.419  -5.419  1.00 49.83 ? 93  ASN A O   1 
ATOM   552  C CB  . ASN A 1 93  ? 4.583   20.161  -4.235  1.00 49.34 ? 93  ASN A CB  1 
ATOM   553  C CG  . ASN A 1 93  ? 3.410   21.008  -3.764  1.00 50.57 ? 93  ASN A CG  1 
ATOM   554  O OD1 . ASN A 1 93  ? 3.470   22.238  -3.786  1.00 52.69 ? 93  ASN A OD1 1 
ATOM   555  N ND2 . ASN A 1 93  ? 2.331   20.351  -3.346  1.00 50.38 ? 93  ASN A ND2 1 
ATOM   556  N N   . PRO A 1 94  ? 6.283   19.441  -7.431  1.00 50.57 ? 94  PRO A N   1 
ATOM   557  C CA  . PRO A 1 94  ? 7.490   18.688  -7.871  1.00 50.63 ? 94  PRO A CA  1 
ATOM   558  C C   . PRO A 1 94  ? 8.786   19.014  -7.087  1.00 50.51 ? 94  PRO A C   1 
ATOM   559  O O   . PRO A 1 94  ? 9.290   20.150  -7.149  1.00 49.83 ? 94  PRO A O   1 
ATOM   560  C CB  . PRO A 1 94  ? 7.625   19.044  -9.366  1.00 50.73 ? 94  PRO A CB  1 
ATOM   561  C CG  . PRO A 1 94  ? 6.738   20.251  -9.578  1.00 51.17 ? 94  PRO A CG  1 
ATOM   562  C CD  . PRO A 1 94  ? 5.651   20.201  -8.527  1.00 50.18 ? 94  PRO A CD  1 
ATOM   563  N N   . ALA A 1 95  ? 9.311   18.006  -6.382  1.00 50.42 ? 95  ALA A N   1 
ATOM   564  C CA  . ALA A 1 95  ? 10.562  18.131  -5.626  1.00 50.79 ? 95  ALA A CA  1 
ATOM   565  C C   . ALA A 1 95  ? 11.720  18.535  -6.538  1.00 51.26 ? 95  ALA A C   1 
ATOM   566  O O   . ALA A 1 95  ? 11.854  18.031  -7.666  1.00 51.44 ? 95  ALA A O   1 
ATOM   567  C CB  . ALA A 1 95  ? 10.892  16.853  -4.857  1.00 50.84 ? 95  ALA A CB  1 
ATOM   568  N N   . ASP A 1 96  ? 12.541  19.463  -6.040  1.00 51.18 ? 96  ASP A N   1 
ATOM   569  C CA  . ASP A 1 96  ? 13.575  20.094  -6.845  1.00 50.80 ? 96  ASP A CA  1 
ATOM   570  C C   . ASP A 1 96  ? 14.889  19.373  -6.635  1.00 50.39 ? 96  ASP A C   1 
ATOM   571  O O   . ASP A 1 96  ? 15.646  19.661  -5.689  1.00 50.18 ? 96  ASP A O   1 
ATOM   572  C CB  . ASP A 1 96  ? 13.674  21.584  -6.513  1.00 51.35 ? 96  ASP A CB  1 
ATOM   573  C CG  . ASP A 1 96  ? 14.865  22.251  -7.158  1.00 52.02 ? 96  ASP A CG  1 
ATOM   574  O OD1 . ASP A 1 96  ? 15.287  21.844  -8.272  1.00 53.98 ? 96  ASP A OD1 1 
ATOM   575  O OD2 . ASP A 1 96  ? 15.384  23.188  -6.527  1.00 52.58 ? 96  ASP A OD2 1 
ATOM   576  N N   . THR A 1 97  ? 15.155  18.444  -7.553  1.00 49.41 ? 97  THR A N   1 
ATOM   577  C CA  . THR A 1 97  ? 16.185  17.436  -7.365  1.00 47.98 ? 97  THR A CA  1 
ATOM   578  C C   . THR A 1 97  ? 16.480  16.703  -8.697  1.00 47.37 ? 97  THR A C   1 
ATOM   579  O O   . THR A 1 97  ? 15.828  16.963  -9.717  1.00 47.98 ? 97  THR A O   1 
ATOM   580  C CB  . THR A 1 97  ? 15.742  16.450  -6.212  1.00 47.87 ? 97  THR A CB  1 
ATOM   581  O OG1 . THR A 1 97  ? 16.885  15.831  -5.603  1.00 46.57 ? 97  THR A OG1 1 
ATOM   582  C CG2 . THR A 1 97  ? 14.729  15.408  -6.704  1.00 46.87 ? 97  THR A CG2 1 
ATOM   583  N N   . ASP A 1 98  ? 17.468  15.809  -8.688  1.00 45.60 ? 98  ASP A N   1 
ATOM   584  C CA  . ASP A 1 98  ? 17.754  14.934  -9.820  1.00 43.70 ? 98  ASP A CA  1 
ATOM   585  C C   . ASP A 1 98  ? 16.691  13.837  -9.957  1.00 42.90 ? 98  ASP A C   1 
ATOM   586  O O   . ASP A 1 98  ? 15.801  13.660  -9.095  1.00 42.73 ? 98  ASP A O   1 
ATOM   587  C CB  . ASP A 1 98  ? 19.106  14.268  -9.604  1.00 43.09 ? 98  ASP A CB  1 
ATOM   588  C CG  . ASP A 1 98  ? 19.160  13.494  -8.308  1.00 42.42 ? 98  ASP A CG  1 
ATOM   589  O OD1 . ASP A 1 98  ? 18.353  12.559  -8.103  1.00 39.15 ? 98  ASP A OD1 1 
ATOM   590  O OD2 . ASP A 1 98  ? 20.006  13.840  -7.471  1.00 44.34 ? 98  ASP A OD2 1 
ATOM   591  N N   . ARG A 1 99  ? 16.825  13.066  -11.025 1.00 41.55 ? 99  ARG A N   1 
ATOM   592  C CA  . ARG A 1 99  ? 15.820  12.079  -11.376 1.00 40.51 ? 99  ARG A CA  1 
ATOM   593  C C   . ARG A 1 99  ? 15.831  10.909  -10.401 1.00 39.41 ? 99  ARG A C   1 
ATOM   594  O O   . ARG A 1 99  ? 14.754  10.365  -10.068 1.00 38.66 ? 99  ARG A O   1 
ATOM   595  C CB  . ARG A 1 99  ? 16.018  11.585  -12.810 1.00 40.59 ? 99  ARG A CB  1 
ATOM   596  C CG  . ARG A 1 99  ? 17.192  10.628  -12.972 1.00 41.27 ? 99  ARG A CG  1 
ATOM   597  C CD  . ARG A 1 99  ? 17.524  10.497  -14.435 1.00 42.50 ? 99  ARG A CD  1 
ATOM   598  N NE  . ARG A 1 99  ? 18.800  9.842   -14.660 1.00 42.64 ? 99  ARG A NE  1 
ATOM   599  C CZ  . ARG A 1 99  ? 19.410  9.805   -15.845 1.00 42.88 ? 99  ARG A CZ  1 
ATOM   600  N NH1 . ARG A 1 99  ? 18.865  10.392  -16.909 1.00 40.17 ? 99  ARG A NH1 1 
ATOM   601  N NH2 . ARG A 1 99  ? 20.577  9.189   -15.955 1.00 43.02 ? 99  ARG A NH2 1 
ATOM   602  N N   . GLU A 1 100 ? 17.031  10.526  -9.952  1.00 37.74 ? 100 GLU A N   1 
ATOM   603  C CA  . GLU A 1 100 ? 17.146  9.410   -9.042  1.00 36.59 ? 100 GLU A CA  1 
ATOM   604  C C   . GLU A 1 100 ? 16.293  9.679   -7.832  1.00 35.79 ? 100 GLU A C   1 
ATOM   605  O O   . GLU A 1 100 ? 15.476  8.833   -7.454  1.00 36.12 ? 100 GLU A O   1 
ATOM   606  C CB  . GLU A 1 100 ? 18.600  9.122   -8.656  1.00 37.32 ? 100 GLU A CB  1 
ATOM   607  C CG  . GLU A 1 100 ? 18.738  8.201   -7.450  1.00 38.54 ? 100 GLU A CG  1 
ATOM   608  C CD  . GLU A 1 100 ? 19.972  7.339   -7.490  1.00 43.18 ? 100 GLU A CD  1 
ATOM   609  O OE1 . GLU A 1 100 ? 20.229  6.718   -8.540  1.00 46.89 ? 100 GLU A OE1 1 
ATOM   610  O OE2 . GLU A 1 100 ? 20.679  7.238   -6.463  1.00 44.62 ? 100 GLU A OE2 1 
ATOM   611  N N   . ASN A 1 101 ? 16.444  10.874  -7.265  1.00 34.79 ? 101 ASN A N   1 
ATOM   612  C CA  . ASN A 1 101 ? 15.707  11.287  -6.048  1.00 33.88 ? 101 ASN A CA  1 
ATOM   613  C C   . ASN A 1 101 ? 14.241  11.518  -6.242  1.00 32.62 ? 101 ASN A C   1 
ATOM   614  O O   . ASN A 1 101 ? 13.433  11.222  -5.343  1.00 32.08 ? 101 ASN A O   1 
ATOM   615  C CB  . ASN A 1 101 ? 16.344  12.497  -5.366  1.00 34.11 ? 101 ASN A CB  1 
ATOM   616  C CG  . ASN A 1 101 ? 17.110  12.104  -4.115  1.00 36.46 ? 101 ASN A CG  1 
ATOM   617  O OD1 . ASN A 1 101 ? 16.537  12.043  -3.019  1.00 41.46 ? 101 ASN A OD1 1 
ATOM   618  N ND2 . ASN A 1 101 ? 18.397  11.788  -4.274  1.00 37.88 ? 101 ASN A ND2 1 
ATOM   619  N N   . MET A 1 102 ? 13.905  12.029  -7.425  1.00 31.62 ? 102 MET A N   1 
ATOM   620  C CA  . MET A 1 102 ? 12.518  12.104  -7.879  1.00 30.24 ? 102 MET A CA  1 
ATOM   621  C C   . MET A 1 102 ? 11.820  10.753  -7.656  1.00 28.24 ? 102 MET A C   1 
ATOM   622  O O   . MET A 1 102 ? 10.768  10.672  -7.013  1.00 27.98 ? 102 MET A O   1 
ATOM   623  C CB  . MET A 1 102 ? 12.486  12.486  -9.369  1.00 31.49 ? 102 MET A CB  1 
ATOM   624  C CG  . MET A 1 102 ? 11.071  12.844  -9.964  1.00 35.99 ? 102 MET A CG  1 
ATOM   625  S SD  . MET A 1 102 ? 10.163  11.741  -11.108 1.00 40.99 ? 102 MET A SD  1 
ATOM   626  C CE  . MET A 1 102 ? 11.170  11.826  -12.598 1.00 38.49 ? 102 MET A CE  1 
ATOM   627  N N   . TRP A 1 103 ? 12.427  9.694   -8.183  1.00 26.09 ? 103 TRP A N   1 
ATOM   628  C CA  . TRP A 1 103 ? 11.848  8.350   -8.113  1.00 24.04 ? 103 TRP A CA  1 
ATOM   629  C C   . TRP A 1 103 ? 11.859  7.799   -6.688  1.00 22.85 ? 103 TRP A C   1 
ATOM   630  O O   . TRP A 1 103 ? 10.854  7.188   -6.228  1.00 22.80 ? 103 TRP A O   1 
ATOM   631  C CB  . TRP A 1 103 ? 12.561  7.391   -9.081  1.00 24.13 ? 103 TRP A CB  1 
ATOM   632  C CG  . TRP A 1 103 ? 12.232  7.638   -10.515 1.00 23.03 ? 103 TRP A CG  1 
ATOM   633  C CD1 . TRP A 1 103 ? 13.077  8.093   -11.467 1.00 24.58 ? 103 TRP A CD1 1 
ATOM   634  C CD2 . TRP A 1 103 ? 10.958  7.465   -11.155 1.00 22.93 ? 103 TRP A CD2 1 
ATOM   635  N NE1 . TRP A 1 103 ? 12.420  8.213   -12.667 1.00 26.91 ? 103 TRP A NE1 1 
ATOM   636  C CE2 . TRP A 1 103 ? 11.124  7.806   -12.505 1.00 23.92 ? 103 TRP A CE2 1 
ATOM   637  C CE3 . TRP A 1 103 ? 9.699   7.013   -10.720 1.00 22.01 ? 103 TRP A CE3 1 
ATOM   638  C CZ2 . TRP A 1 103 ? 10.081  7.757   -13.423 1.00 24.70 ? 103 TRP A CZ2 1 
ATOM   639  C CZ3 . TRP A 1 103 ? 8.659   6.968   -11.631 1.00 21.66 ? 103 TRP A CZ3 1 
ATOM   640  C CH2 . TRP A 1 103 ? 8.855   7.333   -12.969 1.00 24.11 ? 103 TRP A CH2 1 
ATOM   641  N N   . ARG A 1 104 ? 12.965  8.041   -5.993  1.00 20.28 ? 104 ARG A N   1 
ATOM   642  C CA  . ARG A 1 104 ? 13.092  7.618   -4.615  1.00 20.11 ? 104 ARG A CA  1 
ATOM   643  C C   . ARG A 1 104 ? 11.972  8.215   -3.736  1.00 20.10 ? 104 ARG A C   1 
ATOM   644  O O   . ARG A 1 104 ? 11.377  7.479   -2.915  1.00 19.32 ? 104 ARG A O   1 
ATOM   645  C CB  . ARG A 1 104 ? 14.462  7.973   -4.062  1.00 20.67 ? 104 ARG A CB  1 
ATOM   646  C CG  . ARG A 1 104 ? 14.814  7.395   -2.672  1.00 22.80 ? 104 ARG A CG  1 
ATOM   647  C CD  . ARG A 1 104 ? 16.162  7.966   -2.119  1.00 27.65 ? 104 ARG A CD  1 
ATOM   648  N NE  . ARG A 1 104 ? 17.260  7.900   -3.086  1.00 30.99 ? 104 ARG A NE  1 
ATOM   649  C CZ  . ARG A 1 104 ? 17.972  6.801   -3.326  1.00 34.83 ? 104 ARG A CZ  1 
ATOM   650  N NH1 . ARG A 1 104 ? 17.700  5.658   -2.666  1.00 34.95 ? 104 ARG A NH1 1 
ATOM   651  N NH2 . ARG A 1 104 ? 18.944  6.839   -4.248  1.00 36.58 ? 104 ARG A NH2 1 
ATOM   652  N N   . THR A 1 105 ? 11.658  9.502   -3.940  1.00 19.30 ? 105 THR A N   1 
ATOM   653  C CA  . THR A 1 105 ? 10.627  10.173  -3.132  1.00 20.32 ? 105 THR A CA  1 
ATOM   654  C C   . THR A 1 105 ? 9.293   9.512   -3.363  1.00 19.54 ? 105 THR A C   1 
ATOM   655  O O   . THR A 1 105 ? 8.499   9.336   -2.447  1.00 19.37 ? 105 THR A O   1 
ATOM   656  C CB  . THR A 1 105 ? 10.501  11.710  -3.459  1.00 21.67 ? 105 THR A CB  1 
ATOM   657  O OG1 . THR A 1 105 ? 11.801  12.304  -3.544  1.00 22.48 ? 105 THR A OG1 1 
ATOM   658  C CG2 . THR A 1 105 ? 9.785   12.441  -2.305  1.00 23.74 ? 105 THR A CG2 1 
ATOM   659  N N   . GLY A 1 106 ? 9.065   9.152   -4.619  1.00 19.51 ? 106 GLY A N   1 
ATOM   660  C CA  . GLY A 1 106 ? 7.871   8.464   -5.042  1.00 19.69 ? 106 GLY A CA  1 
ATOM   661  C C   . GLY A 1 106 ? 7.718   7.074   -4.474  1.00 19.37 ? 106 GLY A C   1 
ATOM   662  O O   . GLY A 1 106 ? 6.674   6.734   -3.949  1.00 21.87 ? 106 GLY A O   1 
ATOM   663  N N   . ILE A 1 107 ? 8.761   6.266   -4.552  1.00 18.43 ? 107 ILE A N   1 
ATOM   664  C CA  . ILE A 1 107 ? 8.702   4.916   -3.992  1.00 16.29 ? 107 ILE A CA  1 
ATOM   665  C C   . ILE A 1 107 ? 8.437   5.003   -2.475  1.00 16.99 ? 107 ILE A C   1 
ATOM   666  O O   . ILE A 1 107 ? 7.710   4.182   -1.922  1.00 16.17 ? 107 ILE A O   1 
ATOM   667  C CB  . ILE A 1 107 ? 9.998   4.160   -4.340  1.00 14.68 ? 107 ILE A CB  1 
ATOM   668  C CG1 . ILE A 1 107 ? 10.104  3.985   -5.879  1.00 13.69 ? 107 ILE A CG1 1 
ATOM   669  C CG2 . ILE A 1 107 ? 10.114  2.853   -3.591  1.00 12.38 ? 107 ILE A CG2 1 
ATOM   670  C CD1 . ILE A 1 107 ? 11.349  3.180   -6.326  1.00 10.55 ? 107 ILE A CD1 1 
ATOM   671  N N   . ASN A 1 108 ? 8.998   6.040   -1.838  1.00 16.25 ? 108 ASN A N   1 
ATOM   672  C CA  . ASN A 1 108 ? 8.990   6.191   -0.376  1.00 16.46 ? 108 ASN A CA  1 
ATOM   673  C C   . ASN A 1 108 ? 7.610   6.406   0.269   1.00 16.85 ? 108 ASN A C   1 
ATOM   674  O O   . ASN A 1 108 ? 7.429   6.111   1.470   1.00 17.57 ? 108 ASN A O   1 
ATOM   675  C CB  . ASN A 1 108 ? 9.931   7.327   0.034   1.00 16.42 ? 108 ASN A CB  1 
ATOM   676  C CG  . ASN A 1 108 ? 10.155  7.404   1.543   1.00 18.34 ? 108 ASN A CG  1 
ATOM   677  O OD1 . ASN A 1 108 ? 10.795  6.548   2.154   1.00 20.46 ? 108 ASN A OD1 1 
ATOM   678  N ND2 . ASN A 1 108 ? 9.647   8.461   2.143   1.00 20.45 ? 108 ASN A ND2 1 
ATOM   679  N N   . VAL A 1 109 ? 6.658   6.901   -0.527  1.00 15.58 ? 109 VAL A N   1 
ATOM   680  C CA  . VAL A 1 109 ? 5.282   7.071   -0.121  1.00 15.56 ? 109 VAL A CA  1 
ATOM   681  C C   . VAL A 1 109 ? 4.764   5.695   0.330   1.00 16.71 ? 109 VAL A C   1 
ATOM   682  O O   . VAL A 1 109 ? 4.041   5.584   1.341   1.00 16.80 ? 109 VAL A O   1 
ATOM   683  C CB  . VAL A 1 109 ? 4.387   7.578   -1.340  1.00 15.75 ? 109 VAL A CB  1 
ATOM   684  C CG1 . VAL A 1 109 ? 2.884   7.454   -1.029  1.00 17.09 ? 109 VAL A CG1 1 
ATOM   685  C CG2 . VAL A 1 109 ? 4.721   9.050   -1.793  1.00 14.90 ? 109 VAL A CG2 1 
ATOM   686  N N   . PHE A 1 110 ? 5.136   4.660   -0.433  1.00 16.40 ? 110 PHE A N   1 
ATOM   687  C CA  . PHE A 1 110 ? 4.674   3.286   -0.196  1.00 17.71 ? 110 PHE A CA  1 
ATOM   688  C C   . PHE A 1 110 ? 5.470   2.587   0.917   1.00 18.02 ? 110 PHE A C   1 
ATOM   689  O O   . PHE A 1 110 ? 4.847   1.983   1.832   1.00 18.41 ? 110 PHE A O   1 
ATOM   690  C CB  . PHE A 1 110 ? 4.642   2.485   -1.542  1.00 17.55 ? 110 PHE A CB  1 
ATOM   691  C CG  . PHE A 1 110 ? 3.709   3.095   -2.567  1.00 17.00 ? 110 PHE A CG  1 
ATOM   692  C CD1 . PHE A 1 110 ? 2.344   2.974   -2.428  1.00 12.72 ? 110 PHE A CD1 1 
ATOM   693  C CD2 . PHE A 1 110 ? 4.210   3.849   -3.626  1.00 15.47 ? 110 PHE A CD2 1 
ATOM   694  C CE1 . PHE A 1 110 ? 1.484   3.600   -3.323  1.00 14.20 ? 110 PHE A CE1 1 
ATOM   695  C CE2 . PHE A 1 110 ? 3.377   4.458   -4.538  1.00 16.00 ? 110 PHE A CE2 1 
ATOM   696  C CZ  . PHE A 1 110 ? 2.003   4.356   -4.390  1.00 15.08 ? 110 PHE A CZ  1 
ATOM   697  N N   . PHE A 1 111 ? 6.814   2.707   0.864   1.00 17.76 ? 111 PHE A N   1 
ATOM   698  C CA  . PHE A 1 111 ? 7.721   2.309   1.979   1.00 16.88 ? 111 PHE A CA  1 
ATOM   699  C C   . PHE A 1 111 ? 7.280   2.917   3.325   1.00 17.03 ? 111 PHE A C   1 
ATOM   700  O O   . PHE A 1 111 ? 6.959   2.191   4.278   1.00 17.07 ? 111 PHE A O   1 
ATOM   701  C CB  . PHE A 1 111 ? 9.178   2.637   1.625   1.00 17.09 ? 111 PHE A CB  1 
ATOM   702  C CG  . PHE A 1 111 ? 10.185  2.315   2.721   1.00 16.05 ? 111 PHE A CG  1 
ATOM   703  C CD1 . PHE A 1 111 ? 10.473  0.985   3.076   1.00 12.66 ? 111 PHE A CD1 1 
ATOM   704  C CD2 . PHE A 1 111 ? 10.854  3.354   3.401   1.00 12.67 ? 111 PHE A CD2 1 
ATOM   705  C CE1 . PHE A 1 111 ? 11.410  0.700   4.091   1.00 11.33 ? 111 PHE A CE1 1 
ATOM   706  C CE2 . PHE A 1 111 ? 11.781  3.084   4.451   1.00 10.24 ? 111 PHE A CE2 1 
ATOM   707  C CZ  . PHE A 1 111 ? 12.060  1.775   4.803   1.00 10.52 ? 111 PHE A CZ  1 
ATOM   708  N N   . GLU A 1 112 ? 7.179   4.235   3.397   1.00 16.70 ? 112 GLU A N   1 
ATOM   709  C CA  . GLU A 1 112 ? 6.628   4.868   4.601   1.00 16.45 ? 112 GLU A CA  1 
ATOM   710  C C   . GLU A 1 112 ? 5.181   4.527   4.952   1.00 16.77 ? 112 GLU A C   1 
ATOM   711  O O   . GLU A 1 112 ? 4.880   4.252   6.125   1.00 17.70 ? 112 GLU A O   1 
ATOM   712  C CB  . GLU A 1 112 ? 6.696   6.384   4.488   1.00 15.46 ? 112 GLU A CB  1 
ATOM   713  C CG  . GLU A 1 112 ? 8.043   6.957   4.667   1.00 19.63 ? 112 GLU A CG  1 
ATOM   714  C CD  . GLU A 1 112 ? 8.752   6.539   5.959   1.00 24.92 ? 112 GLU A CD  1 
ATOM   715  O OE1 . GLU A 1 112 ? 8.082   6.231   6.979   1.00 29.94 ? 112 GLU A OE1 1 
ATOM   716  O OE2 . GLU A 1 112 ? 10.006  6.491   5.932   1.00 25.49 ? 112 GLU A OE2 1 
ATOM   717  N N   . THR A 1 113 ? 4.271   4.603   3.974   1.00 16.08 ? 113 THR A N   1 
ATOM   718  C CA  . THR A 1 113 ? 2.866   4.528   4.297   1.00 16.82 ? 113 THR A CA  1 
ATOM   719  C C   . THR A 1 113 ? 2.475   3.144   4.817   1.00 17.11 ? 113 THR A C   1 
ATOM   720  O O   . THR A 1 113 ? 1.848   3.036   5.892   1.00 18.36 ? 113 THR A O   1 
ATOM   721  C CB  . THR A 1 113 ? 1.924   4.947   3.115   1.00 17.45 ? 113 THR A CB  1 
ATOM   722  O OG1 . THR A 1 113 ? 2.125   6.332   2.804   1.00 16.11 ? 113 THR A OG1 1 
ATOM   723  C CG2 . THR A 1 113 ? 0.481   4.780   3.535   1.00 15.41 ? 113 THR A CG2 1 
ATOM   724  N N   . PHE A 1 114 ? 2.802   2.104   4.053   1.00 16.20 ? 114 PHE A N   1 
ATOM   725  C CA  . PHE A 1 114 ? 2.483   0.705   4.451   1.00 15.44 ? 114 PHE A CA  1 
ATOM   726  C C   . PHE A 1 114 ? 3.465   0.163   5.496   1.00 15.00 ? 114 PHE A C   1 
ATOM   727  O O   . PHE A 1 114 ? 3.208   -0.880  6.151   1.00 14.82 ? 114 PHE A O   1 
ATOM   728  C CB  . PHE A 1 114 ? 2.537   -0.187  3.201   1.00 15.92 ? 114 PHE A CB  1 
ATOM   729  C CG  . PHE A 1 114 ? 1.498   0.144   2.165   1.00 17.66 ? 114 PHE A CG  1 
ATOM   730  C CD1 . PHE A 1 114 ? 0.217   -0.384  2.253   1.00 21.85 ? 114 PHE A CD1 1 
ATOM   731  C CD2 . PHE A 1 114 ? 1.809   0.944   1.083   1.00 16.77 ? 114 PHE A CD2 1 
ATOM   732  C CE1 . PHE A 1 114 ? -0.763  -0.083  1.270   1.00 23.40 ? 114 PHE A CE1 1 
ATOM   733  C CE2 . PHE A 1 114 ? 0.853   1.265   0.110   1.00 18.19 ? 114 PHE A CE2 1 
ATOM   734  C CZ  . PHE A 1 114 ? -0.437  0.753   0.199   1.00 22.31 ? 114 PHE A CZ  1 
ATOM   735  N N   . GLY A 1 115 ? 4.629   0.814   5.588   1.00 14.67 ? 115 GLY A N   1 
ATOM   736  C CA  . GLY A 1 115 ? 5.636   0.507   6.623   1.00 16.03 ? 115 GLY A CA  1 
ATOM   737  C C   . GLY A 1 115 ? 5.186   0.956   8.011   1.00 18.12 ? 115 GLY A C   1 
ATOM   738  O O   . GLY A 1 115 ? 5.639   0.419   9.018   1.00 19.70 ? 115 GLY A O   1 
ATOM   739  N N   . SER A 1 116 ? 4.266   1.914   8.085   1.00 18.64 ? 116 SER A N   1 
ATOM   740  C CA  . SER A 1 116 ? 3.774   2.406   9.362   1.00 19.33 ? 116 SER A CA  1 
ATOM   741  C C   . SER A 1 116 ? 2.483   1.717   9.691   1.00 19.81 ? 116 SER A C   1 
ATOM   742  O O   . SER A 1 116 ? 1.853   1.984   10.732  1.00 19.89 ? 116 SER A O   1 
ATOM   743  C CB  . SER A 1 116 ? 3.540   3.912   9.271   1.00 18.90 ? 116 SER A CB  1 
ATOM   744  O OG  . SER A 1 116 ? 4.720   4.480   8.757   1.00 19.27 ? 116 SER A OG  1 
ATOM   745  N N   . HIS A 1 117 ? 2.063   0.845   8.781   1.00 19.92 ? 117 HIS A N   1 
ATOM   746  C CA  . HIS A 1 117 ? 0.818   0.103   8.987   1.00 20.63 ? 117 HIS A CA  1 
ATOM   747  C C   . HIS A 1 117 ? 1.047   -1.353  8.596   1.00 19.40 ? 117 HIS A C   1 
ATOM   748  O O   . HIS A 1 117 ? 0.342   -1.924  7.793   1.00 19.34 ? 117 HIS A O   1 
ATOM   749  C CB  . HIS A 1 117 ? -0.348  0.790   8.261   1.00 19.36 ? 117 HIS A CB  1 
ATOM   750  C CG  . HIS A 1 117 ? -0.679  2.139   8.823   1.00 24.21 ? 117 HIS A CG  1 
ATOM   751  N ND1 . HIS A 1 117 ? -0.098  3.309   8.362   1.00 28.72 ? 117 HIS A ND1 1 
ATOM   752  C CD2 . HIS A 1 117 ? -1.492  2.507   9.844   1.00 26.22 ? 117 HIS A CD2 1 
ATOM   753  C CE1 . HIS A 1 117 ? -0.559  4.338   9.060   1.00 27.80 ? 117 HIS A CE1 1 
ATOM   754  N NE2 . HIS A 1 117 ? -1.400  3.879   9.970   1.00 26.60 ? 117 HIS A NE2 1 
ATOM   755  N N   . LYS A 1 118 ? 2.044   -1.942  9.211   1.00 19.40 ? 118 LYS A N   1 
ATOM   756  C CA  . LYS A 1 118 ? 2.477   -3.292  8.841   1.00 21.44 ? 118 LYS A CA  1 
ATOM   757  C C   . LYS A 1 118 ? 1.434   -4.384  9.069   1.00 21.26 ? 118 LYS A C   1 
ATOM   758  O O   . LYS A 1 118 ? 1.314   -5.285  8.249   1.00 23.01 ? 118 LYS A O   1 
ATOM   759  C CB  . LYS A 1 118 ? 3.818   -3.647  9.521   1.00 20.85 ? 118 LYS A CB  1 
ATOM   760  C CG  . LYS A 1 118 ? 4.998   -3.652  8.553   1.00 23.39 ? 118 LYS A CG  1 
ATOM   761  C CD  . LYS A 1 118 ? 6.387   -3.623  9.263   1.00 26.61 ? 118 LYS A CD  1 
ATOM   762  C CE  . LYS A 1 118 ? 6.891   -2.203  9.448   1.00 29.08 ? 118 LYS A CE  1 
ATOM   763  N NZ  . LYS A 1 118 ? 8.370   -2.146  9.514   1.00 32.01 ? 118 LYS A NZ  1 
ATOM   764  N N   . ALA A 1 119 ? 0.680   -4.297  10.162  1.00 21.58 ? 119 ALA A N   1 
ATOM   765  C CA  . ALA A 1 119 ? -0.321  -5.305  10.498  1.00 21.92 ? 119 ALA A CA  1 
ATOM   766  C C   . ALA A 1 119 ? -1.458  -5.200  9.512   1.00 22.16 ? 119 ALA A C   1 
ATOM   767  O O   . ALA A 1 119 ? -1.983  -6.221  9.067   1.00 22.48 ? 119 ALA A O   1 
ATOM   768  C CB  . ALA A 1 119 ? -0.841  -5.119  11.963  1.00 21.92 ? 119 ALA A CB  1 
ATOM   769  N N   . VAL A 1 120 ? -1.834  -3.973  9.146   1.00 22.95 ? 120 VAL A N   1 
ATOM   770  C CA  . VAL A 1 120 ? -2.917  -3.790  8.155   1.00 23.83 ? 120 VAL A CA  1 
ATOM   771  C C   . VAL A 1 120 ? -2.535  -4.255  6.762   1.00 24.37 ? 120 VAL A C   1 
ATOM   772  O O   . VAL A 1 120 ? -3.264  -5.040  6.159   1.00 24.95 ? 120 VAL A O   1 
ATOM   773  C CB  . VAL A 1 120 ? -3.496  -2.380  8.131   1.00 24.39 ? 120 VAL A CB  1 
ATOM   774  C CG1 . VAL A 1 120 ? -4.561  -2.252  7.050   1.00 22.98 ? 120 VAL A CG1 1 
ATOM   775  C CG2 . VAL A 1 120 ? -4.149  -2.075  9.477   1.00 24.50 ? 120 VAL A CG2 1 
ATOM   776  N N   . THR A 1 121 ? -1.375  -3.806  6.276   1.00 25.12 ? 121 THR A N   1 
ATOM   777  C CA  . THR A 1 121 ? -0.748  -4.358  5.066   1.00 23.74 ? 121 THR A CA  1 
ATOM   778  C C   . THR A 1 121 ? -0.891  -5.873  4.992   1.00 23.56 ? 121 THR A C   1 
ATOM   779  O O   . THR A 1 121 ? -1.556  -6.382  4.077   1.00 23.21 ? 121 THR A O   1 
ATOM   780  C CB  . THR A 1 121 ? 0.719   -4.002  5.018   1.00 23.97 ? 121 THR A CB  1 
ATOM   781  O OG1 . THR A 1 121 ? 0.838   -2.583  4.935   1.00 22.19 ? 121 THR A OG1 1 
ATOM   782  C CG2 . THR A 1 121 ? 1.416   -4.644  3.815   1.00 23.78 ? 121 THR A CG2 1 
ATOM   783  N N   . ARG A 1 122 ? -0.283  -6.570  5.947   1.00 23.16 ? 122 ARG A N   1 
ATOM   784  C CA  . ARG A 1 122 ? -0.226  -8.026  5.944   1.00 22.96 ? 122 ARG A CA  1 
ATOM   785  C C   . ARG A 1 122 ? -1.616  -8.685  5.871   1.00 22.20 ? 122 ARG A C   1 
ATOM   786  O O   . ARG A 1 122 ? -1.826  -9.603  5.095   1.00 22.85 ? 122 ARG A O   1 
ATOM   787  C CB  . ARG A 1 122 ? 0.522   -8.531  7.190   1.00 24.16 ? 122 ARG A CB  1 
ATOM   788  C CG  . ARG A 1 122 ? 0.889   -10.080 7.225   1.00 27.91 ? 122 ARG A CG  1 
ATOM   789  C CD  . ARG A 1 122 ? 1.139   -10.611 8.705   1.00 36.74 ? 122 ARG A CD  1 
ATOM   790  N NE  . ARG A 1 122 ? -0.085  -10.612 9.563   1.00 41.28 ? 122 ARG A NE  1 
ATOM   791  C CZ  . ARG A 1 122 ? -0.240  -9.979  10.741  1.00 43.51 ? 122 ARG A CZ  1 
ATOM   792  N NH1 . ARG A 1 122 ? 0.736   -9.244  11.268  1.00 42.94 ? 122 ARG A NH1 1 
ATOM   793  N NH2 . ARG A 1 122 ? -1.396  -10.076 11.409  1.00 44.29 ? 122 ARG A NH2 1 
ATOM   794  N N   . ALA A 1 123 ? -2.562  -8.217  6.678   1.00 22.02 ? 123 ALA A N   1 
ATOM   795  C CA  . ALA A 1 123 ? -3.898  -8.815  6.740   1.00 20.55 ? 123 ALA A CA  1 
ATOM   796  C C   . ALA A 1 123 ? -4.668  -8.483  5.512   1.00 20.19 ? 123 ALA A C   1 
ATOM   797  O O   . ALA A 1 123 ? -5.309  -9.354  4.872   1.00 20.86 ? 123 ALA A O   1 
ATOM   798  C CB  . ALA A 1 123 ? -4.611  -8.325  7.941   1.00 20.54 ? 123 ALA A CB  1 
ATOM   799  N N   . GLY A 1 124 ? -4.613  -7.203  5.153   1.00 20.13 ? 124 GLY A N   1 
ATOM   800  C CA  . GLY A 1 124 ? -5.169  -6.745  3.881   1.00 18.63 ? 124 GLY A CA  1 
ATOM   801  C C   . GLY A 1 124 ? -4.662  -7.510  2.664   1.00 18.90 ? 124 GLY A C   1 
ATOM   802  O O   . GLY A 1 124 ? -5.414  -7.697  1.712   1.00 19.12 ? 124 GLY A O   1 
ATOM   803  N N   . GLN A 1 125 ? -3.401  -7.954  2.658   1.00 19.01 ? 125 GLN A N   1 
ATOM   804  C CA  . GLN A 1 125 ? -2.920  -8.718  1.497   1.00 20.51 ? 125 GLN A CA  1 
ATOM   805  C C   . GLN A 1 125 ? -3.475  -10.132 1.585   1.00 20.61 ? 125 GLN A C   1 
ATOM   806  O O   . GLN A 1 125 ? -3.848  -10.701 0.575   1.00 19.88 ? 125 GLN A O   1 
ATOM   807  C CB  . GLN A 1 125 ? -1.394  -8.762  1.383   1.00 20.32 ? 125 GLN A CB  1 
ATOM   808  C CG  . GLN A 1 125 ? -0.748  -7.421  1.001   1.00 23.80 ? 125 GLN A CG  1 
ATOM   809  C CD  . GLN A 1 125 ? -1.171  -6.904  -0.361  1.00 26.62 ? 125 GLN A CD  1 
ATOM   810  O OE1 . GLN A 1 125 ? -1.729  -5.809  -0.472  1.00 29.06 ? 125 GLN A OE1 1 
ATOM   811  N NE2 . GLN A 1 125 ? -0.917  -7.690  -1.403  1.00 25.26 ? 125 GLN A NE2 1 
ATOM   812  N N   . ALA A 1 126 ? -3.539  -10.687 2.788   1.00 20.62 ? 126 ALA A N   1 
ATOM   813  C CA  . ALA A 1 126 ? -3.986  -12.055 2.870   1.00 22.82 ? 126 ALA A CA  1 
ATOM   814  C C   . ALA A 1 126 ? -5.450  -12.162 2.489   1.00 24.21 ? 126 ALA A C   1 
ATOM   815  O O   . ALA A 1 126 ? -5.822  -13.102 1.782   1.00 24.47 ? 126 ALA A O   1 
ATOM   816  C CB  . ALA A 1 126 ? -3.713  -12.659 4.241   1.00 24.04 ? 126 ALA A CB  1 
ATOM   817  N N   . ALA A 1 127 ? -6.263  -11.166 2.873   1.00 24.79 ? 127 ALA A N   1 
ATOM   818  C CA  . ALA A 1 127 ? -7.705  -11.167 2.526   1.00 25.35 ? 127 ALA A CA  1 
ATOM   819  C C   . ALA A 1 127 ? -8.064  -11.207 1.034   1.00 25.72 ? 127 ALA A C   1 
ATOM   820  O O   . ALA A 1 127 ? -9.136  -11.712 0.642   1.00 26.61 ? 127 ALA A O   1 
ATOM   821  C CB  . ALA A 1 127 ? -8.422  -10.004 3.199   1.00 24.85 ? 127 ALA A CB  1 
ATOM   822  N N   . ARG A 1 128 ? -7.186  -10.678 0.196   1.00 26.40 ? 128 ARG A N   1 
ATOM   823  C CA  . ARG A 1 128 ? -7.343  -10.765 -1.242  1.00 26.07 ? 128 ARG A CA  1 
ATOM   824  C C   . ARG A 1 128 ? -7.773  -12.140 -1.670  1.00 26.69 ? 128 ARG A C   1 
ATOM   825  O O   . ARG A 1 128 ? -8.678  -12.263 -2.498  1.00 26.84 ? 128 ARG A O   1 
ATOM   826  C CB  . ARG A 1 128 ? -6.064  -10.337 -1.962  1.00 26.51 ? 128 ARG A CB  1 
ATOM   827  C CG  . ARG A 1 128 ? -5.875  -8.818  -1.950  1.00 26.57 ? 128 ARG A CG  1 
ATOM   828  C CD  . ARG A 1 128 ? -4.495  -8.361  -2.441  1.00 25.95 ? 128 ARG A CD  1 
ATOM   829  N NE  . ARG A 1 128 ? -4.313  -8.646  -3.857  1.00 28.93 ? 128 ARG A NE  1 
ATOM   830  C CZ  . ARG A 1 128 ? -3.128  -8.654  -4.476  1.00 28.30 ? 128 ARG A CZ  1 
ATOM   831  N NH1 . ARG A 1 128 ? -2.031  -8.384  -3.812  1.00 23.24 ? 128 ARG A NH1 1 
ATOM   832  N NH2 . ARG A 1 128 ? -3.040  -8.951  -5.759  1.00 27.31 ? 128 ARG A NH2 1 
ATOM   833  N N   . ALA A 1 129 ? -7.173  -13.176 -1.085  1.00 27.77 ? 129 ALA A N   1 
ATOM   834  C CA  . ALA A 1 129 ? -7.548  -14.571 -1.404  1.00 28.93 ? 129 ALA A CA  1 
ATOM   835  C C   . ALA A 1 129 ? -9.018  -14.880 -1.091  1.00 30.20 ? 129 ALA A C   1 
ATOM   836  O O   . ALA A 1 129 ? -9.697  -15.531 -1.880  1.00 30.41 ? 129 ALA A O   1 
ATOM   837  C CB  . ALA A 1 129 ? -6.638  -15.558 -0.716  1.00 27.99 ? 129 ALA A CB  1 
ATOM   838  N N   . THR A 1 130 ? -9.522  -14.397 0.041   1.00 31.67 ? 130 THR A N   1 
ATOM   839  C CA  . THR A 1 130 ? -10.904 -14.736 0.429   1.00 32.38 ? 130 THR A CA  1 
ATOM   840  C C   . THR A 1 130 ? -11.997 -13.683 0.102   1.00 32.11 ? 130 THR A C   1 
ATOM   841  O O   . THR A 1 130 ? -13.176 -14.025 -0.056  1.00 32.43 ? 130 THR A O   1 
ATOM   842  C CB  . THR A 1 130 ? -10.994 -15.094 1.920   1.00 32.98 ? 130 THR A CB  1 
ATOM   843  O OG1 . THR A 1 130 ? -11.161 -13.884 2.676   1.00 34.80 ? 130 THR A OG1 1 
ATOM   844  C CG2 . THR A 1 130 ? -9.760  -15.905 2.405   1.00 31.41 ? 130 THR A CG2 1 
ATOM   845  N N   . SER A 1 131 ? -11.622 -12.411 -0.010  1.00 31.44 ? 131 SER A N   1 
ATOM   846  C CA  . SER A 1 131 ? -12.627 -11.366 -0.151  1.00 30.23 ? 131 SER A CA  1 
ATOM   847  C C   . SER A 1 131 ? -12.532 -10.526 -1.409  1.00 30.40 ? 131 SER A C   1 
ATOM   848  O O   . SER A 1 131 ? -11.530 -9.815  -1.647  1.00 29.26 ? 131 SER A O   1 
ATOM   849  C CB  . SER A 1 131 ? -12.681 -10.443 1.068   1.00 29.98 ? 131 SER A CB  1 
ATOM   850  O OG  . SER A 1 131 ? -12.981 -9.120  0.639   1.00 29.40 ? 131 SER A OG  1 
ATOM   851  N N   . VAL A 1 132 ? -13.654 -10.576 -2.146  1.00 30.33 ? 132 VAL A N   1 
ATOM   852  C CA  . VAL A 1 132 ? -13.884 -9.839  -3.376  1.00 30.13 ? 132 VAL A CA  1 
ATOM   853  C C   . VAL A 1 132 ? -13.740 -8.297  -3.243  1.00 29.64 ? 132 VAL A C   1 
ATOM   854  O O   . VAL A 1 132 ? -13.125 -7.701  -4.105  1.00 29.29 ? 132 VAL A O   1 
ATOM   855  C CB  . VAL A 1 132 ? -15.222 -10.298 -4.050  1.00 30.16 ? 132 VAL A CB  1 
ATOM   856  C CG1 . VAL A 1 132 ? -15.597 -9.413  -5.211  1.00 29.80 ? 132 VAL A CG1 1 
ATOM   857  C CG2 . VAL A 1 132 ? -15.111 -11.746 -4.537  1.00 31.08 ? 132 VAL A CG2 1 
ATOM   858  N N   . GLU A 1 133 ? -14.259 -7.646  -2.195  1.00 30.01 ? 133 GLU A N   1 
ATOM   859  C CA  . GLU A 1 133 ? -14.104 -6.164  -2.127  1.00 30.79 ? 133 GLU A CA  1 
ATOM   860  C C   . GLU A 1 133 ? -12.642 -5.763  -1.957  1.00 29.93 ? 133 GLU A C   1 
ATOM   861  O O   . GLU A 1 133 ? -12.182 -4.786  -2.568  1.00 29.85 ? 133 GLU A O   1 
ATOM   862  C CB  . GLU A 1 133 ? -14.922 -5.493  -1.017  1.00 31.45 ? 133 GLU A CB  1 
ATOM   863  C CG  . GLU A 1 133 ? -16.407 -5.752  -1.075  1.00 34.40 ? 133 GLU A CG  1 
ATOM   864  C CD  . GLU A 1 133 ? -16.754 -6.991  -0.280  1.00 38.53 ? 133 GLU A CD  1 
ATOM   865  O OE1 . GLU A 1 133 ? -15.977 -7.998  -0.336  1.00 39.68 ? 133 GLU A OE1 1 
ATOM   866  O OE2 . GLU A 1 133 ? -17.790 -6.941  0.425   1.00 39.31 ? 133 GLU A OE2 1 
ATOM   867  N N   . VAL A 1 134 ? -11.936 -6.520  -1.111  1.00 29.16 ? 134 VAL A N   1 
ATOM   868  C CA  . VAL A 1 134 ? -10.500 -6.378  -0.955  1.00 27.93 ? 134 VAL A CA  1 
ATOM   869  C C   . VAL A 1 134 ? -9.786  -6.538  -2.288  1.00 27.01 ? 134 VAL A C   1 
ATOM   870  O O   . VAL A 1 134 ? -9.134  -5.593  -2.739  1.00 26.45 ? 134 VAL A O   1 
ATOM   871  C CB  . VAL A 1 134 ? -9.916  -7.363  0.077   1.00 28.80 ? 134 VAL A CB  1 
ATOM   872  C CG1 . VAL A 1 134 ? -8.385  -7.291  0.064   1.00 28.06 ? 134 VAL A CG1 1 
ATOM   873  C CG2 . VAL A 1 134 ? -10.438 -7.061  1.491   1.00 28.05 ? 134 VAL A CG2 1 
ATOM   874  N N   . ALA A 1 135 ? -9.926  -7.708  -2.927  1.00 26.60 ? 135 ALA A N   1 
ATOM   875  C CA  . ALA A 1 135 ? -9.222  -7.957  -4.205  1.00 25.94 ? 135 ALA A CA  1 
ATOM   876  C C   . ALA A 1 135 ? -9.519  -6.825  -5.163  1.00 25.77 ? 135 ALA A C   1 
ATOM   877  O O   . ALA A 1 135 ? -8.665  -6.462  -5.958  1.00 26.50 ? 135 ALA A O   1 
ATOM   878  C CB  . ALA A 1 135 ? -9.609  -9.279  -4.827  1.00 25.55 ? 135 ALA A CB  1 
ATOM   879  N N   . GLU A 1 136 ? -10.716 -6.252  -5.075  1.00 24.87 ? 136 GLU A N   1 
ATOM   880  C CA  . GLU A 1 136 ? -11.085 -5.229  -6.033  1.00 25.71 ? 136 GLU A CA  1 
ATOM   881  C C   . GLU A 1 136 ? -10.588 -3.859  -5.613  1.00 24.49 ? 136 GLU A C   1 
ATOM   882  O O   . GLU A 1 136 ? -10.294 -3.027  -6.445  1.00 24.86 ? 136 GLU A O   1 
ATOM   883  C CB  . GLU A 1 136 ? -12.602 -5.228  -6.389  1.00 26.15 ? 136 GLU A CB  1 
ATOM   884  C CG  . GLU A 1 136 ? -13.103 -6.598  -6.957  1.00 30.97 ? 136 GLU A CG  1 
ATOM   885  C CD  . GLU A 1 136 ? -14.411 -6.536  -7.807  1.00 37.87 ? 136 GLU A CD  1 
ATOM   886  O OE1 . GLU A 1 136 ? -15.123 -5.498  -7.792  1.00 40.08 ? 136 GLU A OE1 1 
ATOM   887  O OE2 . GLU A 1 136 ? -14.724 -7.551  -8.496  1.00 39.30 ? 136 GLU A OE2 1 
ATOM   888  N N   . LEU A 1 137 ? -10.503 -3.608  -4.320  1.00 23.60 ? 137 LEU A N   1 
ATOM   889  C CA  . LEU A 1 137 ? -9.911  -2.349  -3.876  1.00 22.71 ? 137 LEU A CA  1 
ATOM   890  C C   . LEU A 1 137 ? -8.435  -2.340  -4.276  1.00 20.94 ? 137 LEU A C   1 
ATOM   891  O O   . LEU A 1 137 ? -7.955  -1.395  -4.881  1.00 20.02 ? 137 LEU A O   1 
ATOM   892  C CB  . LEU A 1 137 ? -10.098 -2.186  -2.352  1.00 22.93 ? 137 LEU A CB  1 
ATOM   893  C CG  . LEU A 1 137 ? -9.306  -1.155  -1.564  1.00 22.95 ? 137 LEU A CG  1 
ATOM   894  C CD1 . LEU A 1 137 ? -9.862  0.225   -1.668  1.00 26.78 ? 137 LEU A CD1 1 
ATOM   895  C CD2 . LEU A 1 137 ? -9.242  -1.539  -0.136  1.00 22.55 ? 137 LEU A CD2 1 
ATOM   896  N N   . TRP A 1 138 ? -7.721  -3.405  -3.957  1.00 19.96 ? 138 TRP A N   1 
ATOM   897  C CA  . TRP A 1 138 ? -6.269  -3.433  -4.272  1.00 19.83 ? 138 TRP A CA  1 
ATOM   898  C C   . TRP A 1 138 ? -6.058  -3.187  -5.774  1.00 19.41 ? 138 TRP A C   1 
ATOM   899  O O   . TRP A 1 138 ? -5.348  -2.256  -6.212  1.00 18.81 ? 138 TRP A O   1 
ATOM   900  C CB  . TRP A 1 138 ? -5.607  -4.738  -3.778  1.00 19.91 ? 138 TRP A CB  1 
ATOM   901  C CG  . TRP A 1 138 ? -4.116  -4.754  -4.010  1.00 21.34 ? 138 TRP A CG  1 
ATOM   902  C CD1 . TRP A 1 138 ? -3.439  -5.424  -4.998  1.00 21.91 ? 138 TRP A CD1 1 
ATOM   903  C CD2 . TRP A 1 138 ? -3.121  -4.026  -3.273  1.00 22.13 ? 138 TRP A CD2 1 
ATOM   904  N NE1 . TRP A 1 138 ? -2.077  -5.169  -4.906  1.00 22.26 ? 138 TRP A NE1 1 
ATOM   905  C CE2 . TRP A 1 138 ? -1.867  -4.288  -3.879  1.00 21.36 ? 138 TRP A CE2 1 
ATOM   906  C CE3 . TRP A 1 138 ? -3.169  -3.168  -2.173  1.00 25.11 ? 138 TRP A CE3 1 
ATOM   907  C CZ2 . TRP A 1 138 ? -0.692  -3.744  -3.407  1.00 20.82 ? 138 TRP A CZ2 1 
ATOM   908  C CZ3 . TRP A 1 138 ? -1.995  -2.624  -1.710  1.00 23.42 ? 138 TRP A CZ3 1 
ATOM   909  C CH2 . TRP A 1 138 ? -0.781  -2.915  -2.317  1.00 24.94 ? 138 TRP A CH2 1 
ATOM   910  N N   . SER A 1 139 ? -6.770  -3.991  -6.550  1.00 18.82 ? 139 SER A N   1 
ATOM   911  C CA  . SER A 1 139 ? -6.739  -3.965  -7.999  1.00 18.69 ? 139 SER A CA  1 
ATOM   912  C C   . SER A 1 139 ? -6.992  -2.609  -8.677  1.00 18.31 ? 139 SER A C   1 
ATOM   913  O O   . SER A 1 139 ? -6.398  -2.327  -9.725  1.00 16.85 ? 139 SER A O   1 
ATOM   914  C CB  . SER A 1 139 ? -7.719  -5.039  -8.492  1.00 18.84 ? 139 SER A CB  1 
ATOM   915  O OG  . SER A 1 139 ? -7.994  -4.889  -9.855  1.00 19.11 ? 139 SER A OG  1 
ATOM   916  N N   . THR A 1 140 ? -7.903  -1.809  -8.117  1.00 18.34 ? 140 THR A N   1 
ATOM   917  C CA  . THR A 1 140 ? -8.183  -0.459  -8.614  1.00 18.94 ? 140 THR A CA  1 
ATOM   918  C C   . THR A 1 140 ? -6.994  0.493   -8.393  1.00 18.66 ? 140 THR A C   1 
ATOM   919  O O   . THR A 1 140 ? -6.692  1.339   -9.222  1.00 18.07 ? 140 THR A O   1 
ATOM   920  C CB  . THR A 1 140 ? -9.421  0.204   -7.876  1.00 20.03 ? 140 THR A CB  1 
ATOM   921  O OG1 . THR A 1 140 ? -10.599 -0.595  -8.066  1.00 23.77 ? 140 THR A OG1 1 
ATOM   922  C CG2 . THR A 1 140 ? -9.720  1.612   -8.432  1.00 18.72 ? 140 THR A CG2 1 
ATOM   923  N N   . PHE A 1 141 ? -6.362  0.422   -7.219  1.00 18.18 ? 141 PHE A N   1 
ATOM   924  C CA  . PHE A 1 141 ? -5.339  1.390   -6.930  1.00 16.66 ? 141 PHE A CA  1 
ATOM   925  C C   . PHE A 1 141 ? -4.072  1.068   -7.632  1.00 16.96 ? 141 PHE A C   1 
ATOM   926  O O   . PHE A 1 141 ? -3.337  1.999   -8.102  1.00 15.74 ? 141 PHE A O   1 
ATOM   927  C CB  . PHE A 1 141 ? -5.207  1.565   -5.445  1.00 17.68 ? 141 PHE A CB  1 
ATOM   928  C CG  . PHE A 1 141 ? -6.277  2.487   -4.875  1.00 16.82 ? 141 PHE A CG  1 
ATOM   929  C CD1 . PHE A 1 141 ? -6.031  3.844   -4.750  1.00 14.37 ? 141 PHE A CD1 1 
ATOM   930  C CD2 . PHE A 1 141 ? -7.526  1.979   -4.495  1.00 15.92 ? 141 PHE A CD2 1 
ATOM   931  C CE1 . PHE A 1 141 ? -6.981  4.705   -4.198  1.00 19.84 ? 141 PHE A CE1 1 
ATOM   932  C CE2 . PHE A 1 141 ? -8.546  2.851   -3.990  1.00 19.37 ? 141 PHE A CE2 1 
ATOM   933  C CZ  . PHE A 1 141 ? -8.257  4.237   -3.850  1.00 15.24 ? 141 PHE A CZ  1 
ATOM   934  N N   . MET A 1 142 ? -3.867  -0.246  -7.784  1.00 16.45 ? 142 MET A N   1 
ATOM   935  C CA  . MET A 1 142 ? -2.726  -0.745  -8.496  1.00 18.17 ? 142 MET A CA  1 
ATOM   936  C C   . MET A 1 142 ? -2.792  -0.268  -9.950  1.00 18.49 ? 142 MET A C   1 
ATOM   937  O O   . MET A 1 142 ? -1.773  0.170   -10.489 1.00 18.81 ? 142 MET A O   1 
ATOM   938  C CB  . MET A 1 142 ? -2.586  -2.286  -8.358  1.00 17.78 ? 142 MET A CB  1 
ATOM   939  C CG  . MET A 1 142 ? -1.920  -2.691  -7.020  1.00 18.99 ? 142 MET A CG  1 
ATOM   940  S SD  . MET A 1 142 ? -0.227  -2.021  -6.629  1.00 19.34 ? 142 MET A SD  1 
ATOM   941  C CE  . MET A 1 142 ? 0.732   -3.095  -7.739  1.00 15.32 ? 142 MET A CE  1 
ATOM   942  N N   . GLN A 1 143 ? -3.990  -0.336  -10.563 1.00 19.60 ? 143 GLN A N   1 
ATOM   943  C CA  . GLN A 1 143 ? -4.198  0.181   -11.905 1.00 19.81 ? 143 GLN A CA  1 
ATOM   944  C C   . GLN A 1 143 ? -3.893  1.678   -11.911 1.00 19.39 ? 143 GLN A C   1 
ATOM   945  O O   . GLN A 1 143 ? -3.169  2.170   -12.793 1.00 18.11 ? 143 GLN A O   1 
ATOM   946  C CB  . GLN A 1 143 ? -5.627  -0.064  -12.384 1.00 20.74 ? 143 GLN A CB  1 
ATOM   947  C CG  . GLN A 1 143 ? -6.014  -1.534  -12.531 1.00 25.75 ? 143 GLN A CG  1 
ATOM   948  C CD  . GLN A 1 143 ? -7.427  -1.722  -13.094 1.00 32.18 ? 143 GLN A CD  1 
ATOM   949  O OE1 . GLN A 1 143 ? -8.368  -2.103  -12.371 1.00 35.44 ? 143 GLN A OE1 1 
ATOM   950  N NE2 . GLN A 1 143 ? -7.590  -1.422  -14.381 1.00 32.52 ? 143 GLN A NE2 1 
ATOM   951  N N   . LYS A 1 144 ? -4.448  2.383   -10.915 1.00 18.36 ? 144 LYS A N   1 
ATOM   952  C CA  . LYS A 1 144 ? -4.293  3.811   -10.827 1.00 19.22 ? 144 LYS A CA  1 
ATOM   953  C C   . LYS A 1 144 ? -2.828  4.253   -10.732 1.00 18.73 ? 144 LYS A C   1 
ATOM   954  O O   . LYS A 1 144 ? -2.428  5.114   -11.490 1.00 19.54 ? 144 LYS A O   1 
ATOM   955  C CB  . LYS A 1 144 ? -5.124  4.411   -9.674  1.00 19.96 ? 144 LYS A CB  1 
ATOM   956  C CG  . LYS A 1 144 ? -4.867  5.919   -9.564  1.00 20.63 ? 144 LYS A CG  1 
ATOM   957  C CD  . LYS A 1 144 ? -5.806  6.659   -8.562  1.00 25.72 ? 144 LYS A CD  1 
ATOM   958  C CE  . LYS A 1 144 ? -5.394  8.166   -8.470  1.00 23.31 ? 144 LYS A CE  1 
ATOM   959  N NZ  . LYS A 1 144 ? -6.285  8.907   -7.517  1.00 24.07 ? 144 LYS A NZ  1 
ATOM   960  N N   . TRP A 1 145 ? -2.040  3.650   -9.824  1.00 19.48 ? 145 TRP A N   1 
ATOM   961  C CA  . TRP A 1 145 ? -0.605  3.973   -9.633  1.00 18.06 ? 145 TRP A CA  1 
ATOM   962  C C   . TRP A 1 145 ? 0.272   3.473   -10.808 1.00 18.44 ? 145 TRP A C   1 
ATOM   963  O O   . TRP A 1 145 ? 1.288   4.080   -11.157 1.00 17.81 ? 145 TRP A O   1 
ATOM   964  C CB  . TRP A 1 145 ? -0.073  3.361   -8.318  1.00 18.46 ? 145 TRP A CB  1 
ATOM   965  C CG  . TRP A 1 145 ? -0.837  3.724   -7.048  1.00 17.20 ? 145 TRP A CG  1 
ATOM   966  C CD1 . TRP A 1 145 ? -1.419  4.929   -6.756  1.00 15.64 ? 145 TRP A CD1 1 
ATOM   967  C CD2 . TRP A 1 145 ? -1.090  2.865   -5.909  1.00 16.65 ? 145 TRP A CD2 1 
ATOM   968  N NE1 . TRP A 1 145 ? -2.043  4.873   -5.505  1.00 17.54 ? 145 TRP A NE1 1 
ATOM   969  C CE2 . TRP A 1 145 ? -1.851  3.621   -4.968  1.00 16.91 ? 145 TRP A CE2 1 
ATOM   970  C CE3 . TRP A 1 145 ? -0.766  1.526   -5.605  1.00 16.95 ? 145 TRP A CE3 1 
ATOM   971  C CZ2 . TRP A 1 145 ? -2.271  3.089   -3.726  1.00 17.93 ? 145 TRP A CZ2 1 
ATOM   972  C CZ3 . TRP A 1 145 ? -1.164  0.987   -4.370  1.00 16.11 ? 145 TRP A CZ3 1 
ATOM   973  C CH2 . TRP A 1 145 ? -1.939  1.774   -3.442  1.00 18.34 ? 145 TRP A CH2 1 
ATOM   974  N N   . ILE A 1 146 ? -0.115  2.355   -11.419 1.00 18.95 ? 146 ILE A N   1 
ATOM   975  C CA  . ILE A 1 146 ? 0.595   1.901   -12.617 1.00 20.07 ? 146 ILE A CA  1 
ATOM   976  C C   . ILE A 1 146 ? 0.389   2.883   -13.771 1.00 20.08 ? 146 ILE A C   1 
ATOM   977  O O   . ILE A 1 146 ? 1.325   3.150   -14.519 1.00 20.59 ? 146 ILE A O   1 
ATOM   978  C CB  . ILE A 1 146 ? 0.143   0.509   -13.060 1.00 20.32 ? 146 ILE A CB  1 
ATOM   979  C CG1 . ILE A 1 146 ? 0.863   -0.542  -12.275 1.00 19.69 ? 146 ILE A CG1 1 
ATOM   980  C CG2 . ILE A 1 146 ? 0.532   0.230   -14.497 1.00 19.82 ? 146 ILE A CG2 1 
ATOM   981  C CD1 . ILE A 1 146 ? 0.032   -1.797  -12.072 1.00 17.16 ? 146 ILE A CD1 1 
ATOM   982  N N   . ALA A 1 147 ? -0.833  3.420   -13.884 1.00 20.39 ? 147 ALA A N   1 
ATOM   983  C CA  . ALA A 1 147 ? -1.161  4.401   -14.922 1.00 20.27 ? 147 ALA A CA  1 
ATOM   984  C C   . ALA A 1 147 ? -0.409  5.702   -14.706 1.00 19.95 ? 147 ALA A C   1 
ATOM   985  O O   . ALA A 1 147 ? 0.051   6.312   -15.676 1.00 20.35 ? 147 ALA A O   1 
ATOM   986  C CB  . ALA A 1 147 ? -2.688  4.647   -14.995 1.00 19.92 ? 147 ALA A CB  1 
ATOM   987  N N   . TYR A 1 148 ? -0.298  6.139   -13.450 1.00 19.87 ? 148 TYR A N   1 
ATOM   988  C CA  . TYR A 1 148 ? 0.530   7.318   -13.155 1.00 20.45 ? 148 TYR A CA  1 
ATOM   989  C C   . TYR A 1 148 ? 2.067   7.130   -13.452 1.00 19.98 ? 148 TYR A C   1 
ATOM   990  O O   . TYR A 1 148 ? 2.724   8.052   -13.938 1.00 19.55 ? 148 TYR A O   1 
ATOM   991  C CB  . TYR A 1 148 ? 0.302   7.811   -11.723 1.00 20.35 ? 148 TYR A CB  1 
ATOM   992  C CG  . TYR A 1 148 ? 1.023   9.121   -11.474 1.00 22.61 ? 148 TYR A CG  1 
ATOM   993  C CD1 . TYR A 1 148 ? 0.873   10.200  -12.342 1.00 26.65 ? 148 TYR A CD1 1 
ATOM   994  C CD2 . TYR A 1 148 ? 1.869   9.273   -10.395 1.00 25.21 ? 148 TYR A CD2 1 
ATOM   995  C CE1 . TYR A 1 148 ? 1.556   11.394  -12.139 1.00 27.44 ? 148 TYR A CE1 1 
ATOM   996  C CE2 . TYR A 1 148 ? 2.561   10.471  -10.174 1.00 27.85 ? 148 TYR A CE2 1 
ATOM   997  C CZ  . TYR A 1 148 ? 2.404   11.524  -11.047 1.00 29.27 ? 148 TYR A CZ  1 
ATOM   998  O OH  . TYR A 1 148 ? 3.117   12.713  -10.825 1.00 33.31 ? 148 TYR A OH  1 
ATOM   999  N N   . THR A 1 149 ? 2.608   5.948   -13.120 1.00 19.03 ? 149 THR A N   1 
ATOM   1000 C CA  . THR A 1 149 ? 3.997   5.559   -13.424 1.00 17.64 ? 149 THR A CA  1 
ATOM   1001 C C   . THR A 1 149 ? 4.233   5.636   -14.936 1.00 17.53 ? 149 THR A C   1 
ATOM   1002 O O   . THR A 1 149 ? 5.284   6.084   -15.392 1.00 17.86 ? 149 THR A O   1 
ATOM   1003 C CB  . THR A 1 149 ? 4.316   4.063   -12.989 1.00 17.05 ? 149 THR A CB  1 
ATOM   1004 O OG1 . THR A 1 149 ? 4.015   3.815   -11.616 1.00 16.65 ? 149 THR A OG1 1 
ATOM   1005 C CG2 . THR A 1 149 ? 5.806   3.681   -13.259 1.00 17.31 ? 149 THR A CG2 1 
ATOM   1006 N N   . ALA A 1 150 ? 3.266   5.160   -15.711 1.00 17.05 ? 150 ALA A N   1 
ATOM   1007 C CA  . ALA A 1 150 ? 3.398   5.167   -17.165 1.00 17.32 ? 150 ALA A CA  1 
ATOM   1008 C C   . ALA A 1 150 ? 3.447   6.579   -17.754 1.00 16.55 ? 150 ALA A C   1 
ATOM   1009 O O   . ALA A 1 150 ? 4.258   6.830   -18.695 1.00 14.43 ? 150 ALA A O   1 
ATOM   1010 C CB  . ALA A 1 150 ? 2.269   4.359   -17.835 1.00 15.70 ? 150 ALA A CB  1 
ATOM   1011 N N   . ALA A 1 151 ? 2.537   7.445   -17.269 1.00 15.62 ? 151 ALA A N   1 
ATOM   1012 C CA  . ALA A 1 151 ? 2.486   8.868   -17.720 1.00 16.27 ? 151 ALA A CA  1 
ATOM   1013 C C   . ALA A 1 151 ? 3.774   9.574   -17.472 1.00 16.07 ? 151 ALA A C   1 
ATOM   1014 O O   . ALA A 1 151 ? 4.268   10.269  -18.345 1.00 18.20 ? 151 ALA A O   1 
ATOM   1015 C CB  . ALA A 1 151 ? 1.340   9.639   -17.099 1.00 17.05 ? 151 ALA A CB  1 
ATOM   1016 N N   . VAL A 1 152 ? 4.373   9.353   -16.303 1.00 17.14 ? 152 VAL A N   1 
ATOM   1017 C CA  . VAL A 1 152 ? 5.636   9.976   -15.960 1.00 16.32 ? 152 VAL A CA  1 
ATOM   1018 C C   . VAL A 1 152 ? 6.807   9.406   -16.842 1.00 17.74 ? 152 VAL A C   1 
ATOM   1019 O O   . VAL A 1 152 ? 7.656   10.148  -17.362 1.00 16.67 ? 152 VAL A O   1 
ATOM   1020 C CB  . VAL A 1 152 ? 5.860   9.866   -14.446 1.00 17.37 ? 152 VAL A CB  1 
ATOM   1021 C CG1 . VAL A 1 152 ? 7.180   10.414  -14.061 1.00 15.26 ? 152 VAL A CG1 1 
ATOM   1022 C CG2 . VAL A 1 152 ? 4.681   10.580  -13.620 1.00 16.31 ? 152 VAL A CG2 1 
ATOM   1023 N N   . ILE A 1 153 ? 6.847   8.094   -17.000 1.00 18.51 ? 153 ILE A N   1 
ATOM   1024 C CA  . ILE A 1 153 ? 7.828   7.462   -17.852 1.00 19.95 ? 153 ILE A CA  1 
ATOM   1025 C C   . ILE A 1 153 ? 7.731   8.099   -19.222 1.00 21.86 ? 153 ILE A C   1 
ATOM   1026 O O   . ILE A 1 153 ? 8.756   8.495   -19.759 1.00 22.34 ? 153 ILE A O   1 
ATOM   1027 C CB  . ILE A 1 153 ? 7.565   5.933   -17.954 1.00 20.03 ? 153 ILE A CB  1 
ATOM   1028 C CG1 . ILE A 1 153 ? 7.869   5.244   -16.594 1.00 19.79 ? 153 ILE A CG1 1 
ATOM   1029 C CG2 . ILE A 1 153 ? 8.404   5.300   -19.088 1.00 18.95 ? 153 ILE A CG2 1 
ATOM   1030 C CD1 . ILE A 1 153 ? 7.727   3.661   -16.605 1.00 14.79 ? 153 ILE A CD1 1 
ATOM   1031 N N   . ASP A 1 154 ? 6.502   8.181   -19.779 1.00 23.35 ? 154 ASP A N   1 
ATOM   1032 C CA  . ASP A 1 154 ? 6.245   8.762   -21.107 1.00 25.73 ? 154 ASP A CA  1 
ATOM   1033 C C   . ASP A 1 154 ? 6.734   10.230  -21.201 1.00 26.59 ? 154 ASP A C   1 
ATOM   1034 O O   . ASP A 1 154 ? 7.510   10.595  -22.117 1.00 26.46 ? 154 ASP A O   1 
ATOM   1035 C CB  . ASP A 1 154 ? 4.740   8.714   -21.461 1.00 26.15 ? 154 ASP A CB  1 
ATOM   1036 C CG  . ASP A 1 154 ? 4.302   7.393   -22.128 1.00 29.01 ? 154 ASP A CG  1 
ATOM   1037 O OD1 . ASP A 1 154 ? 5.137   6.645   -22.725 1.00 31.06 ? 154 ASP A OD1 1 
ATOM   1038 O OD2 . ASP A 1 154 ? 3.078   7.099   -22.045 1.00 30.45 ? 154 ASP A OD2 1 
ATOM   1039 N N   . ALA A 1 155 ? 6.272   11.046  -20.250 1.00 27.06 ? 155 ALA A N   1 
ATOM   1040 C CA  . ALA A 1 155 ? 6.674   12.457  -20.154 1.00 28.68 ? 155 ALA A CA  1 
ATOM   1041 C C   . ALA A 1 155 ? 8.184   12.559  -20.120 1.00 29.30 ? 155 ALA A C   1 
ATOM   1042 O O   . ALA A 1 155 ? 8.733   13.520  -20.636 1.00 31.16 ? 155 ALA A O   1 
ATOM   1043 C CB  . ALA A 1 155 ? 6.027   13.169  -18.914 1.00 28.21 ? 155 ALA A CB  1 
ATOM   1044 N N   . GLU A 1 156 ? 8.851   11.559  -19.540 1.00 29.05 ? 156 GLU A N   1 
ATOM   1045 C CA  . GLU A 1 156 ? 10.296  11.506  -19.548 1.00 29.33 ? 156 GLU A CA  1 
ATOM   1046 C C   . GLU A 1 156 ? 10.855  11.102  -20.921 1.00 29.50 ? 156 GLU A C   1 
ATOM   1047 O O   . GLU A 1 156 ? 11.788  11.741  -21.426 1.00 30.48 ? 156 GLU A O   1 
ATOM   1048 C CB  . GLU A 1 156 ? 10.805  10.537  -18.470 1.00 30.03 ? 156 GLU A CB  1 
ATOM   1049 C CG  . GLU A 1 156 ? 10.756  11.046  -17.001 1.00 32.11 ? 156 GLU A CG  1 
ATOM   1050 C CD  . GLU A 1 156 ? 11.813  12.097  -16.695 1.00 32.76 ? 156 GLU A CD  1 
ATOM   1051 O OE1 . GLU A 1 156 ? 11.609  13.262  -17.047 1.00 33.11 ? 156 GLU A OE1 1 
ATOM   1052 O OE2 . GLU A 1 156 ? 12.847  11.754  -16.101 1.00 34.87 ? 156 GLU A OE2 1 
ATOM   1053 N N   . ARG A 1 157 ? 10.335  10.030  -21.518 1.00 28.72 ? 157 ARG A N   1 
ATOM   1054 C CA  . ARG A 1 157 ? 10.695  9.712   -22.900 1.00 28.04 ? 157 ARG A CA  1 
ATOM   1055 C C   . ARG A 1 157 ? 10.481  10.956  -23.826 1.00 28.63 ? 157 ARG A C   1 
ATOM   1056 O O   . ARG A 1 157 ? 11.331  11.284  -24.644 1.00 27.65 ? 157 ARG A O   1 
ATOM   1057 C CB  . ARG A 1 157 ? 9.903   8.502   -23.399 1.00 26.94 ? 157 ARG A CB  1 
ATOM   1058 C CG  . ARG A 1 157 ? 10.379  7.178   -22.855 1.00 22.76 ? 157 ARG A CG  1 
ATOM   1059 C CD  . ARG A 1 157 ? 9.391   6.082   -23.137 1.00 17.46 ? 157 ARG A CD  1 
ATOM   1060 N NE  . ARG A 1 157 ? 9.925   4.838   -22.638 1.00 17.98 ? 157 ARG A NE  1 
ATOM   1061 C CZ  . ARG A 1 157 ? 9.376   3.627   -22.821 1.00 19.80 ? 157 ARG A CZ  1 
ATOM   1062 N NH1 . ARG A 1 157 ? 8.232   3.487   -23.460 1.00 21.95 ? 157 ARG A NH1 1 
ATOM   1063 N NH2 . ARG A 1 157 ? 9.970   2.540   -22.328 1.00 16.13 ? 157 ARG A NH2 1 
ATOM   1064 N N   . ASP A 1 158 ? 9.358   11.651  -23.660 1.00 29.85 ? 158 ASP A N   1 
ATOM   1065 C CA  . ASP A 1 158 ? 9.094   12.888  -24.418 1.00 31.19 ? 158 ASP A CA  1 
ATOM   1066 C C   . ASP A 1 158 ? 10.176  13.964  -24.334 1.00 31.35 ? 158 ASP A C   1 
ATOM   1067 O O   . ASP A 1 158 ? 10.570  14.509  -25.362 1.00 31.89 ? 158 ASP A O   1 
ATOM   1068 C CB  . ASP A 1 158 ? 7.758   13.510  -24.019 1.00 31.61 ? 158 ASP A CB  1 
ATOM   1069 C CG  . ASP A 1 158 ? 6.598   12.806  -24.643 1.00 32.92 ? 158 ASP A CG  1 
ATOM   1070 O OD1 . ASP A 1 158 ? 6.840   11.830  -25.404 1.00 36.78 ? 158 ASP A OD1 1 
ATOM   1071 O OD2 . ASP A 1 158 ? 5.448   13.210  -24.359 1.00 31.58 ? 158 ASP A OD2 1 
ATOM   1072 N N   . ARG A 1 159 ? 10.642  14.300  -23.138 1.00 31.08 ? 159 ARG A N   1 
ATOM   1073 C CA  . ARG A 1 159 ? 11.674  15.331  -23.065 1.00 30.76 ? 159 ARG A CA  1 
ATOM   1074 C C   . ARG A 1 159 ? 13.057  14.814  -23.464 1.00 29.90 ? 159 ARG A C   1 
ATOM   1075 O O   . ARG A 1 159 ? 14.053  15.535  -23.393 1.00 30.32 ? 159 ARG A O   1 
ATOM   1076 C CB  . ARG A 1 159 ? 11.673  16.118  -21.735 1.00 31.13 ? 159 ARG A CB  1 
ATOM   1077 C CG  . ARG A 1 159 ? 11.629  15.323  -20.448 1.00 33.02 ? 159 ARG A CG  1 
ATOM   1078 C CD  . ARG A 1 159 ? 12.180  16.162  -19.267 1.00 34.97 ? 159 ARG A CD  1 
ATOM   1079 N NE  . ARG A 1 159 ? 12.910  15.295  -18.334 1.00 39.55 ? 159 ARG A NE  1 
ATOM   1080 C CZ  . ARG A 1 159 ? 14.185  15.437  -17.927 1.00 43.36 ? 159 ARG A CZ  1 
ATOM   1081 N NH1 . ARG A 1 159 ? 14.951  16.471  -18.299 1.00 41.99 ? 159 ARG A NH1 1 
ATOM   1082 N NH2 . ARG A 1 159 ? 14.704  14.519  -17.104 1.00 45.18 ? 159 ARG A NH2 1 
ATOM   1083 N N   . GLY A 1 160 ? 13.117  13.571  -23.926 1.00 28.77 ? 160 GLY A N   1 
ATOM   1084 C CA  . GLY A 1 160 ? 14.385  13.034  -24.416 1.00 26.97 ? 160 GLY A CA  1 
ATOM   1085 C C   . GLY A 1 160 ? 15.304  12.589  -23.311 1.00 25.91 ? 160 GLY A C   1 
ATOM   1086 O O   . GLY A 1 160 ? 16.454  12.232  -23.564 1.00 25.32 ? 160 GLY A O   1 
ATOM   1087 N N   . ALA A 1 161 ? 14.766  12.558  -22.085 1.00 25.42 ? 161 ALA A N   1 
ATOM   1088 C CA  . ALA A 1 161 ? 15.477  12.048  -20.906 1.00 24.67 ? 161 ALA A CA  1 
ATOM   1089 C C   . ALA A 1 161 ? 15.546  10.509  -20.847 1.00 23.91 ? 161 ALA A C   1 
ATOM   1090 O O   . ALA A 1 161 ? 16.533  9.976   -20.412 1.00 23.50 ? 161 ALA A O   1 
ATOM   1091 C CB  . ALA A 1 161 ? 14.851  12.608  -19.629 1.00 24.23 ? 161 ALA A CB  1 
ATOM   1092 N N   . ALA A 1 162 ? 14.501  9.804   -21.264 1.00 24.16 ? 162 ALA A N   1 
ATOM   1093 C CA  . ALA A 1 162 ? 14.483  8.283   -21.258 1.00 24.33 ? 162 ALA A CA  1 
ATOM   1094 C C   . ALA A 1 162 ? 14.260  7.726   -22.648 1.00 24.44 ? 162 ALA A C   1 
ATOM   1095 O O   . ALA A 1 162 ? 13.440  8.279   -23.359 1.00 24.44 ? 162 ALA A O   1 
ATOM   1096 C CB  . ALA A 1 162 ? 13.379  7.774   -20.349 1.00 24.23 ? 162 ALA A CB  1 
ATOM   1097 N N   . PRO A 1 163 ? 14.928  6.605   -23.030 1.00 25.26 ? 163 PRO A N   1 
ATOM   1098 C CA  . PRO A 1 163 ? 14.775  6.160   -24.413 1.00 25.40 ? 163 PRO A CA  1 
ATOM   1099 C C   . PRO A 1 163 ? 13.471  5.343   -24.613 1.00 26.47 ? 163 PRO A C   1 
ATOM   1100 O O   . PRO A 1 163 ? 12.839  4.890   -23.628 1.00 26.80 ? 163 PRO A O   1 
ATOM   1101 C CB  . PRO A 1 163 ? 16.025  5.289   -24.636 1.00 25.43 ? 163 PRO A CB  1 
ATOM   1102 C CG  . PRO A 1 163 ? 16.557  4.947   -23.245 1.00 25.41 ? 163 PRO A CG  1 
ATOM   1103 C CD  . PRO A 1 163 ? 15.612  5.570   -22.233 1.00 25.03 ? 163 PRO A CD  1 
ATOM   1104 N N   . ARG A 1 164 ? 13.037  5.183   -25.856 1.00 26.02 ? 164 ARG A N   1 
ATOM   1105 C CA  . ARG A 1 164 ? 11.850  4.360   -26.106 1.00 27.00 ? 164 ARG A CA  1 
ATOM   1106 C C   . ARG A 1 164 ? 12.311  2.893   -26.153 1.00 26.67 ? 164 ARG A C   1 
ATOM   1107 O O   . ARG A 1 164 ? 12.872  2.424   -27.140 1.00 27.15 ? 164 ARG A O   1 
ATOM   1108 C CB  . ARG A 1 164 ? 11.069  4.816   -27.388 1.00 26.72 ? 164 ARG A CB  1 
ATOM   1109 C CG  . ARG A 1 164 ? 11.069  6.409   -27.606 1.00 28.73 ? 164 ARG A CG  1 
ATOM   1110 C CD  . ARG A 1 164 ? 9.815   6.991   -28.344 1.00 29.94 ? 164 ARG A CD  1 
ATOM   1111 N NE  . ARG A 1 164 ? 9.643   8.431   -28.062 1.00 32.52 ? 164 ARG A NE  1 
ATOM   1112 C CZ  . ARG A 1 164 ? 8.723   8.971   -27.230 1.00 33.48 ? 164 ARG A CZ  1 
ATOM   1113 N NH1 . ARG A 1 164 ? 7.823   8.205   -26.582 1.00 29.11 ? 164 ARG A NH1 1 
ATOM   1114 N NH2 . ARG A 1 164 ? 8.694   10.303  -27.045 1.00 26.60 ? 164 ARG A NH2 1 
ATOM   1115 N N   . THR A 1 165 ? 12.106  2.162   -25.068 1.00 25.98 ? 165 THR A N   1 
ATOM   1116 C CA  . THR A 1 165 ? 12.505  0.758   -25.040 1.00 24.10 ? 165 THR A CA  1 
ATOM   1117 C C   . THR A 1 165 ? 11.194  0.000   -24.939 1.00 24.32 ? 165 THR A C   1 
ATOM   1118 O O   . THR A 1 165 ? 10.417  0.001   -25.877 1.00 24.02 ? 165 THR A O   1 
ATOM   1119 C CB  . THR A 1 165 ? 13.462  0.487   -23.849 1.00 24.65 ? 165 THR A CB  1 
ATOM   1120 O OG1 . THR A 1 165 ? 12.961  1.147   -22.676 1.00 22.58 ? 165 THR A OG1 1 
ATOM   1121 C CG2 . THR A 1 165 ? 14.869  1.017   -24.135 1.00 20.18 ? 165 THR A CG2 1 
ATOM   1122 N N   . LEU A 1 166 ? 10.872  -0.534  -23.763 1.00 24.38 ? 166 LEU A N   1 
ATOM   1123 C CA  . LEU A 1 166 ? 9.621   -1.282  -23.599 1.00 23.53 ? 166 LEU A CA  1 
ATOM   1124 C C   . LEU A 1 166 ? 8.406   -0.391  -23.615 1.00 22.31 ? 166 LEU A C   1 
ATOM   1125 O O   . LEU A 1 166 ? 8.477   0.778   -23.239 1.00 21.52 ? 166 LEU A O   1 
ATOM   1126 C CB  . LEU A 1 166 ? 9.604   -2.049  -22.266 1.00 23.29 ? 166 LEU A CB  1 
ATOM   1127 C CG  . LEU A 1 166 ? 10.635  -3.095  -21.887 1.00 23.60 ? 166 LEU A CG  1 
ATOM   1128 C CD1 . LEU A 1 166 ? 10.378  -3.506  -20.459 1.00 19.82 ? 166 LEU A CD1 1 
ATOM   1129 C CD2 . LEU A 1 166 ? 10.661  -4.329  -22.837 1.00 22.65 ? 166 LEU A CD2 1 
ATOM   1130 N N   . PRO A 1 167 ? 7.267   -0.957  -24.023 1.00 21.58 ? 167 PRO A N   1 
ATOM   1131 C CA  . PRO A 1 167 ? 5.995   -0.278  -23.737 1.00 21.10 ? 167 PRO A CA  1 
ATOM   1132 C C   . PRO A 1 167 ? 5.985   0.200   -22.291 1.00 20.11 ? 167 PRO A C   1 
ATOM   1133 O O   . PRO A 1 167 ? 6.148   -0.578  -21.349 1.00 19.84 ? 167 PRO A O   1 
ATOM   1134 C CB  . PRO A 1 167 ? 4.936   -1.385  -23.985 1.00 21.26 ? 167 PRO A CB  1 
ATOM   1135 C CG  . PRO A 1 167 ? 5.598   -2.252  -25.065 1.00 20.50 ? 167 PRO A CG  1 
ATOM   1136 C CD  . PRO A 1 167 ? 7.072   -2.232  -24.757 1.00 21.42 ? 167 PRO A CD  1 
ATOM   1137 N N   . ALA A 1 168 ? 5.823   1.500   -22.163 1.00 19.71 ? 168 ALA A N   1 
ATOM   1138 C CA  . ALA A 1 168 ? 5.865   2.224   -20.924 1.00 18.76 ? 168 ALA A CA  1 
ATOM   1139 C C   . ALA A 1 168 ? 4.875   1.634   -19.916 1.00 18.42 ? 168 ALA A C   1 
ATOM   1140 O O   . ALA A 1 168 ? 5.160   1.554   -18.694 1.00 19.16 ? 168 ALA A O   1 
ATOM   1141 C CB  . ALA A 1 168 ? 5.566   3.693   -21.212 1.00 17.40 ? 168 ALA A CB  1 
ATOM   1142 N N   . HIS A 1 169 ? 3.731   1.186   -20.405 1.00 17.39 ? 169 HIS A N   1 
ATOM   1143 C CA  . HIS A 1 169 ? 2.724   0.590   -19.506 1.00 17.32 ? 169 HIS A CA  1 
ATOM   1144 C C   . HIS A 1 169 ? 3.077   -0.810  -18.944 1.00 17.58 ? 169 HIS A C   1 
ATOM   1145 O O   . HIS A 1 169 ? 2.761   -1.142  -17.797 1.00 18.33 ? 169 HIS A O   1 
ATOM   1146 C CB  . HIS A 1 169 ? 1.347   0.554   -20.171 1.00 16.31 ? 169 HIS A CB  1 
ATOM   1147 C CG  . HIS A 1 169 ? 0.211   0.441   -19.189 1.00 14.90 ? 169 HIS A CG  1 
ATOM   1148 N ND1 . HIS A 1 169 ? -0.328  -0.779  -18.802 1.00 13.81 ? 169 HIS A ND1 1 
ATOM   1149 C CD2 . HIS A 1 169 ? -0.457  1.390   -18.488 1.00 11.60 ? 169 HIS A CD2 1 
ATOM   1150 C CE1 . HIS A 1 169 ? -1.305  -0.577  -17.931 1.00 13.66 ? 169 HIS A CE1 1 
ATOM   1151 N NE2 . HIS A 1 169 ? -1.400  0.731   -17.716 1.00 16.00 ? 169 HIS A NE2 1 
ATOM   1152 N N   . GLU A 1 170 ? 3.757   -1.620  -19.751 1.00 18.26 ? 170 GLU A N   1 
ATOM   1153 C CA  . GLU A 1 170 ? 4.146   -2.964  -19.338 1.00 16.84 ? 170 GLU A CA  1 
ATOM   1154 C C   . GLU A 1 170 ? 5.334   -2.855  -18.425 1.00 16.21 ? 170 GLU A C   1 
ATOM   1155 O O   . GLU A 1 170 ? 5.546   -3.716  -17.560 1.00 16.83 ? 170 GLU A O   1 
ATOM   1156 C CB  . GLU A 1 170 ? 4.411   -3.858  -20.557 1.00 17.39 ? 170 GLU A CB  1 
ATOM   1157 C CG  . GLU A 1 170 ? 3.137   -3.993  -21.433 1.00 16.43 ? 170 GLU A CG  1 
ATOM   1158 C CD  . GLU A 1 170 ? 3.353   -4.398  -22.881 1.00 18.61 ? 170 GLU A CD  1 
ATOM   1159 O OE1 . GLU A 1 170 ? 4.507   -4.718  -23.292 1.00 18.20 ? 170 GLU A OE1 1 
ATOM   1160 O OE2 . GLU A 1 170 ? 2.321   -4.374  -23.629 1.00 19.88 ? 170 GLU A OE2 1 
ATOM   1161 N N   . LEU A 1 171 ? 6.069   -1.757  -18.564 1.00 14.54 ? 171 LEU A N   1 
ATOM   1162 C CA  . LEU A 1 171 ? 7.187   -1.498  -17.699 1.00 13.79 ? 171 LEU A CA  1 
ATOM   1163 C C   . LEU A 1 171 ? 6.683   -1.085  -16.322 1.00 12.16 ? 171 LEU A C   1 
ATOM   1164 O O   . LEU A 1 171 ? 7.051   -1.691  -15.333 1.00 12.55 ? 171 LEU A O   1 
ATOM   1165 C CB  . LEU A 1 171 ? 8.088   -0.406  -18.294 1.00 13.67 ? 171 LEU A CB  1 
ATOM   1166 C CG  . LEU A 1 171 ? 9.274   -0.053  -17.387 1.00 15.92 ? 171 LEU A CG  1 
ATOM   1167 C CD1 . LEU A 1 171 ? 10.059  -1.307  -17.014 1.00 15.87 ? 171 LEU A CD1 1 
ATOM   1168 C CD2 . LEU A 1 171 ? 10.219  1.025   -17.940 1.00 13.98 ? 171 LEU A CD2 1 
ATOM   1169 N N   . ALA A 1 172 ? 5.845   -0.051  -16.281 1.00 12.13 ? 172 ALA A N   1 
ATOM   1170 C CA  . ALA A 1 172 ? 5.158   0.410   -15.034 1.00 10.99 ? 172 ALA A CA  1 
ATOM   1171 C C   . ALA A 1 172 ? 4.597   -0.803  -14.337 1.00 9.62  ? 172 ALA A C   1 
ATOM   1172 O O   . ALA A 1 172 ? 4.875   -1.015  -13.177 1.00 10.83 ? 172 ALA A O   1 
ATOM   1173 C CB  . ALA A 1 172 ? 4.048   1.333   -15.358 1.00 8.98  ? 172 ALA A CB  1 
ATOM   1174 N N   . THR A 1 173 ? 3.814   -1.607  -15.063 1.00 11.08 ? 173 THR A N   1 
ATOM   1175 C CA  . THR A 1 173 ? 3.179   -2.812  -14.468 1.00 10.16 ? 173 THR A CA  1 
ATOM   1176 C C   . THR A 1 173 ? 4.162   -3.664  -13.686 1.00 10.05 ? 173 THR A C   1 
ATOM   1177 O O   . THR A 1 173 ? 3.931   -3.857  -12.498 1.00 10.10 ? 173 THR A O   1 
ATOM   1178 C CB  . THR A 1 173 ? 2.410   -3.676  -15.472 1.00 10.50 ? 173 THR A CB  1 
ATOM   1179 O OG1 . THR A 1 173 ? 1.427   -2.885  -16.117 1.00 11.82 ? 173 THR A OG1 1 
ATOM   1180 C CG2 . THR A 1 173 ? 1.685   -4.880  -14.737 1.00 8.25  ? 173 THR A CG2 1 
ATOM   1181 N N   . ALA A 1 174 ? 5.236   -4.156  -14.338 1.00 9.15  ? 174 ALA A N   1 
ATOM   1182 C CA  . ALA A 1 174 ? 6.257   -5.018  -13.708 1.00 10.02 ? 174 ALA A CA  1 
ATOM   1183 C C   . ALA A 1 174 ? 6.931   -4.336  -12.511 1.00 10.12 ? 174 ALA A C   1 
ATOM   1184 O O   . ALA A 1 174 ? 7.174   -4.945  -11.486 1.00 10.99 ? 174 ALA A O   1 
ATOM   1185 C CB  . ALA A 1 174 ? 7.369   -5.417  -14.790 1.00 9.60  ? 174 ALA A CB  1 
ATOM   1186 N N   . LEU A 1 175 ? 7.234   -3.049  -12.655 1.00 9.86  ? 175 LEU A N   1 
ATOM   1187 C CA  . LEU A 1 175 ? 7.852   -2.318  -11.582 1.00 9.17  ? 175 LEU A CA  1 
ATOM   1188 C C   . LEU A 1 175 ? 6.900   -2.203  -10.360 1.00 10.40 ? 175 LEU A C   1 
ATOM   1189 O O   . LEU A 1 175 ? 7.331   -2.230  -9.221  1.00 11.83 ? 175 LEU A O   1 
ATOM   1190 C CB  . LEU A 1 175 ? 8.376   -0.949  -12.118 1.00 7.52  ? 175 LEU A CB  1 
ATOM   1191 C CG  . LEU A 1 175 ? 9.640   -1.045  -13.032 1.00 7.62  ? 175 LEU A CG  1 
ATOM   1192 C CD1 . LEU A 1 175 ? 10.101  0.310   -13.563 1.00 10.69 ? 175 LEU A CD1 1 
ATOM   1193 C CD2 . LEU A 1 175 ? 10.850  -1.663  -12.306 1.00 4.99  ? 175 LEU A CD2 1 
ATOM   1194 N N   . ASN A 1 176 ? 5.620   -2.066  -10.596 1.00 9.91  ? 176 ASN A N   1 
ATOM   1195 C CA  . ASN A 1 176 ? 4.728   -1.868  -9.493  1.00 11.04 ? 176 ASN A CA  1 
ATOM   1196 C C   . ASN A 1 176 ? 4.535   -3.152  -8.741  1.00 12.00 ? 176 ASN A C   1 
ATOM   1197 O O   . ASN A 1 176 ? 4.373   -3.145  -7.508  1.00 11.98 ? 176 ASN A O   1 
ATOM   1198 C CB  . ASN A 1 176 ? 3.393   -1.328  -10.005 1.00 9.39  ? 176 ASN A CB  1 
ATOM   1199 C CG  . ASN A 1 176 ? 3.339   0.207   -9.962  1.00 10.58 ? 176 ASN A CG  1 
ATOM   1200 O OD1 . ASN A 1 176 ? 2.620   0.785   -9.134  1.00 8.21  ? 176 ASN A OD1 1 
ATOM   1201 N ND2 . ASN A 1 176 ? 4.096   0.864   -10.842 1.00 7.09  ? 176 ASN A ND2 1 
ATOM   1202 N N   . LEU A 1 177 ? 4.510   -4.245  -9.510  1.00 13.37 ? 177 LEU A N   1 
ATOM   1203 C CA  . LEU A 1 177 ? 4.292   -5.590  -8.952  1.00 14.79 ? 177 LEU A CA  1 
ATOM   1204 C C   . LEU A 1 177 ? 5.532   -6.022  -8.172  1.00 15.29 ? 177 LEU A C   1 
ATOM   1205 O O   . LEU A 1 177 ? 5.405   -6.637  -7.111  1.00 17.89 ? 177 LEU A O   1 
ATOM   1206 C CB  . LEU A 1 177 ? 3.931   -6.607  -10.069 1.00 14.46 ? 177 LEU A CB  1 
ATOM   1207 C CG  . LEU A 1 177 ? 2.514   -6.624  -10.693 1.00 13.66 ? 177 LEU A CG  1 
ATOM   1208 C CD1 . LEU A 1 177 ? 2.418   -7.735  -11.771 1.00 12.70 ? 177 LEU A CD1 1 
ATOM   1209 C CD2 . LEU A 1 177 ? 1.368   -6.799  -9.644  1.00 9.02  ? 177 LEU A CD2 1 
ATOM   1210 N N   . MET A 1 178 ? 6.717   -5.703  -8.712  1.00 14.25 ? 178 MET A N   1 
ATOM   1211 C CA  . MET A 1 178 ? 7.919   -5.861  -7.993  1.00 13.97 ? 178 MET A CA  1 
ATOM   1212 C C   . MET A 1 178 ? 7.836   -5.203  -6.639  1.00 14.01 ? 178 MET A C   1 
ATOM   1213 O O   . MET A 1 178 ? 8.097   -5.864  -5.686  1.00 13.43 ? 178 MET A O   1 
ATOM   1214 C CB  . MET A 1 178 ? 9.139   -5.334  -8.726  1.00 14.45 ? 178 MET A CB  1 
ATOM   1215 C CG  . MET A 1 178 ? 10.369  -5.372  -7.824  1.00 13.17 ? 178 MET A CG  1 
ATOM   1216 S SD  . MET A 1 178 ? 11.939  -4.897  -8.650  1.00 16.31 ? 178 MET A SD  1 
ATOM   1217 C CE  . MET A 1 178 ? 11.623  -3.129  -8.862  1.00 14.21 ? 178 MET A CE  1 
ATOM   1218 N N   . ASN A 1 179 ? 7.581   -3.886  -6.588  1.00 12.83 ? 179 ASN A N   1 
ATOM   1219 C CA  . ASN A 1 179 ? 7.489   -3.161  -5.333  1.00 13.41 ? 179 ASN A CA  1 
ATOM   1220 C C   . ASN A 1 179 ? 6.447   -3.757  -4.363  1.00 13.78 ? 179 ASN A C   1 
ATOM   1221 O O   . ASN A 1 179 ? 6.689   -3.880  -3.163  1.00 14.51 ? 179 ASN A O   1 
ATOM   1222 C CB  . ASN A 1 179 ? 7.113   -1.709  -5.632  1.00 11.70 ? 179 ASN A CB  1 
ATOM   1223 C CG  . ASN A 1 179 ? 8.277   -0.923  -6.183  1.00 14.36 ? 179 ASN A CG  1 
ATOM   1224 O OD1 . ASN A 1 179 ? 9.182   -1.497  -6.819  1.00 9.79  ? 179 ASN A OD1 1 
ATOM   1225 N ND2 . ASN A 1 179 ? 8.310   0.401   -5.896  1.00 12.27 ? 179 ASN A ND2 1 
ATOM   1226 N N   . GLU A 1 180 ? 5.262   -4.054  -4.865  1.00 14.15 ? 180 GLU A N   1 
ATOM   1227 C CA  . GLU A 1 180 ? 4.299   -4.760  -4.053  1.00 15.63 ? 180 GLU A CA  1 
ATOM   1228 C C   . GLU A 1 180 ? 4.971   -5.894  -3.282  1.00 16.43 ? 180 GLU A C   1 
ATOM   1229 O O   . GLU A 1 180 ? 5.048   -5.909  -2.024  1.00 17.36 ? 180 GLU A O   1 
ATOM   1230 C CB  . GLU A 1 180 ? 3.191   -5.341  -4.948  1.00 15.64 ? 180 GLU A CB  1 
ATOM   1231 C CG  . GLU A 1 180 ? 2.028   -5.803  -4.126  1.00 16.56 ? 180 GLU A CG  1 
ATOM   1232 C CD  . GLU A 1 180 ? 0.985   -6.535  -4.922  1.00 19.48 ? 180 GLU A CD  1 
ATOM   1233 O OE1 . GLU A 1 180 ? 0.300   -5.900  -5.728  1.00 21.35 ? 180 GLU A OE1 1 
ATOM   1234 O OE2 . GLU A 1 180 ? 0.837   -7.751  -4.728  1.00 18.11 ? 180 GLU A OE2 1 
ATOM   1235 N N   . ARG A 1 181 ? 5.510   -6.834  -4.047  1.00 16.17 ? 181 ARG A N   1 
ATOM   1236 C CA  . ARG A 1 181 ? 5.979   -8.072  -3.489  1.00 15.71 ? 181 ARG A CA  1 
ATOM   1237 C C   . ARG A 1 181 ? 7.226   -7.882  -2.672  1.00 15.57 ? 181 ARG A C   1 
ATOM   1238 O O   . ARG A 1 181 ? 7.432   -8.590  -1.710  1.00 16.05 ? 181 ARG A O   1 
ATOM   1239 C CB  . ARG A 1 181 ? 6.252   -9.050  -4.616  1.00 16.80 ? 181 ARG A CB  1 
ATOM   1240 C CG  . ARG A 1 181 ? 6.514   -10.468 -4.178  1.00 16.71 ? 181 ARG A CG  1 
ATOM   1241 C CD  . ARG A 1 181 ? 5.400   -11.186 -3.393  1.00 20.42 ? 181 ARG A CD  1 
ATOM   1242 N NE  . ARG A 1 181 ? 6.001   -12.443 -3.015  1.00 24.75 ? 181 ARG A NE  1 
ATOM   1243 C CZ  . ARG A 1 181 ? 6.308   -12.842 -1.773  1.00 29.33 ? 181 ARG A CZ  1 
ATOM   1244 N NH1 . ARG A 1 181 ? 5.915   -12.129 -0.716  1.00 30.27 ? 181 ARG A NH1 1 
ATOM   1245 N NH2 . ARG A 1 181 ? 6.961   -14.010 -1.595  1.00 27.68 ? 181 ARG A NH2 1 
ATOM   1246 N N   . THR A 1 182 ? 8.049   -6.897  -3.023  1.00 15.34 ? 182 THR A N   1 
ATOM   1247 C CA  . THR A 1 182 ? 9.333   -6.742  -2.386  1.00 14.95 ? 182 THR A CA  1 
ATOM   1248 C C   . THR A 1 182 ? 9.103   -5.962  -1.093  1.00 15.72 ? 182 THR A C   1 
ATOM   1249 O O   . THR A 1 182 ? 9.551   -6.387  -0.065  1.00 15.00 ? 182 THR A O   1 
ATOM   1250 C CB  . THR A 1 182 ? 10.393  -6.125  -3.383  1.00 15.70 ? 182 THR A CB  1 
ATOM   1251 O OG1 . THR A 1 182 ? 10.524  -7.007  -4.494  1.00 14.25 ? 182 THR A OG1 1 
ATOM   1252 C CG2 . THR A 1 182 ? 11.767  -5.944  -2.747  1.00 12.53 ? 182 THR A CG2 1 
ATOM   1253 N N   . LEU A 1 183 ? 8.309   -4.886  -1.118  1.00 16.87 ? 183 LEU A N   1 
ATOM   1254 C CA  . LEU A 1 183 ? 8.010   -4.168  0.126   1.00 16.49 ? 183 LEU A CA  1 
ATOM   1255 C C   . LEU A 1 183 ? 7.362   -5.082  1.135   1.00 17.10 ? 183 LEU A C   1 
ATOM   1256 O O   . LEU A 1 183 ? 7.721   -5.069  2.333   1.00 17.01 ? 183 LEU A O   1 
ATOM   1257 C CB  . LEU A 1 183 ? 7.112   -2.963  -0.121  1.00 17.26 ? 183 LEU A CB  1 
ATOM   1258 C CG  . LEU A 1 183 ? 7.911   -1.793  -0.741  1.00 14.58 ? 183 LEU A CG  1 
ATOM   1259 C CD1 . LEU A 1 183 ? 7.032   -0.768  -1.421  1.00 11.12 ? 183 LEU A CD1 1 
ATOM   1260 C CD2 . LEU A 1 183 ? 8.815   -1.155  0.290   1.00 15.32 ? 183 LEU A CD2 1 
ATOM   1261 N N   . PHE A 1 184 ? 6.427   -5.897  0.676   1.00 17.28 ? 184 PHE A N   1 
ATOM   1262 C CA  . PHE A 1 184 ? 5.634   -6.614  1.668   1.00 18.63 ? 184 PHE A CA  1 
ATOM   1263 C C   . PHE A 1 184 ? 6.403   -7.758  2.254   1.00 18.09 ? 184 PHE A C   1 
ATOM   1264 O O   . PHE A 1 184 ? 6.228   -8.047  3.420   1.00 18.06 ? 184 PHE A O   1 
ATOM   1265 C CB  . PHE A 1 184 ? 4.217   -7.002  1.195   1.00 18.97 ? 184 PHE A CB  1 
ATOM   1266 C CG  . PHE A 1 184 ? 3.398   -5.843  0.736   1.00 20.31 ? 184 PHE A CG  1 
ATOM   1267 C CD1 . PHE A 1 184 ? 3.713   -4.522  1.141   1.00 24.02 ? 184 PHE A CD1 1 
ATOM   1268 C CD2 . PHE A 1 184 ? 2.330   -6.035  -0.110  1.00 19.02 ? 184 PHE A CD2 1 
ATOM   1269 C CE1 . PHE A 1 184 ? 2.965   -3.420  0.684   1.00 22.51 ? 184 PHE A CE1 1 
ATOM   1270 C CE2 . PHE A 1 184 ? 1.542   -4.950  -0.536  1.00 23.62 ? 184 PHE A CE2 1 
ATOM   1271 C CZ  . PHE A 1 184 ? 1.865   -3.638  -0.148  1.00 22.44 ? 184 PHE A CZ  1 
ATOM   1272 N N   . ALA A 1 185 ? 7.313   -8.361  1.482   1.00 18.06 ? 185 ALA A N   1 
ATOM   1273 C CA  . ALA A 1 185 ? 8.076   -9.501  2.008   1.00 17.72 ? 185 ALA A CA  1 
ATOM   1274 C C   . ALA A 1 185 ? 8.996   -8.990  3.117   1.00 16.55 ? 185 ALA A C   1 
ATOM   1275 O O   . ALA A 1 185 ? 9.099   -9.610  4.186   1.00 17.01 ? 185 ALA A O   1 
ATOM   1276 C CB  . ALA A 1 185 ? 8.874   -10.230 0.871   1.00 18.15 ? 185 ALA A CB  1 
ATOM   1277 N N   . SER A 1 186 ? 9.641   -7.856  2.849   1.00 15.39 ? 186 SER A N   1 
ATOM   1278 C CA  . SER A 1 186 ? 10.427  -7.118  3.804   1.00 14.71 ? 186 SER A CA  1 
ATOM   1279 C C   . SER A 1 186 ? 9.620   -6.829  5.050   1.00 15.05 ? 186 SER A C   1 
ATOM   1280 O O   . SER A 1 186 ? 10.061  -7.171  6.130   1.00 15.03 ? 186 SER A O   1 
ATOM   1281 C CB  . SER A 1 186 ? 10.816  -5.733  3.236   1.00 16.30 ? 186 SER A CB  1 
ATOM   1282 O OG  . SER A 1 186 ? 11.930  -5.802  2.368   1.00 18.47 ? 186 SER A OG  1 
ATOM   1283 N N   . PHE A 1 187 ? 8.492   -6.117  4.956   1.00 14.60 ? 187 PHE A N   1 
ATOM   1284 C CA  . PHE A 1 187 ? 7.773   -5.791  6.195   1.00 15.30 ? 187 PHE A CA  1 
ATOM   1285 C C   . PHE A 1 187 ? 7.551   -7.062  6.981   1.00 16.13 ? 187 PHE A C   1 
ATOM   1286 O O   . PHE A 1 187 ? 7.837   -7.099  8.139   1.00 17.22 ? 187 PHE A O   1 
ATOM   1287 C CB  . PHE A 1 187 ? 6.427   -5.097  5.895   1.00 15.11 ? 187 PHE A CB  1 
ATOM   1288 C CG  . PHE A 1 187 ? 6.581   -3.794  5.155   1.00 13.73 ? 187 PHE A CG  1 
ATOM   1289 C CD1 . PHE A 1 187 ? 7.735   -3.009  5.320   1.00 14.58 ? 187 PHE A CD1 1 
ATOM   1290 C CD2 . PHE A 1 187 ? 5.617   -3.362  4.287   1.00 10.93 ? 187 PHE A CD2 1 
ATOM   1291 C CE1 . PHE A 1 187 ? 7.887   -1.788  4.641   1.00 9.33  ? 187 PHE A CE1 1 
ATOM   1292 C CE2 . PHE A 1 187 ? 5.769   -2.168  3.624   1.00 13.00 ? 187 PHE A CE2 1 
ATOM   1293 C CZ  . PHE A 1 187 ? 6.931   -1.380  3.801   1.00 10.64 ? 187 PHE A CZ  1 
ATOM   1294 N N   . ALA A 1 188 ? 7.117   -8.141  6.340   1.00 17.60 ? 188 ALA A N   1 
ATOM   1295 C CA  . ALA A 1 188 ? 6.927   -9.439  7.045   1.00 19.02 ? 188 ALA A CA  1 
ATOM   1296 C C   . ALA A 1 188 ? 8.196   -10.079 7.596   1.00 20.37 ? 188 ALA A C   1 
ATOM   1297 O O   . ALA A 1 188 ? 8.128   -11.031 8.377   1.00 19.81 ? 188 ALA A O   1 
ATOM   1298 C CB  . ALA A 1 188 ? 6.146   -10.445 6.146   1.00 18.14 ? 188 ALA A CB  1 
ATOM   1299 N N   . GLY A 1 189 ? 9.370   -9.555  7.215   1.00 21.83 ? 189 GLY A N   1 
ATOM   1300 C CA  . GLY A 1 189 ? 10.611  -10.330 7.354   1.00 22.78 ? 189 GLY A CA  1 
ATOM   1301 C C   . GLY A 1 189 ? 10.386  -11.769 6.836   1.00 23.75 ? 189 GLY A C   1 
ATOM   1302 O O   . GLY A 1 189 ? 10.759  -12.744 7.517   1.00 24.46 ? 189 GLY A O   1 
ATOM   1303 N N   . GLU A 1 190 ? 9.778   -11.919 5.649   1.00 23.54 ? 190 GLU A N   1 
ATOM   1304 C CA  . GLU A 1 190 ? 9.705   -13.233 4.957   1.00 23.97 ? 190 GLU A CA  1 
ATOM   1305 C C   . GLU A 1 190 ? 11.101  -13.735 4.628   1.00 23.79 ? 190 GLU A C   1 
ATOM   1306 O O   . GLU A 1 190 ? 12.032  -12.946 4.548   1.00 21.94 ? 190 GLU A O   1 
ATOM   1307 C CB  . GLU A 1 190 ? 8.924   -13.126 3.637   1.00 23.79 ? 190 GLU A CB  1 
ATOM   1308 C CG  . GLU A 1 190 ? 7.440   -13.107 3.779   1.00 25.91 ? 190 GLU A CG  1 
ATOM   1309 C CD  . GLU A 1 190 ? 6.701   -13.080 2.440   1.00 32.34 ? 190 GLU A CD  1 
ATOM   1310 O OE1 . GLU A 1 190 ? 7.374   -13.256 1.387   1.00 35.54 ? 190 GLU A OE1 1 
ATOM   1311 O OE2 . GLU A 1 190 ? 5.437   -12.878 2.446   1.00 35.67 ? 190 GLU A OE2 1 
ATOM   1312 N N   . GLN A 1 191 ? 11.252  -15.040 4.399   1.00 24.54 ? 191 GLN A N   1 
ATOM   1313 C CA  . GLN A 1 191 ? 12.510  -15.466 3.806   1.00 26.12 ? 191 GLN A CA  1 
ATOM   1314 C C   . GLN A 1 191 ? 12.389  -16.242 2.505   1.00 26.19 ? 191 GLN A C   1 
ATOM   1315 O O   . GLN A 1 191 ? 11.662  -17.254 2.410   1.00 26.32 ? 191 GLN A O   1 
ATOM   1316 C CB  . GLN A 1 191 ? 13.503  -16.067 4.817   1.00 27.15 ? 191 GLN A CB  1 
ATOM   1317 C CG  . GLN A 1 191 ? 13.418  -17.546 5.096   1.00 30.38 ? 191 GLN A CG  1 
ATOM   1318 C CD  . GLN A 1 191 ? 14.552  -17.973 6.037   1.00 36.74 ? 191 GLN A CD  1 
ATOM   1319 O OE1 . GLN A 1 191 ? 15.607  -17.309 6.091   1.00 40.68 ? 191 GLN A OE1 1 
ATOM   1320 N NE2 . GLN A 1 191 ? 14.340  -19.058 6.791   1.00 33.72 ? 191 GLN A NE2 1 
ATOM   1321 N N   . PRO A 1 192 ? 13.084  -15.748 1.474   1.00 25.71 ? 192 PRO A N   1 
ATOM   1322 C CA  . PRO A 1 192 ? 14.016  -14.615 1.487   1.00 24.56 ? 192 PRO A CA  1 
ATOM   1323 C C   . PRO A 1 192 ? 13.309  -13.249 1.468   1.00 23.70 ? 192 PRO A C   1 
ATOM   1324 O O   . PRO A 1 192 ? 12.154  -13.166 1.103   1.00 24.23 ? 192 PRO A O   1 
ATOM   1325 C CB  . PRO A 1 192 ? 14.809  -14.802 0.196   1.00 24.57 ? 192 PRO A CB  1 
ATOM   1326 C CG  . PRO A 1 192 ? 13.874  -15.489 -0.715  1.00 26.02 ? 192 PRO A CG  1 
ATOM   1327 C CD  . PRO A 1 192 ? 12.821  -16.241 0.107   1.00 25.85 ? 192 PRO A CD  1 
ATOM   1328 N N   . SER A 1 193 ? 13.991  -12.198 1.897   1.00 22.08 ? 193 SER A N   1 
ATOM   1329 C CA  . SER A 1 193 ? 13.522  -10.827 1.686   1.00 20.73 ? 193 SER A CA  1 
ATOM   1330 C C   . SER A 1 193 ? 14.733  -9.949  1.681   1.00 19.91 ? 193 SER A C   1 
ATOM   1331 O O   . SER A 1 193 ? 15.776  -10.346 2.173   1.00 21.71 ? 193 SER A O   1 
ATOM   1332 C CB  . SER A 1 193 ? 12.495  -10.362 2.752   1.00 20.18 ? 193 SER A CB  1 
ATOM   1333 O OG  . SER A 1 193 ? 12.927  -10.637 4.076   1.00 18.44 ? 193 SER A OG  1 
ATOM   1334 N N   . VAL A 1 194 ? 14.626  -8.776  1.086   1.00 19.04 ? 194 VAL A N   1 
ATOM   1335 C CA  . VAL A 1 194 ? 15.655  -7.753  1.229   1.00 18.14 ? 194 VAL A CA  1 
ATOM   1336 C C   . VAL A 1 194 ? 15.366  -7.179  2.619   1.00 18.27 ? 194 VAL A C   1 
ATOM   1337 O O   . VAL A 1 194 ? 14.199  -7.044  2.965   1.00 17.89 ? 194 VAL A O   1 
ATOM   1338 C CB  . VAL A 1 194 ? 15.473  -6.680  0.137   1.00 18.19 ? 194 VAL A CB  1 
ATOM   1339 C CG1 . VAL A 1 194 ? 16.387  -5.486  0.327   1.00 16.03 ? 194 VAL A CG1 1 
ATOM   1340 C CG2 . VAL A 1 194 ? 15.636  -7.306  -1.244  1.00 16.46 ? 194 VAL A CG2 1 
ATOM   1341 N N   . PRO A 1 195 ? 16.426  -6.898  3.431   1.00 18.12 ? 195 PRO A N   1 
ATOM   1342 C CA  . PRO A 1 195 ? 16.292  -6.168  4.712   1.00 17.03 ? 195 PRO A CA  1 
ATOM   1343 C C   . PRO A 1 195 ? 15.610  -4.814  4.543   1.00 17.55 ? 195 PRO A C   1 
ATOM   1344 O O   . PRO A 1 195 ? 15.938  -4.043  3.610   1.00 16.16 ? 195 PRO A O   1 
ATOM   1345 C CB  . PRO A 1 195 ? 17.725  -5.966  5.153   1.00 18.29 ? 195 PRO A CB  1 
ATOM   1346 C CG  . PRO A 1 195 ? 18.543  -7.088  4.373   1.00 18.31 ? 195 PRO A CG  1 
ATOM   1347 C CD  . PRO A 1 195 ? 17.835  -7.241  3.094   1.00 17.23 ? 195 PRO A CD  1 
ATOM   1348 N N   . GLU A 1 196 ? 14.659  -4.531  5.440   1.00 15.99 ? 196 GLU A N   1 
ATOM   1349 C CA  . GLU A 1 196 ? 13.897  -3.301  5.414   1.00 16.10 ? 196 GLU A CA  1 
ATOM   1350 C C   . GLU A 1 196 ? 14.783  -2.045  5.315   1.00 16.17 ? 196 GLU A C   1 
ATOM   1351 O O   . GLU A 1 196 ? 14.456  -1.087  4.662   1.00 16.65 ? 196 GLU A O   1 
ATOM   1352 C CB  . GLU A 1 196 ? 12.997  -3.221  6.651   1.00 15.52 ? 196 GLU A CB  1 
ATOM   1353 C CG  . GLU A 1 196 ? 11.806  -2.330  6.422   1.00 18.99 ? 196 GLU A CG  1 
ATOM   1354 C CD  . GLU A 1 196 ? 11.021  -2.037  7.701   1.00 24.16 ? 196 GLU A CD  1 
ATOM   1355 O OE1 . GLU A 1 196 ? 10.815  -2.960  8.506   1.00 23.32 ? 196 GLU A OE1 1 
ATOM   1356 O OE2 . GLU A 1 196 ? 10.610  -0.864  7.890   1.00 28.40 ? 196 GLU A OE2 1 
ATOM   1357 N N   . ALA A 1 197 ? 15.906  -2.051  5.991   1.00 15.99 ? 197 ALA A N   1 
ATOM   1358 C CA  . ALA A 1 197 ? 16.862  -0.981  5.855   1.00 15.52 ? 197 ALA A CA  1 
ATOM   1359 C C   . ALA A 1 197 ? 17.527  -1.024  4.462   1.00 15.63 ? 197 ALA A C   1 
ATOM   1360 O O   . ALA A 1 197 ? 18.208  -0.075  4.086   1.00 15.65 ? 197 ALA A O   1 
ATOM   1361 C CB  . ALA A 1 197 ? 17.912  -1.099  6.959   1.00 14.42 ? 197 ALA A CB  1 
ATOM   1362 N N   . ARG A 1 198 ? 17.313  -2.082  3.673   1.00 15.30 ? 198 ARG A N   1 
ATOM   1363 C CA  . ARG A 1 198 ? 17.979  -2.116  2.323   1.00 15.88 ? 198 ARG A CA  1 
ATOM   1364 C C   . ARG A 1 198 ? 17.054  -1.958  1.110   1.00 16.55 ? 198 ARG A C   1 
ATOM   1365 O O   . ARG A 1 198 ? 17.518  -1.570  0.010   1.00 17.35 ? 198 ARG A O   1 
ATOM   1366 C CB  . ARG A 1 198 ? 18.901  -3.313  2.165   1.00 14.43 ? 198 ARG A CB  1 
ATOM   1367 C CG  . ARG A 1 198 ? 20.100  -3.236  3.072   1.00 16.85 ? 198 ARG A CG  1 
ATOM   1368 C CD  . ARG A 1 198 ? 21.082  -2.144  2.661   1.00 18.95 ? 198 ARG A CD  1 
ATOM   1369 N NE  . ARG A 1 198 ? 21.393  -2.247  1.246   1.00 24.14 ? 198 ARG A NE  1 
ATOM   1370 C CZ  . ARG A 1 198 ? 21.760  -1.217  0.486   1.00 27.28 ? 198 ARG A CZ  1 
ATOM   1371 N NH1 . ARG A 1 198 ? 21.842  0.008   1.007   1.00 24.01 ? 198 ARG A NH1 1 
ATOM   1372 N NH2 . ARG A 1 198 ? 22.019  -1.409  -0.800  1.00 27.05 ? 198 ARG A NH2 1 
ATOM   1373 N N   . VAL A 1 199 ? 15.755  -2.161  1.346   1.00 16.03 ? 199 VAL A N   1 
ATOM   1374 C CA  . VAL A 1 199 ? 14.779  -2.323  0.288   1.00 16.37 ? 199 VAL A CA  1 
ATOM   1375 C C   . VAL A 1 199 ? 14.627  -1.077  -0.617  1.00 17.34 ? 199 VAL A C   1 
ATOM   1376 O O   . VAL A 1 199 ? 14.626  -1.183  -1.870  1.00 17.42 ? 199 VAL A O   1 
ATOM   1377 C CB  . VAL A 1 199 ? 13.445  -2.885  0.809   1.00 14.80 ? 199 VAL A CB  1 
ATOM   1378 C CG1 . VAL A 1 199 ? 12.705  -1.913  1.733   1.00 15.28 ? 199 VAL A CG1 1 
ATOM   1379 C CG2 . VAL A 1 199 ? 12.590  -3.262  -0.348  1.00 15.31 ? 199 VAL A CG2 1 
ATOM   1380 N N   . LEU A 1 200 ? 14.618  0.092   0.022   1.00 17.61 ? 200 LEU A N   1 
ATOM   1381 C CA  . LEU A 1 200 ? 14.377  1.352   -0.683  1.00 17.46 ? 200 LEU A CA  1 
ATOM   1382 C C   . LEU A 1 200 ? 15.412  1.605   -1.768  1.00 16.83 ? 200 LEU A C   1 
ATOM   1383 O O   . LEU A 1 200 ? 15.067  1.700   -2.951  1.00 17.78 ? 200 LEU A O   1 
ATOM   1384 C CB  . LEU A 1 200 ? 14.229  2.516   0.304   1.00 17.33 ? 200 LEU A CB  1 
ATOM   1385 C CG  . LEU A 1 200 ? 13.871  3.914   -0.230  1.00 19.10 ? 200 LEU A CG  1 
ATOM   1386 C CD1 . LEU A 1 200 ? 12.568  3.938   -1.052  1.00 18.59 ? 200 LEU A CD1 1 
ATOM   1387 C CD2 . LEU A 1 200 ? 13.804  4.969   0.905   1.00 17.52 ? 200 LEU A CD2 1 
ATOM   1388 N N   . ASP A 1 201 ? 16.667  1.704   -1.382  1.00 17.02 ? 201 ASP A N   1 
ATOM   1389 C CA  . ASP A 1 201 ? 17.759  1.778   -2.365  1.00 17.19 ? 201 ASP A CA  1 
ATOM   1390 C C   . ASP A 1 201 ? 17.784  0.664   -3.380  1.00 16.90 ? 201 ASP A C   1 
ATOM   1391 O O   . ASP A 1 201 ? 18.262  0.869   -4.507  1.00 16.54 ? 201 ASP A O   1 
ATOM   1392 C CB  . ASP A 1 201 ? 19.112  1.830   -1.644  1.00 18.14 ? 201 ASP A CB  1 
ATOM   1393 C CG  . ASP A 1 201 ? 19.295  3.147   -0.842  1.00 21.88 ? 201 ASP A CG  1 
ATOM   1394 O OD1 . ASP A 1 201 ? 18.559  4.148   -1.108  1.00 20.87 ? 201 ASP A OD1 1 
ATOM   1395 O OD2 . ASP A 1 201 ? 20.134  3.142   0.071   1.00 24.52 ? 201 ASP A OD2 1 
ATOM   1396 N N   . THR A 1 202 ? 17.288  -0.517  -2.976  1.00 15.87 ? 202 THR A N   1 
ATOM   1397 C CA  . THR A 1 202 ? 17.285  -1.668  -3.840  1.00 16.15 ? 202 THR A CA  1 
ATOM   1398 C C   . THR A 1 202 ? 16.260  -1.427  -4.933  1.00 15.98 ? 202 THR A C   1 
ATOM   1399 O O   . THR A 1 202 ? 16.565  -1.567  -6.133  1.00 16.28 ? 202 THR A O   1 
ATOM   1400 C CB  . THR A 1 202 ? 16.893  -2.997  -3.063  1.00 17.18 ? 202 THR A CB  1 
ATOM   1401 O OG1 . THR A 1 202 ? 17.854  -3.310  -2.037  1.00 16.85 ? 202 THR A OG1 1 
ATOM   1402 C CG2 . THR A 1 202 ? 16.776  -4.172  -4.029  1.00 16.78 ? 202 THR A CG2 1 
ATOM   1403 N N   . LEU A 1 203 ? 15.034  -1.057  -4.518  1.00 15.19 ? 203 LEU A N   1 
ATOM   1404 C CA  . LEU A 1 203 ? 13.951  -0.762  -5.472  1.00 13.56 ? 203 LEU A CA  1 
ATOM   1405 C C   . LEU A 1 203 ? 14.310  0.457   -6.339  1.00 12.60 ? 203 LEU A C   1 
ATOM   1406 O O   . LEU A 1 203 ? 14.044  0.434   -7.526  1.00 14.98 ? 203 LEU A O   1 
ATOM   1407 C CB  . LEU A 1 203 ? 12.584  -0.597  -4.737  1.00 13.21 ? 203 LEU A CB  1 
ATOM   1408 C CG  . LEU A 1 203 ? 12.111  -1.892  -4.066  1.00 13.43 ? 203 LEU A CG  1 
ATOM   1409 C CD1 . LEU A 1 203 ? 10.800  -1.786  -3.221  1.00 11.44 ? 203 LEU A CD1 1 
ATOM   1410 C CD2 . LEU A 1 203 ? 11.978  -3.014  -5.137  1.00 7.79  ? 203 LEU A CD2 1 
ATOM   1411 N N   . VAL A 1 204 ? 14.966  1.492   -5.811  1.00 11.55 ? 204 VAL A N   1 
ATOM   1412 C CA  . VAL A 1 204 ? 15.194  2.671   -6.634  1.00 9.85  ? 204 VAL A CA  1 
ATOM   1413 C C   . VAL A 1 204 ? 16.239  2.329   -7.703  1.00 11.57 ? 204 VAL A C   1 
ATOM   1414 O O   . VAL A 1 204 ? 16.127  2.736   -8.852  1.00 12.86 ? 204 VAL A O   1 
ATOM   1415 C CB  . VAL A 1 204 ? 15.716  3.835   -5.806  1.00 11.05 ? 204 VAL A CB  1 
ATOM   1416 C CG1 . VAL A 1 204 ? 16.315  4.918   -6.702  1.00 8.96  ? 204 VAL A CG1 1 
ATOM   1417 C CG2 . VAL A 1 204 ? 14.633  4.383   -4.881  1.00 9.95  ? 204 VAL A CG2 1 
ATOM   1418 N N   . HIS A 1 205 ? 17.231  1.525   -7.368  1.00 12.16 ? 205 HIS A N   1 
ATOM   1419 C CA  . HIS A 1 205 ? 18.233  1.248   -8.383  1.00 12.65 ? 205 HIS A CA  1 
ATOM   1420 C C   . HIS A 1 205 ? 17.596  0.584   -9.613  1.00 12.48 ? 205 HIS A C   1 
ATOM   1421 O O   . HIS A 1 205 ? 17.899  0.929   -10.734 1.00 12.84 ? 205 HIS A O   1 
ATOM   1422 C CB  . HIS A 1 205 ? 19.315  0.354   -7.819  1.00 12.43 ? 205 HIS A CB  1 
ATOM   1423 C CG  . HIS A 1 205 ? 20.247  -0.194  -8.862  1.00 14.01 ? 205 HIS A CG  1 
ATOM   1424 N ND1 . HIS A 1 205 ? 20.071  -1.430  -9.451  1.00 15.22 ? 205 HIS A ND1 1 
ATOM   1425 C CD2 . HIS A 1 205 ? 21.376  0.326   -9.412  1.00 13.87 ? 205 HIS A CD2 1 
ATOM   1426 C CE1 . HIS A 1 205 ? 21.040  -1.644  -10.329 1.00 13.65 ? 205 HIS A CE1 1 
ATOM   1427 N NE2 . HIS A 1 205 ? 21.858  -0.599  -10.307 1.00 10.86 ? 205 HIS A NE2 1 
ATOM   1428 N N   . ILE A 1 206 ? 16.731  -0.409  -9.388  1.00 12.37 ? 206 ILE A N   1 
ATOM   1429 C CA  . ILE A 1 206 ? 16.104  -1.140  -10.469 1.00 10.82 ? 206 ILE A CA  1 
ATOM   1430 C C   . ILE A 1 206 ? 15.110  -0.268  -11.228 1.00 11.36 ? 206 ILE A C   1 
ATOM   1431 O O   . ILE A 1 206 ? 15.135  -0.261  -12.411 1.00 10.14 ? 206 ILE A O   1 
ATOM   1432 C CB  . ILE A 1 206 ? 15.400  -2.446  -9.929  1.00 11.49 ? 206 ILE A CB  1 
ATOM   1433 C CG1 . ILE A 1 206 ? 16.410  -3.357  -9.246  1.00 10.58 ? 206 ILE A CG1 1 
ATOM   1434 C CG2 . ILE A 1 206 ? 14.745  -3.179  -11.030 1.00 8.03  ? 206 ILE A CG2 1 
ATOM   1435 C CD1 . ILE A 1 206 ? 15.761  -4.370  -8.231  1.00 6.64  ? 206 ILE A CD1 1 
ATOM   1436 N N   . TRP A 1 207 ? 14.217  0.489   -10.563 1.00 12.64 ? 207 TRP A N   1 
ATOM   1437 C CA  . TRP A 1 207 ? 13.425  1.494   -11.345 1.00 12.21 ? 207 TRP A CA  1 
ATOM   1438 C C   . TRP A 1 207 ? 14.299  2.369   -12.253 1.00 13.86 ? 207 TRP A C   1 
ATOM   1439 O O   . TRP A 1 207 ? 14.067  2.445   -13.489 1.00 13.69 ? 207 TRP A O   1 
ATOM   1440 C CB  . TRP A 1 207 ? 12.577  2.399   -10.449 1.00 12.37 ? 207 TRP A CB  1 
ATOM   1441 C CG  . TRP A 1 207 ? 11.413  1.688   -9.803  1.00 9.70  ? 207 TRP A CG  1 
ATOM   1442 C CD1 . TRP A 1 207 ? 11.460  0.524   -9.074  1.00 11.54 ? 207 TRP A CD1 1 
ATOM   1443 C CD2 . TRP A 1 207 ? 10.030  2.063   -9.869  1.00 11.66 ? 207 TRP A CD2 1 
ATOM   1444 N NE1 . TRP A 1 207 ? 10.195  0.157   -8.661  1.00 11.91 ? 207 TRP A NE1 1 
ATOM   1445 C CE2 . TRP A 1 207 ? 9.293   1.071   -9.162  1.00 14.91 ? 207 TRP A CE2 1 
ATOM   1446 C CE3 . TRP A 1 207 ? 9.335   3.123   -10.475 1.00 10.39 ? 207 TRP A CE3 1 
ATOM   1447 C CZ2 . TRP A 1 207 ? 7.873   1.138   -9.029  1.00 17.16 ? 207 TRP A CZ2 1 
ATOM   1448 C CZ3 . TRP A 1 207 ? 7.962   3.202   -10.321 1.00 12.11 ? 207 TRP A CZ3 1 
ATOM   1449 C CH2 . TRP A 1 207 ? 7.241   2.228   -9.598  1.00 15.06 ? 207 TRP A CH2 1 
ATOM   1450 N N   . VAL A 1 208 ? 15.275  3.045   -11.660 1.00 14.23 ? 208 VAL A N   1 
ATOM   1451 C CA  . VAL A 1 208 ? 16.110  4.004   -12.425 1.00 15.57 ? 208 VAL A CA  1 
ATOM   1452 C C   . VAL A 1 208 ? 16.930  3.377   -13.560 1.00 16.66 ? 208 VAL A C   1 
ATOM   1453 O O   . VAL A 1 208 ? 16.856  3.876   -14.664 1.00 16.86 ? 208 VAL A O   1 
ATOM   1454 C CB  . VAL A 1 208 ? 17.041  4.825   -11.522 1.00 15.77 ? 208 VAL A CB  1 
ATOM   1455 C CG1 . VAL A 1 208 ? 18.000  5.688   -12.371 1.00 15.12 ? 208 VAL A CG1 1 
ATOM   1456 C CG2 . VAL A 1 208 ? 16.206  5.709   -10.517 1.00 14.45 ? 208 VAL A CG2 1 
ATOM   1457 N N   . THR A 1 209 ? 17.667  2.285   -13.321 1.00 17.12 ? 209 THR A N   1 
ATOM   1458 C CA  . THR A 1 209 ? 18.423  1.679   -14.419 1.00 18.32 ? 209 THR A CA  1 
ATOM   1459 C C   . THR A 1 209 ? 17.539  1.211   -15.566 1.00 19.12 ? 209 THR A C   1 
ATOM   1460 O O   . THR A 1 209 ? 17.957  1.227   -16.735 1.00 20.10 ? 209 THR A O   1 
ATOM   1461 C CB  . THR A 1 209 ? 19.286  0.490   -13.971 1.00 19.73 ? 209 THR A CB  1 
ATOM   1462 O OG1 . THR A 1 209 ? 18.440  -0.573  -13.466 1.00 20.59 ? 209 THR A OG1 1 
ATOM   1463 C CG2 . THR A 1 209 ? 20.288  0.935   -12.929 1.00 18.02 ? 209 THR A CG2 1 
ATOM   1464 N N   . SER A 1 210 ? 16.315  0.787   -15.243 1.00 19.45 ? 210 SER A N   1 
ATOM   1465 C CA  . SER A 1 210 ? 15.483  0.101   -16.209 1.00 18.88 ? 210 SER A CA  1 
ATOM   1466 C C   . SER A 1 210 ? 14.627  1.074   -16.977 1.00 19.80 ? 210 SER A C   1 
ATOM   1467 O O   . SER A 1 210 ? 14.149  0.774   -18.092 1.00 19.77 ? 210 SER A O   1 
ATOM   1468 C CB  . SER A 1 210 ? 14.631  -0.987  -15.532 1.00 19.05 ? 210 SER A CB  1 
ATOM   1469 O OG  . SER A 1 210 ? 13.366  -0.498  -15.100 1.00 18.06 ? 210 SER A OG  1 
ATOM   1470 N N   . ILE A 1 211 ? 14.440  2.245   -16.383 1.00 19.62 ? 211 ILE A N   1 
ATOM   1471 C CA  . ILE A 1 211 ? 13.780  3.348   -17.063 1.00 19.53 ? 211 ILE A CA  1 
ATOM   1472 C C   . ILE A 1 211 ? 14.755  4.183   -17.939 1.00 19.85 ? 211 ILE A C   1 
ATOM   1473 O O   . ILE A 1 211 ? 14.390  4.647   -19.025 1.00 19.44 ? 211 ILE A O   1 
ATOM   1474 C CB  . ILE A 1 211 ? 12.994  4.271   -16.030 1.00 19.25 ? 211 ILE A CB  1 
ATOM   1475 C CG1 . ILE A 1 211 ? 11.785  3.515   -15.417 1.00 18.29 ? 211 ILE A CG1 1 
ATOM   1476 C CG2 . ILE A 1 211 ? 12.591  5.605   -16.679 1.00 19.50 ? 211 ILE A CG2 1 
ATOM   1477 C CD1 . ILE A 1 211 ? 11.130  4.194   -14.176 1.00 14.56 ? 211 ILE A CD1 1 
ATOM   1478 N N   . TYR A 1 212 ? 15.966  4.421   -17.465 1.00 19.03 ? 212 TYR A N   1 
ATOM   1479 C CA  . TYR A 1 212 ? 16.854  5.276   -18.246 1.00 20.04 ? 212 TYR A CA  1 
ATOM   1480 C C   . TYR A 1 212 ? 17.857  4.482   -19.078 1.00 21.22 ? 212 TYR A C   1 
ATOM   1481 O O   . TYR A 1 212 ? 18.611  5.070   -19.841 1.00 20.58 ? 212 TYR A O   1 
ATOM   1482 C CB  . TYR A 1 212 ? 17.533  6.334   -17.368 1.00 19.06 ? 212 TYR A CB  1 
ATOM   1483 C CG  . TYR A 1 212 ? 16.486  7.216   -16.698 1.00 18.49 ? 212 TYR A CG  1 
ATOM   1484 C CD1 . TYR A 1 212 ? 15.901  8.278   -17.379 1.00 20.15 ? 212 TYR A CD1 1 
ATOM   1485 C CD2 . TYR A 1 212 ? 16.049  6.942   -15.404 1.00 13.48 ? 212 TYR A CD2 1 
ATOM   1486 C CE1 . TYR A 1 212 ? 14.888  9.063   -16.760 1.00 20.85 ? 212 TYR A CE1 1 
ATOM   1487 C CE2 . TYR A 1 212 ? 15.068  7.688   -14.791 1.00 16.92 ? 212 TYR A CE2 1 
ATOM   1488 C CZ  . TYR A 1 212 ? 14.488  8.753   -15.459 1.00 20.94 ? 212 TYR A CZ  1 
ATOM   1489 O OH  . TYR A 1 212 ? 13.500  9.499   -14.796 1.00 22.86 ? 212 TYR A OH  1 
ATOM   1490 N N   . GLY A 1 213 ? 17.830  3.156   -18.944 1.00 21.92 ? 213 GLY A N   1 
ATOM   1491 C CA  . GLY A 1 213 ? 18.860  2.322   -19.554 1.00 25.37 ? 213 GLY A CA  1 
ATOM   1492 C C   . GLY A 1 213 ? 18.465  1.790   -20.909 1.00 26.63 ? 213 GLY A C   1 
ATOM   1493 O O   . GLY A 1 213 ? 17.286  1.624   -21.173 1.00 26.48 ? 213 GLY A O   1 
ATOM   1494 N N   . GLU A 1 214 ? 19.466  1.480   -21.744 1.00 29.44 ? 214 GLU A N   1 
ATOM   1495 C CA  . GLU A 1 214 ? 19.252  0.839   -23.077 1.00 30.68 ? 214 GLU A CA  1 
ATOM   1496 C CB  . GLU A 1 214 ? 19.716  1.800   -24.170 1.00 31.15 ? 214 GLU A CB  1 
ATOM   1497 C CG  . GLU A 1 214 ? 20.735  2.795   -23.626 1.00 35.31 ? 214 GLU A CG  1 
ATOM   1498 C CD  . GLU A 1 214 ? 20.629  4.203   -24.236 1.00 41.74 ? 214 GLU A CD  1 
ATOM   1499 O OE1 . GLU A 1 214 ? 21.598  4.634   -24.917 1.00 45.12 ? 214 GLU A OE1 1 
ATOM   1500 O OE2 . GLU A 1 214 ? 19.604  4.894   -24.028 1.00 42.77 ? 214 GLU A OE2 1 
HETATM 1501 F F3  . 2B3 B 2 .   ? 2.141   -2.320  -3.818  1.00 29.24 ? 301 2B3 A F3  1 
HETATM 1502 C C17 . 2B3 B 2 .   ? 2.620   -1.136  -3.499  1.00 26.14 ? 301 2B3 A C17 1 
HETATM 1503 F F1  . 2B3 B 2 .   ? 1.936   -0.680  -2.514  1.00 26.20 ? 301 2B3 A F1  1 
HETATM 1504 F F2  . 2B3 B 2 .   ? 3.865   -1.308  -3.121  1.00 29.51 ? 301 2B3 A F2  1 
HETATM 1505 C C16 . 2B3 B 2 .   ? 2.547   -0.100  -4.589  1.00 23.58 ? 301 2B3 A C16 1 
HETATM 1506 C C15 . 2B3 B 2 .   ? 3.731   -0.378  -5.494  1.00 21.78 ? 301 2B3 A C15 1 
HETATM 1507 N N3  . 2B3 B 2 .   ? 4.052   0.756   -6.318  1.00 19.46 ? 301 2B3 A N3  1 
HETATM 1508 C C14 . 2B3 B 2 .   ? 5.081   1.515   -6.004  1.00 17.74 ? 301 2B3 A C14 1 
HETATM 1509 O O3  . 2B3 B 2 .   ? 5.892   1.123   -5.178  1.00 14.47 ? 301 2B3 A O3  1 
HETATM 1510 C C11 . 2B3 B 2 .   ? 5.240   2.825   -6.721  1.00 16.08 ? 301 2B3 A C11 1 
HETATM 1511 C C10 . 2B3 B 2 .   ? 4.288   3.249   -7.636  1.00 19.78 ? 301 2B3 A C10 1 
HETATM 1512 C C9  . 2B3 B 2 .   ? 4.426   4.477   -8.339  1.00 20.23 ? 301 2B3 A C9  1 
HETATM 1513 C C12 . 2B3 B 2 .   ? 6.312   3.634   -6.491  1.00 14.87 ? 301 2B3 A C12 1 
HETATM 1514 C C13 . 2B3 B 2 .   ? 6.442   4.845   -7.168  1.00 16.12 ? 301 2B3 A C13 1 
HETATM 1515 C C8  . 2B3 B 2 .   ? 5.516   5.294   -8.115  1.00 17.74 ? 301 2B3 A C8  1 
HETATM 1516 C C6  . 2B3 B 2 .   ? 5.704   6.530   -8.782  1.00 21.99 ? 301 2B3 A C6  1 
HETATM 1517 N N2  . 2B3 B 2 .   ? 6.820   7.326   -8.534  1.00 24.79 ? 301 2B3 A N2  1 
HETATM 1518 C C7  . 2B3 B 2 .   ? 4.867   7.099   -9.764  1.00 24.70 ? 301 2B3 A C7  1 
HETATM 1519 S S2  . 2B3 B 2 .   ? 5.584   8.563   -10.230 1.00 28.92 ? 301 2B3 A S2  1 
HETATM 1520 C C5  . 2B3 B 2 .   ? 6.920   8.484   -9.202  1.00 29.57 ? 301 2B3 A C5  1 
HETATM 1521 C C4  . 2B3 B 2 .   ? 7.998   9.560   -9.133  1.00 38.40 ? 301 2B3 A C4  1 
HETATM 1522 N N1  . 2B3 B 2 .   ? 7.620   10.878  -9.637  1.00 51.64 ? 301 2B3 A N1  1 
HETATM 1523 S S1  . 2B3 B 2 .   ? 6.835   12.020  -8.780  1.00 59.48 ? 301 2B3 A S1  1 
HETATM 1524 O O1  . 2B3 B 2 .   ? 5.583   12.313  -9.455  1.00 59.06 ? 301 2B3 A O1  1 
HETATM 1525 O O2  . 2B3 B 2 .   ? 6.546   11.543  -7.450  1.00 58.81 ? 301 2B3 A O2  1 
HETATM 1526 C C3  . 2B3 B 2 .   ? 7.759   13.433  -8.628  1.00 60.27 ? 301 2B3 A C3  1 
HETATM 1527 C C2  . 2B3 B 2 .   ? 7.711   14.368  -9.857  1.00 61.85 ? 301 2B3 A C2  1 
HETATM 1528 C C1  . 2B3 B 2 .   ? 6.643   15.449  -9.773  1.00 61.49 ? 301 2B3 A C1  1 
HETATM 1529 O O   . HOH C 3 .   ? -16.300 -13.286 15.963  1.00 27.50 ? 401 HOH A O   1 
HETATM 1530 O O   . HOH C 3 .   ? 17.656  1.376   1.231   1.00 15.34 ? 402 HOH A O   1 
HETATM 1531 O O   . HOH C 3 .   ? 15.643  0.852   2.748   1.00 21.59 ? 403 HOH A O   1 
HETATM 1532 O O   . HOH C 3 .   ? 16.515  -3.727  8.200   1.00 15.27 ? 404 HOH A O   1 
HETATM 1533 O O   . HOH C 3 .   ? 19.619  3.073   -4.862  1.00 14.67 ? 405 HOH A O   1 
# 
